data_7DSV
#
_entry.id   7DSV
#
_cell.length_a   1.00
_cell.length_b   1.00
_cell.length_c   1.00
_cell.angle_alpha   90.00
_cell.angle_beta   90.00
_cell.angle_gamma   90.00
#
_symmetry.space_group_name_H-M   'P 1'
#
loop_
_entity.id
_entity.type
_entity.pdbx_description
1 polymer 'Sodium/hydrogen exchanger 1'
2 polymer 'Calcineurin B homologous protein 1'
3 non-polymer 1-palmitoyl-2-oleoyl-sn-glycero-3-phosphocholine
#
loop_
_entity_poly.entity_id
_entity_poly.type
_entity_poly.pdbx_seq_one_letter_code
_entity_poly.pdbx_strand_id
1 'polypeptide(L)'
;KAFPVLGIDYTHVRTPFEISLWILLACLMKIGFHVIPTISSIVPESCLLIVVGLLVGGLIKGVGETPPFLQSDVFFLFLL
PPIILDAGYFLPLRQFTENLGTILIFAVVGTLWNAFFLGGLMYAVCLVGGEQINNIGLLDNLLFGSIISAVDPVAVLAVF
EEIHINELLHILVFGESLLNDAVTVVLYHLFEEFANYEHVGIVDIFLGFLSFFVVALGGVLVGVVYGVIAAFTSRFTSHI
RVIEPLFVFLYSYMAYLSAELFHLSGIMALIASGVVMRPYVEANISHKSHTTIKYFLKMWSSVSETLIFIFLGVSTVAGS
HHWNWTFVISTLLFCLIARVLGVLGLTWFINKFRIVKLTPKDQFIIAYGGLRGAIAFSLGYLLDKKHFPMCDLFLTAIIT
VIFFTVFVQGMTIRPLVDLLAVKKKQETKRSINEEIHTQFLDHLLTGIEDICGHYGHHHWKDKLNRFNKKYV
;
A,B
2 'polypeptide(L)'
;DEELEEIKKETGFSHSQITRLYSRFTSLDKGENGTLSREDFQRIPELAINPLGDRIINAFFPEGEDQVNFRGFMRTLAHF
RPIEDNEKSKDVNGPEPLNSRSNKLHFAFRLYDLDKDEKISRDELLQVLRMMVGVNISDEQLGSIADRTIQEADQDGDSA
ASFTEFVKVLEKVDVEQKMSIRFLH
;
D,C
#
# COMPACT_ATOMS: atom_id res chain seq x y z
N LYS A 1 33.22 -11.32 29.81
CA LYS A 1 32.57 -11.12 28.52
C LYS A 1 33.00 -9.80 27.90
N ALA A 2 34.11 -9.82 27.17
CA ALA A 2 34.61 -8.62 26.53
C ALA A 2 33.63 -8.14 25.47
N PHE A 3 33.67 -6.83 25.21
CA PHE A 3 32.69 -6.17 24.34
C PHE A 3 31.29 -6.53 24.81
N PRO A 4 30.82 -5.90 25.89
CA PRO A 4 29.60 -6.34 26.57
C PRO A 4 28.42 -6.71 25.67
N VAL A 5 27.95 -5.76 24.85
CA VAL A 5 26.65 -5.95 24.20
C VAL A 5 26.72 -7.07 23.17
N LEU A 6 27.85 -7.18 22.46
CA LEU A 6 27.95 -8.09 21.34
C LEU A 6 27.67 -9.53 21.75
N GLY A 7 26.91 -10.23 20.91
CA GLY A 7 26.55 -11.61 21.14
C GLY A 7 26.09 -12.21 19.84
N ILE A 8 25.65 -13.47 19.91
CA ILE A 8 25.16 -14.13 18.71
C ILE A 8 23.79 -14.75 18.99
N ASP A 9 23.04 -14.14 19.90
CA ASP A 9 21.75 -14.69 20.31
C ASP A 9 20.79 -14.79 19.12
N TYR A 10 20.53 -16.02 18.68
CA TYR A 10 19.68 -16.29 17.53
C TYR A 10 18.29 -16.76 17.90
N THR A 11 18.10 -17.30 19.10
CA THR A 11 16.77 -17.69 19.54
C THR A 11 15.84 -16.48 19.60
N HIS A 12 16.40 -15.30 19.89
CA HIS A 12 15.60 -14.08 19.93
C HIS A 12 14.93 -13.81 18.58
N VAL A 13 15.68 -13.97 17.50
CA VAL A 13 15.15 -13.75 16.15
C VAL A 13 15.27 -15.08 15.41
N ARG A 14 14.26 -15.94 15.56
CA ARG A 14 14.14 -17.13 14.74
C ARG A 14 12.85 -17.11 13.95
N THR A 15 11.70 -16.99 14.61
CA THR A 15 10.44 -16.93 13.89
C THR A 15 10.37 -15.73 12.94
N PRO A 16 10.63 -14.49 13.38
CA PRO A 16 10.55 -13.39 12.41
C PRO A 16 11.61 -13.48 11.34
N PHE A 17 12.84 -13.82 11.69
CA PHE A 17 13.91 -13.87 10.71
C PHE A 17 13.68 -15.00 9.71
N GLU A 18 13.25 -16.17 10.17
CA GLU A 18 13.05 -17.26 9.22
C GLU A 18 11.80 -17.06 8.38
N ILE A 19 10.74 -16.47 8.94
CA ILE A 19 9.58 -16.16 8.12
C ILE A 19 9.94 -15.12 7.06
N SER A 20 10.76 -14.14 7.44
CA SER A 20 11.25 -13.18 6.44
C SER A 20 12.09 -13.87 5.38
N LEU A 21 12.92 -14.82 5.78
CA LEU A 21 13.71 -15.58 4.81
C LEU A 21 12.80 -16.34 3.85
N TRP A 22 11.74 -16.96 4.37
CA TRP A 22 10.82 -17.71 3.51
C TRP A 22 10.12 -16.79 2.53
N ILE A 23 9.59 -15.67 3.02
CA ILE A 23 8.90 -14.74 2.12
C ILE A 23 9.87 -14.18 1.10
N LEU A 24 11.12 -13.94 1.50
CA LEU A 24 12.12 -13.48 0.56
C LEU A 24 12.42 -14.52 -0.51
N LEU A 25 12.54 -15.79 -0.11
CA LEU A 25 12.77 -16.85 -1.08
C LEU A 25 11.60 -16.98 -2.05
N ALA A 26 10.38 -16.93 -1.54
CA ALA A 26 9.22 -17.03 -2.40
C ALA A 26 9.15 -15.86 -3.37
N CYS A 27 9.43 -14.64 -2.88
CA CYS A 27 9.42 -13.47 -3.75
C CYS A 27 10.52 -13.54 -4.79
N LEU A 28 11.70 -14.03 -4.41
CA LEU A 28 12.79 -14.16 -5.37
C LEU A 28 12.47 -15.20 -6.43
N MET A 29 11.77 -16.27 -6.07
CA MET A 29 11.33 -17.21 -7.10
C MET A 29 10.22 -16.63 -7.95
N LYS A 30 9.35 -15.78 -7.40
CA LYS A 30 8.37 -15.10 -8.24
C LYS A 30 9.04 -14.20 -9.27
N ILE A 31 10.06 -13.45 -8.86
CA ILE A 31 10.81 -12.65 -9.82
C ILE A 31 11.78 -13.48 -10.62
N GLY A 32 11.92 -14.76 -10.30
CA GLY A 32 12.54 -15.74 -11.17
C GLY A 32 11.56 -16.63 -11.88
N PHE A 33 10.25 -16.35 -11.78
CA PHE A 33 9.20 -17.13 -12.40
C PHE A 33 8.53 -16.40 -13.54
N HIS A 34 8.60 -15.07 -13.57
CA HIS A 34 8.06 -14.27 -14.65
C HIS A 34 9.12 -13.82 -15.64
N VAL A 35 10.40 -14.11 -15.38
CA VAL A 35 11.45 -13.74 -16.33
C VAL A 35 11.71 -14.84 -17.34
N ILE A 36 11.41 -16.09 -17.00
CA ILE A 36 11.47 -17.16 -18.01
C ILE A 36 10.44 -16.84 -19.10
N PRO A 37 10.81 -16.87 -20.39
CA PRO A 37 10.00 -16.22 -21.42
C PRO A 37 8.50 -16.54 -21.39
N THR A 38 8.15 -17.81 -21.54
CA THR A 38 6.75 -18.24 -21.50
C THR A 38 6.65 -19.42 -20.54
N ILE A 39 6.52 -19.12 -19.25
CA ILE A 39 6.22 -20.14 -18.26
C ILE A 39 5.08 -19.76 -17.33
N SER A 40 4.76 -18.47 -17.18
CA SER A 40 3.62 -18.10 -16.36
C SER A 40 2.30 -18.46 -17.00
N SER A 41 2.28 -18.70 -18.31
CA SER A 41 1.07 -19.08 -19.02
C SER A 41 1.03 -20.56 -19.34
N ILE A 42 2.00 -21.33 -18.87
CA ILE A 42 2.00 -22.78 -19.02
C ILE A 42 1.76 -23.47 -17.68
N VAL A 43 2.30 -22.92 -16.60
CA VAL A 43 2.21 -23.55 -15.29
C VAL A 43 1.57 -22.54 -14.33
N PRO A 44 0.66 -22.97 -13.46
CA PRO A 44 -0.01 -22.01 -12.58
C PRO A 44 0.93 -21.45 -11.51
N GLU A 45 0.46 -20.39 -10.87
CA GLU A 45 1.20 -19.81 -9.74
C GLU A 45 1.26 -20.78 -8.57
N SER A 46 0.21 -21.57 -8.38
CA SER A 46 0.18 -22.53 -7.29
C SER A 46 1.31 -23.54 -7.39
N CYS A 47 1.71 -23.89 -8.61
CA CYS A 47 2.87 -24.77 -8.76
C CYS A 47 4.13 -24.11 -8.25
N LEU A 48 4.31 -22.82 -8.52
CA LEU A 48 5.46 -22.10 -7.97
C LEU A 48 5.42 -22.09 -6.46
N LEU A 49 4.24 -21.88 -5.88
CA LEU A 49 4.13 -21.91 -4.42
C LEU A 49 4.47 -23.29 -3.87
N ILE A 50 4.02 -24.34 -4.54
CA ILE A 50 4.34 -25.70 -4.11
C ILE A 50 5.84 -25.92 -4.15
N VAL A 51 6.49 -25.48 -5.23
CA VAL A 51 7.93 -25.72 -5.39
C VAL A 51 8.72 -24.91 -4.37
N VAL A 52 8.29 -23.68 -4.09
CA VAL A 52 8.95 -22.87 -3.07
C VAL A 52 8.82 -23.53 -1.71
N GLY A 53 7.62 -24.01 -1.39
CA GLY A 53 7.44 -24.73 -0.14
C GLY A 53 8.30 -25.97 -0.06
N LEU A 54 8.44 -26.69 -1.18
CA LEU A 54 9.28 -27.87 -1.21
C LEU A 54 10.74 -27.54 -0.95
N LEU A 55 11.25 -26.48 -1.57
CA LEU A 55 12.63 -26.07 -1.33
C LEU A 55 12.84 -25.64 0.12
N VAL A 56 11.90 -24.88 0.68
CA VAL A 56 12.07 -24.43 2.06
C VAL A 56 11.98 -25.61 3.02
N GLY A 57 11.06 -26.53 2.78
CA GLY A 57 10.98 -27.72 3.60
C GLY A 57 12.20 -28.60 3.47
N GLY A 58 12.77 -28.68 2.28
CA GLY A 58 13.99 -29.44 2.10
C GLY A 58 15.16 -28.82 2.83
N LEU A 59 15.25 -27.48 2.81
CA LEU A 59 16.29 -26.80 3.57
C LEU A 59 16.11 -27.05 5.07
N ILE A 60 14.87 -27.00 5.55
CA ILE A 60 14.60 -27.27 6.97
C ILE A 60 15.00 -28.69 7.33
N LYS A 61 14.64 -29.65 6.47
CA LYS A 61 14.98 -31.05 6.72
C LYS A 61 16.49 -31.25 6.72
N GLY A 62 17.18 -30.67 5.75
CA GLY A 62 18.63 -30.85 5.65
C GLY A 62 19.38 -30.22 6.81
N VAL A 63 19.02 -29.00 7.19
CA VAL A 63 19.66 -28.35 8.32
C VAL A 63 19.44 -29.15 9.59
N GLY A 64 18.21 -29.62 9.80
CA GLY A 64 17.85 -30.35 11.00
C GLY A 64 16.97 -29.60 11.96
N GLU A 65 16.52 -28.40 11.60
CA GLU A 65 15.64 -27.65 12.48
C GLU A 65 14.31 -28.38 12.65
N THR A 66 13.73 -28.25 13.84
CA THR A 66 12.38 -28.72 14.06
C THR A 66 11.45 -27.95 13.15
N PRO A 67 10.67 -28.61 12.29
CA PRO A 67 9.86 -27.90 11.31
C PRO A 67 8.76 -27.12 11.98
N PRO A 68 8.53 -25.87 11.57
CA PRO A 68 7.44 -25.08 12.14
C PRO A 68 6.09 -25.62 11.70
N PHE A 69 5.03 -25.10 12.32
CA PHE A 69 3.71 -25.64 12.10
C PHE A 69 2.66 -24.55 12.25
N LEU A 70 1.52 -24.77 11.61
CA LEU A 70 0.36 -23.90 11.81
C LEU A 70 -0.24 -24.16 13.18
N GLN A 71 -0.51 -23.09 13.92
CA GLN A 71 -1.03 -23.23 15.28
C GLN A 71 -2.55 -23.31 15.34
N SER A 72 -3.24 -23.28 14.20
CA SER A 72 -4.69 -23.41 14.13
C SER A 72 -5.39 -22.19 14.71
N ASP A 73 -4.60 -21.28 15.29
CA ASP A 73 -5.03 -19.93 15.60
C ASP A 73 -4.40 -18.91 14.69
N VAL A 74 -3.16 -19.14 14.25
CA VAL A 74 -2.54 -18.27 13.27
C VAL A 74 -3.22 -18.42 11.92
N PHE A 75 -3.62 -19.63 11.54
CA PHE A 75 -4.27 -19.82 10.25
C PHE A 75 -5.65 -19.16 10.24
N PHE A 76 -6.49 -19.48 11.22
CA PHE A 76 -7.87 -19.02 11.18
C PHE A 76 -8.02 -17.56 11.58
N LEU A 77 -6.96 -16.89 11.99
CA LEU A 77 -7.05 -15.50 12.41
C LEU A 77 -6.11 -14.55 11.67
N PHE A 78 -5.02 -15.04 11.09
CA PHE A 78 -4.01 -14.16 10.53
C PHE A 78 -3.64 -14.54 9.10
N LEU A 79 -3.87 -15.80 8.74
CA LEU A 79 -3.48 -16.30 7.42
C LEU A 79 -4.66 -16.53 6.50
N LEU A 80 -5.82 -16.83 7.03
CA LEU A 80 -7.01 -17.04 6.21
C LEU A 80 -7.66 -15.72 5.79
N PRO A 81 -7.91 -14.77 6.70
CA PRO A 81 -8.60 -13.55 6.29
C PRO A 81 -7.87 -12.72 5.25
N PRO A 82 -6.53 -12.70 5.20
CA PRO A 82 -5.89 -12.07 4.03
C PRO A 82 -6.34 -12.66 2.70
N ILE A 83 -6.25 -13.99 2.56
CA ILE A 83 -6.61 -14.63 1.30
C ILE A 83 -8.08 -14.38 0.99
N ILE A 84 -8.94 -14.54 1.98
CA ILE A 84 -10.37 -14.41 1.75
C ILE A 84 -10.71 -12.96 1.38
N LEU A 85 -10.13 -11.98 2.05
CA LEU A 85 -10.46 -10.59 1.76
C LEU A 85 -9.91 -10.17 0.41
N ASP A 86 -8.71 -10.62 0.05
CA ASP A 86 -8.20 -10.33 -1.28
C ASP A 86 -9.12 -10.90 -2.34
N ALA A 87 -9.55 -12.15 -2.17
CA ALA A 87 -10.42 -12.76 -3.16
C ALA A 87 -11.76 -12.04 -3.24
N GLY A 88 -12.39 -11.82 -2.10
CA GLY A 88 -13.73 -11.29 -2.05
C GLY A 88 -13.87 -9.79 -2.06
N TYR A 89 -12.77 -9.06 -2.14
CA TYR A 89 -12.85 -7.61 -2.27
C TYR A 89 -12.98 -7.18 -3.73
N PHE A 90 -12.08 -7.66 -4.58
CA PHE A 90 -12.15 -7.36 -6.01
C PHE A 90 -13.12 -8.25 -6.75
N LEU A 91 -14.09 -8.81 -6.04
CA LEU A 91 -15.19 -9.51 -6.67
C LEU A 91 -15.94 -8.54 -7.58
N PRO A 92 -16.10 -8.85 -8.87
CA PRO A 92 -16.82 -7.92 -9.76
C PRO A 92 -18.31 -7.94 -9.50
N LEU A 93 -18.76 -7.08 -8.57
CA LEU A 93 -20.11 -7.15 -8.05
C LEU A 93 -21.16 -7.16 -9.15
N ARG A 94 -20.94 -6.40 -10.24
CA ARG A 94 -21.86 -6.47 -11.37
C ARG A 94 -22.05 -7.89 -11.85
N GLN A 95 -20.98 -8.51 -12.36
CA GLN A 95 -21.07 -9.85 -12.92
C GLN A 95 -21.50 -10.84 -11.86
N PHE A 96 -21.02 -10.65 -10.62
CA PHE A 96 -21.36 -11.58 -9.56
C PHE A 96 -22.86 -11.59 -9.27
N THR A 97 -23.49 -10.42 -9.23
CA THR A 97 -24.91 -10.37 -8.91
C THR A 97 -25.81 -10.56 -10.12
N GLU A 98 -25.27 -10.41 -11.34
CA GLU A 98 -26.05 -10.72 -12.52
C GLU A 98 -26.46 -12.18 -12.51
N ASN A 99 -25.48 -13.06 -12.64
CA ASN A 99 -25.71 -14.49 -12.53
C ASN A 99 -25.29 -14.97 -11.14
N LEU A 100 -26.00 -14.45 -10.14
CA LEU A 100 -25.79 -14.93 -8.78
C LEU A 100 -26.34 -16.33 -8.58
N GLY A 101 -27.41 -16.67 -9.29
CA GLY A 101 -28.02 -17.97 -9.12
C GLY A 101 -27.06 -19.10 -9.45
N THR A 102 -26.39 -19.03 -10.59
CA THR A 102 -25.49 -20.09 -10.99
C THR A 102 -24.25 -20.16 -10.10
N ILE A 103 -23.76 -18.99 -9.65
CA ILE A 103 -22.61 -18.99 -8.76
C ILE A 103 -22.95 -19.64 -7.43
N LEU A 104 -24.11 -19.29 -6.87
CA LEU A 104 -24.55 -19.91 -5.63
C LEU A 104 -24.77 -21.41 -5.82
N ILE A 105 -25.39 -21.79 -6.93
CA ILE A 105 -25.58 -23.21 -7.23
C ILE A 105 -24.24 -23.94 -7.21
N PHE A 106 -23.33 -23.55 -8.12
CA PHE A 106 -22.02 -24.20 -8.14
C PHE A 106 -21.37 -24.20 -6.77
N ALA A 107 -21.09 -23.03 -6.21
CA ALA A 107 -20.37 -22.97 -4.95
C ALA A 107 -21.03 -23.81 -3.87
N VAL A 108 -22.23 -23.43 -3.42
CA VAL A 108 -22.84 -24.10 -2.28
C VAL A 108 -23.19 -25.54 -2.62
N VAL A 109 -24.03 -25.75 -3.63
CA VAL A 109 -24.56 -27.08 -3.89
C VAL A 109 -23.47 -28.01 -4.41
N GLY A 110 -22.63 -27.55 -5.34
CA GLY A 110 -21.54 -28.37 -5.81
C GLY A 110 -20.52 -28.69 -4.73
N THR A 111 -20.27 -27.75 -3.81
CA THR A 111 -19.38 -28.07 -2.69
C THR A 111 -19.99 -29.11 -1.78
N LEU A 112 -21.29 -28.98 -1.49
CA LEU A 112 -21.96 -29.99 -0.68
C LEU A 112 -21.95 -31.34 -1.39
N TRP A 113 -22.16 -31.34 -2.70
CA TRP A 113 -22.13 -32.59 -3.45
C TRP A 113 -20.74 -33.21 -3.41
N ASN A 114 -19.70 -32.41 -3.65
CA ASN A 114 -18.35 -32.93 -3.56
C ASN A 114 -18.07 -33.51 -2.19
N ALA A 115 -18.41 -32.75 -1.14
CA ALA A 115 -18.13 -33.18 0.23
C ALA A 115 -18.84 -34.49 0.55
N PHE A 116 -20.15 -34.55 0.31
CA PHE A 116 -20.89 -35.73 0.71
C PHE A 116 -20.64 -36.92 -0.22
N PHE A 117 -20.42 -36.68 -1.52
CA PHE A 117 -20.08 -37.77 -2.42
C PHE A 117 -18.72 -38.36 -2.08
N LEU A 118 -17.72 -37.52 -1.82
CA LEU A 118 -16.43 -38.03 -1.39
C LEU A 118 -16.52 -38.73 -0.05
N GLY A 119 -17.30 -38.17 0.89
CA GLY A 119 -17.47 -38.83 2.17
C GLY A 119 -18.10 -40.21 2.02
N GLY A 120 -19.17 -40.30 1.23
CA GLY A 120 -19.82 -41.58 1.04
C GLY A 120 -18.96 -42.60 0.33
N LEU A 121 -18.29 -42.19 -0.75
CA LEU A 121 -17.47 -43.14 -1.49
C LEU A 121 -16.23 -43.54 -0.72
N MET A 122 -15.61 -42.61 0.01
CA MET A 122 -14.48 -42.99 0.83
C MET A 122 -14.91 -43.88 1.99
N TYR A 123 -16.11 -43.65 2.54
CA TYR A 123 -16.64 -44.57 3.54
C TYR A 123 -16.87 -45.95 2.96
N ALA A 124 -17.38 -46.01 1.73
CA ALA A 124 -17.59 -47.29 1.09
C ALA A 124 -16.25 -48.01 0.86
N VAL A 125 -15.23 -47.26 0.45
CA VAL A 125 -13.91 -47.85 0.28
C VAL A 125 -13.36 -48.35 1.60
N CYS A 126 -13.49 -47.55 2.67
CA CYS A 126 -12.96 -47.94 3.96
C CYS A 126 -13.67 -49.17 4.50
N LEU A 127 -14.99 -49.26 4.29
CA LEU A 127 -15.73 -50.42 4.77
C LEU A 127 -15.22 -51.71 4.14
N VAL A 128 -14.83 -51.65 2.87
CA VAL A 128 -14.34 -52.82 2.15
C VAL A 128 -12.83 -52.78 1.97
N GLY A 129 -12.14 -51.88 2.67
CA GLY A 129 -10.71 -51.78 2.55
C GLY A 129 -9.98 -52.62 3.59
N GLY A 130 -8.66 -52.45 3.61
CA GLY A 130 -7.84 -53.20 4.54
C GLY A 130 -8.11 -52.78 5.98
N GLU A 131 -7.53 -53.56 6.90
CA GLU A 131 -7.78 -53.35 8.32
C GLU A 131 -7.25 -52.02 8.83
N GLN A 132 -6.40 -51.33 8.06
CA GLN A 132 -5.87 -50.04 8.48
C GLN A 132 -6.63 -48.85 7.94
N ILE A 133 -7.69 -49.06 7.16
CA ILE A 133 -8.61 -47.99 6.80
C ILE A 133 -10.02 -48.23 7.31
N ASN A 134 -10.30 -49.41 7.88
CA ASN A 134 -11.55 -49.54 8.61
C ASN A 134 -11.49 -48.68 9.88
N ASN A 135 -12.62 -48.65 10.57
CA ASN A 135 -12.78 -47.90 11.82
C ASN A 135 -12.63 -46.40 11.63
N ILE A 136 -12.53 -45.92 10.39
CA ILE A 136 -12.57 -44.47 10.18
C ILE A 136 -13.97 -43.94 10.42
N GLY A 137 -14.98 -44.65 9.96
CA GLY A 137 -16.35 -44.23 10.19
C GLY A 137 -16.83 -43.27 9.14
N LEU A 138 -18.04 -42.76 9.36
CA LEU A 138 -18.66 -41.88 8.38
C LEU A 138 -18.31 -40.42 8.64
N LEU A 139 -18.55 -39.94 9.86
CA LEU A 139 -18.32 -38.52 10.15
C LEU A 139 -16.84 -38.16 10.01
N ASP A 140 -15.95 -39.02 10.50
CA ASP A 140 -14.53 -38.77 10.33
C ASP A 140 -14.12 -38.78 8.87
N ASN A 141 -14.84 -39.51 8.03
CA ASN A 141 -14.52 -39.60 6.61
C ASN A 141 -15.28 -38.59 5.79
N LEU A 142 -16.51 -38.26 6.20
CA LEU A 142 -17.26 -37.20 5.56
C LEU A 142 -16.59 -35.85 5.80
N LEU A 143 -15.99 -35.67 6.98
CA LEU A 143 -15.17 -34.49 7.24
C LEU A 143 -13.98 -34.41 6.31
N PHE A 144 -13.32 -35.54 6.06
CA PHE A 144 -12.22 -35.53 5.10
C PHE A 144 -12.71 -35.15 3.72
N GLY A 145 -13.85 -35.70 3.31
CA GLY A 145 -14.42 -35.32 2.03
C GLY A 145 -14.71 -33.83 1.94
N SER A 146 -15.20 -33.24 3.03
CA SER A 146 -15.47 -31.81 3.03
C SER A 146 -14.18 -30.99 2.98
N ILE A 147 -13.14 -31.45 3.66
CA ILE A 147 -11.87 -30.75 3.65
C ILE A 147 -11.26 -30.76 2.25
N ILE A 148 -11.29 -31.92 1.60
CA ILE A 148 -10.61 -32.09 0.32
C ILE A 148 -11.39 -31.47 -0.83
N SER A 149 -12.62 -31.05 -0.61
CA SER A 149 -13.42 -30.34 -1.60
C SER A 149 -13.24 -28.85 -1.53
N ALA A 150 -12.31 -28.36 -0.72
CA ALA A 150 -11.95 -26.94 -0.67
C ALA A 150 -11.04 -26.68 -1.85
N VAL A 151 -11.63 -26.20 -2.93
CA VAL A 151 -10.98 -26.19 -4.23
C VAL A 151 -10.86 -24.75 -4.72
N ASP A 152 -9.84 -24.50 -5.55
CA ASP A 152 -9.49 -23.17 -6.01
C ASP A 152 -9.32 -23.16 -7.53
N PRO A 153 -10.43 -23.23 -8.28
CA PRO A 153 -10.31 -23.27 -9.74
C PRO A 153 -9.74 -22.00 -10.35
N VAL A 154 -9.84 -20.86 -9.66
CA VAL A 154 -9.43 -19.58 -10.23
C VAL A 154 -7.95 -19.55 -10.54
N ALA A 155 -7.14 -20.40 -9.88
CA ALA A 155 -5.72 -20.46 -10.20
C ALA A 155 -5.51 -20.83 -11.65
N VAL A 156 -6.36 -21.71 -12.19
CA VAL A 156 -6.26 -22.11 -13.58
C VAL A 156 -6.42 -20.92 -14.51
N LEU A 157 -7.15 -19.89 -14.08
CA LEU A 157 -7.30 -18.71 -14.91
C LEU A 157 -5.96 -18.05 -15.24
N ALA A 158 -4.94 -18.31 -14.44
CA ALA A 158 -3.62 -17.77 -14.75
C ALA A 158 -3.02 -18.41 -16.00
N VAL A 159 -3.43 -19.65 -16.30
CA VAL A 159 -2.87 -20.35 -17.44
C VAL A 159 -3.52 -19.94 -18.75
N PHE A 160 -4.73 -19.40 -18.71
CA PHE A 160 -5.45 -18.97 -19.90
C PHE A 160 -5.23 -17.47 -20.12
N GLU A 161 -5.98 -16.90 -21.04
CA GLU A 161 -5.92 -15.47 -21.33
C GLU A 161 -7.32 -14.89 -21.47
N GLU A 162 -7.43 -13.67 -22.02
CA GLU A 162 -8.73 -13.07 -22.27
C GLU A 162 -9.59 -13.98 -23.14
N ILE A 163 -8.99 -14.56 -24.17
CA ILE A 163 -9.67 -15.59 -24.95
C ILE A 163 -9.78 -16.86 -24.11
N HIS A 164 -10.83 -17.63 -24.34
CA HIS A 164 -11.21 -18.88 -23.68
C HIS A 164 -11.78 -18.64 -22.29
N ILE A 165 -11.77 -17.42 -21.77
CA ILE A 165 -12.33 -17.11 -20.46
C ILE A 165 -13.24 -15.90 -20.64
N ASN A 166 -14.52 -16.16 -20.90
CA ASN A 166 -15.48 -15.09 -21.05
C ASN A 166 -15.89 -14.53 -19.69
N GLU A 167 -16.67 -13.46 -19.70
CA GLU A 167 -17.10 -12.83 -18.45
C GLU A 167 -18.00 -13.74 -17.64
N LEU A 168 -18.55 -14.80 -18.24
CA LEU A 168 -19.38 -15.73 -17.49
C LEU A 168 -18.54 -16.75 -16.74
N LEU A 169 -17.64 -17.44 -17.44
CA LEU A 169 -16.80 -18.45 -16.79
C LEU A 169 -15.90 -17.82 -15.74
N HIS A 170 -15.37 -16.63 -16.01
CA HIS A 170 -14.47 -15.99 -15.06
C HIS A 170 -15.17 -15.73 -13.74
N ILE A 171 -16.34 -15.10 -13.78
CA ILE A 171 -17.07 -14.85 -12.54
C ILE A 171 -17.54 -16.15 -11.92
N LEU A 172 -17.86 -17.15 -12.74
CA LEU A 172 -18.31 -18.42 -12.20
C LEU A 172 -17.22 -19.07 -11.36
N VAL A 173 -16.01 -19.17 -11.90
CA VAL A 173 -14.92 -19.77 -11.14
C VAL A 173 -14.51 -18.89 -9.98
N PHE A 174 -14.57 -17.57 -10.14
CA PHE A 174 -14.19 -16.68 -9.04
C PHE A 174 -15.12 -16.84 -7.84
N GLY A 175 -16.43 -16.73 -8.08
CA GLY A 175 -17.38 -16.92 -7.01
C GLY A 175 -17.40 -18.33 -6.47
N GLU A 176 -17.17 -19.32 -7.34
CA GLU A 176 -17.07 -20.69 -6.88
C GLU A 176 -15.91 -20.86 -5.92
N SER A 177 -14.74 -20.32 -6.24
CA SER A 177 -13.60 -20.43 -5.35
C SER A 177 -13.87 -19.75 -4.02
N LEU A 178 -14.40 -18.52 -4.06
CA LEU A 178 -14.74 -17.83 -2.82
C LEU A 178 -15.72 -18.61 -1.94
N LEU A 179 -16.94 -18.80 -2.44
CA LEU A 179 -17.95 -19.42 -1.61
C LEU A 179 -17.67 -20.89 -1.36
N ASN A 180 -16.77 -21.51 -2.12
CA ASN A 180 -16.35 -22.86 -1.81
C ASN A 180 -15.40 -22.87 -0.63
N ASP A 181 -14.45 -21.93 -0.58
CA ASP A 181 -13.63 -21.79 0.61
C ASP A 181 -14.44 -21.39 1.82
N ALA A 182 -15.59 -20.76 1.63
CA ALA A 182 -16.48 -20.46 2.75
C ALA A 182 -17.25 -21.69 3.22
N VAL A 183 -17.89 -22.39 2.28
CA VAL A 183 -18.74 -23.52 2.62
C VAL A 183 -17.91 -24.69 3.16
N THR A 184 -16.70 -24.88 2.64
CA THR A 184 -15.88 -25.96 3.15
C THR A 184 -15.44 -25.71 4.59
N VAL A 185 -15.17 -24.47 4.96
CA VAL A 185 -14.83 -24.19 6.35
C VAL A 185 -16.05 -24.34 7.24
N VAL A 186 -17.22 -23.91 6.77
CA VAL A 186 -18.45 -24.12 7.53
C VAL A 186 -18.66 -25.61 7.79
N LEU A 187 -18.56 -26.42 6.75
CA LEU A 187 -18.72 -27.86 6.89
C LEU A 187 -17.61 -28.47 7.72
N TYR A 188 -16.40 -27.90 7.66
CA TYR A 188 -15.30 -28.40 8.45
C TYR A 188 -15.59 -28.27 9.92
N HIS A 189 -16.03 -27.09 10.35
CA HIS A 189 -16.38 -26.92 11.76
C HIS A 189 -17.58 -27.79 12.14
N LEU A 190 -18.58 -27.86 11.26
CA LEU A 190 -19.78 -28.65 11.55
C LEU A 190 -19.43 -30.12 11.76
N PHE A 191 -18.65 -30.70 10.86
CA PHE A 191 -18.30 -32.10 10.99
C PHE A 191 -17.30 -32.34 12.11
N GLU A 192 -16.39 -31.39 12.34
CA GLU A 192 -15.44 -31.54 13.44
C GLU A 192 -16.15 -31.51 14.78
N GLU A 193 -17.31 -30.87 14.87
CA GLU A 193 -18.09 -30.98 16.09
C GLU A 193 -18.94 -32.24 16.11
N PHE A 194 -19.57 -32.58 14.97
CA PHE A 194 -20.38 -33.80 14.92
C PHE A 194 -19.55 -35.06 15.19
N ALA A 195 -18.23 -34.99 15.00
CA ALA A 195 -17.39 -36.15 15.24
C ALA A 195 -17.09 -36.37 16.72
N ASN A 196 -17.81 -35.72 17.63
CA ASN A 196 -17.69 -36.03 19.05
C ASN A 196 -19.07 -36.13 19.72
N TYR A 197 -20.10 -36.43 18.95
CA TYR A 197 -21.44 -36.58 19.48
C TYR A 197 -21.76 -38.01 19.92
N GLU A 198 -21.06 -39.00 19.35
CA GLU A 198 -21.17 -40.43 19.62
C GLU A 198 -22.58 -40.96 19.38
N HIS A 199 -23.51 -40.08 18.99
CA HIS A 199 -24.85 -40.50 18.59
C HIS A 199 -25.44 -39.38 17.75
N VAL A 200 -25.43 -39.55 16.43
CA VAL A 200 -25.96 -38.55 15.50
C VAL A 200 -27.32 -39.06 15.03
N GLY A 201 -28.38 -38.50 15.61
CA GLY A 201 -29.72 -38.86 15.23
C GLY A 201 -30.25 -38.00 14.10
N ILE A 202 -31.51 -38.24 13.73
CA ILE A 202 -32.14 -37.43 12.70
C ILE A 202 -32.35 -36.01 13.18
N VAL A 203 -32.64 -35.83 14.48
CA VAL A 203 -32.82 -34.47 14.99
C VAL A 203 -31.49 -33.72 14.97
N ASP A 204 -30.39 -34.42 15.24
CA ASP A 204 -29.08 -33.78 15.13
C ASP A 204 -28.71 -33.48 13.69
N ILE A 205 -29.12 -34.33 12.75
CA ILE A 205 -28.90 -34.05 11.34
C ILE A 205 -29.67 -32.80 10.92
N PHE A 206 -30.93 -32.70 11.34
CA PHE A 206 -31.72 -31.52 11.01
C PHE A 206 -31.14 -30.26 11.67
N LEU A 207 -30.66 -30.38 12.91
CA LEU A 207 -30.05 -29.24 13.58
C LEU A 207 -28.77 -28.81 12.87
N GLY A 208 -27.98 -29.76 12.40
CA GLY A 208 -26.80 -29.39 11.62
C GLY A 208 -27.17 -28.77 10.30
N PHE A 209 -28.25 -29.24 9.68
CA PHE A 209 -28.73 -28.64 8.44
C PHE A 209 -29.16 -27.19 8.66
N LEU A 210 -29.84 -26.92 9.78
CA LEU A 210 -30.20 -25.55 10.10
C LEU A 210 -28.99 -24.72 10.45
N SER A 211 -28.05 -25.28 11.21
CA SER A 211 -26.88 -24.53 11.64
C SER A 211 -25.94 -24.20 10.48
N PHE A 212 -25.93 -25.02 9.43
CA PHE A 212 -25.17 -24.64 8.24
C PHE A 212 -25.63 -23.29 7.72
N PHE A 213 -26.94 -23.14 7.51
CA PHE A 213 -27.47 -21.89 7.00
C PHE A 213 -27.38 -20.78 8.03
N VAL A 214 -27.56 -21.11 9.31
CA VAL A 214 -27.46 -20.08 10.35
C VAL A 214 -26.05 -19.51 10.40
N VAL A 215 -25.05 -20.38 10.38
CA VAL A 215 -23.66 -19.92 10.37
C VAL A 215 -23.37 -19.08 9.12
N ALA A 216 -23.74 -19.59 7.95
CA ALA A 216 -23.41 -18.88 6.71
C ALA A 216 -24.12 -17.52 6.65
N LEU A 217 -25.42 -17.49 6.92
CA LEU A 217 -26.18 -16.26 6.80
C LEU A 217 -25.92 -15.30 7.95
N GLY A 218 -25.60 -15.80 9.15
CA GLY A 218 -25.15 -14.91 10.20
C GLY A 218 -23.82 -14.26 9.88
N GLY A 219 -22.92 -15.03 9.27
CA GLY A 219 -21.71 -14.43 8.75
C GLY A 219 -22.01 -13.35 7.73
N VAL A 220 -22.94 -13.61 6.82
CA VAL A 220 -23.32 -12.62 5.82
C VAL A 220 -23.88 -11.36 6.49
N LEU A 221 -24.71 -11.55 7.52
CA LEU A 221 -25.33 -10.42 8.19
C LEU A 221 -24.30 -9.58 8.93
N VAL A 222 -23.38 -10.22 9.67
CA VAL A 222 -22.31 -9.48 10.32
C VAL A 222 -21.46 -8.75 9.29
N GLY A 223 -21.20 -9.41 8.16
CA GLY A 223 -20.43 -8.78 7.11
C GLY A 223 -21.09 -7.55 6.54
N VAL A 224 -22.40 -7.61 6.29
CA VAL A 224 -23.05 -6.43 5.74
C VAL A 224 -23.15 -5.33 6.78
N VAL A 225 -23.27 -5.68 8.07
CA VAL A 225 -23.27 -4.64 9.10
C VAL A 225 -21.94 -3.90 9.12
N TYR A 226 -20.84 -4.65 9.14
CA TYR A 226 -19.54 -3.99 9.16
C TYR A 226 -19.23 -3.30 7.84
N GLY A 227 -19.75 -3.82 6.73
CA GLY A 227 -19.57 -3.13 5.45
C GLY A 227 -20.32 -1.82 5.40
N VAL A 228 -21.53 -1.78 5.97
CA VAL A 228 -22.27 -0.53 6.05
C VAL A 228 -21.53 0.46 6.94
N ILE A 229 -21.00 -0.02 8.07
CA ILE A 229 -20.25 0.87 8.97
C ILE A 229 -19.00 1.42 8.26
N ALA A 230 -18.30 0.58 7.50
CA ALA A 230 -17.13 1.05 6.79
C ALA A 230 -17.49 2.01 5.67
N ALA A 231 -18.61 1.75 4.98
CA ALA A 231 -19.08 2.66 3.96
C ALA A 231 -19.40 4.03 4.55
N PHE A 232 -20.01 4.05 5.74
CA PHE A 232 -20.33 5.31 6.39
C PHE A 232 -19.06 6.04 6.81
N THR A 233 -18.15 5.33 7.48
CA THR A 233 -16.95 6.01 7.98
C THR A 233 -15.94 6.32 6.88
N SER A 234 -16.14 5.83 5.67
CA SER A 234 -15.28 6.22 4.56
C SER A 234 -15.61 7.60 4.03
N ARG A 235 -16.78 8.15 4.36
CA ARG A 235 -17.13 9.48 3.89
C ARG A 235 -16.33 10.55 4.60
N PHE A 236 -15.80 10.25 5.79
CA PHE A 236 -15.18 11.23 6.65
C PHE A 236 -13.66 11.13 6.68
N THR A 237 -13.07 10.15 6.00
CA THR A 237 -11.64 9.99 5.98
C THR A 237 -10.96 10.75 4.84
N SER A 238 -11.64 11.75 4.29
CA SER A 238 -11.02 12.56 3.25
C SER A 238 -9.94 13.48 3.81
N HIS A 239 -10.04 13.83 5.09
CA HIS A 239 -9.09 14.75 5.69
C HIS A 239 -7.74 14.08 5.90
N ILE A 240 -7.72 12.87 6.42
CA ILE A 240 -6.50 12.10 6.62
C ILE A 240 -6.61 10.87 5.72
N ARG A 241 -5.71 10.76 4.74
CA ARG A 241 -5.87 9.78 3.69
C ARG A 241 -5.01 8.54 3.85
N VAL A 242 -3.92 8.61 4.62
CA VAL A 242 -3.14 7.40 4.88
C VAL A 242 -3.86 6.45 5.82
N ILE A 243 -4.98 6.88 6.39
CA ILE A 243 -5.83 6.01 7.21
C ILE A 243 -6.95 5.38 6.40
N GLU A 244 -7.13 5.78 5.15
CA GLU A 244 -8.20 5.23 4.33
C GLU A 244 -8.05 3.73 4.09
N PRO A 245 -6.89 3.20 3.69
CA PRO A 245 -6.77 1.74 3.60
C PRO A 245 -6.96 1.03 4.94
N LEU A 246 -6.50 1.67 6.01
CA LEU A 246 -6.54 1.04 7.32
C LEU A 246 -7.96 0.79 7.76
N PHE A 247 -8.88 1.69 7.42
CA PHE A 247 -10.27 1.50 7.81
C PHE A 247 -10.89 0.31 7.08
N VAL A 248 -10.57 0.14 5.80
CA VAL A 248 -11.04 -1.03 5.06
C VAL A 248 -10.53 -2.31 5.70
N PHE A 249 -9.23 -2.38 5.95
CA PHE A 249 -8.68 -3.61 6.53
C PHE A 249 -9.22 -3.85 7.93
N LEU A 250 -9.31 -2.79 8.73
CA LEU A 250 -9.79 -2.93 10.10
C LEU A 250 -11.24 -3.39 10.12
N TYR A 251 -12.09 -2.81 9.28
CA TYR A 251 -13.50 -3.15 9.34
C TYR A 251 -13.75 -4.54 8.79
N SER A 252 -13.06 -4.92 7.72
CA SER A 252 -13.18 -6.30 7.25
C SER A 252 -12.68 -7.28 8.30
N TYR A 253 -11.54 -7.00 8.92
CA TYR A 253 -11.00 -7.91 9.92
C TYR A 253 -11.89 -8.00 11.14
N MET A 254 -12.48 -6.88 11.55
CA MET A 254 -13.41 -6.92 12.67
C MET A 254 -14.69 -7.65 12.30
N ALA A 255 -15.13 -7.57 11.05
CA ALA A 255 -16.26 -8.40 10.62
C ALA A 255 -15.92 -9.87 10.71
N TYR A 256 -14.70 -10.23 10.27
CA TYR A 256 -14.26 -11.61 10.36
C TYR A 256 -14.22 -12.08 11.81
N LEU A 257 -13.68 -11.26 12.70
CA LEU A 257 -13.55 -11.66 14.10
C LEU A 257 -14.87 -11.62 14.84
N SER A 258 -15.81 -10.76 14.41
CA SER A 258 -17.14 -10.77 15.01
C SER A 258 -17.93 -11.99 14.57
N ALA A 259 -17.74 -12.43 13.33
CA ALA A 259 -18.39 -13.67 12.90
C ALA A 259 -17.76 -14.88 13.59
N GLU A 260 -16.43 -14.92 13.67
CA GLU A 260 -15.76 -16.04 14.34
C GLU A 260 -15.97 -16.02 15.84
N LEU A 261 -16.30 -14.87 16.42
CA LEU A 261 -16.61 -14.81 17.84
C LEU A 261 -17.83 -15.65 18.17
N PHE A 262 -18.88 -15.50 17.39
CA PHE A 262 -20.11 -16.26 17.56
C PHE A 262 -20.09 -17.58 16.82
N HIS A 263 -18.92 -17.99 16.35
CA HIS A 263 -18.72 -19.20 15.55
C HIS A 263 -19.51 -19.17 14.25
N LEU A 264 -19.98 -18.00 13.83
CA LEU A 264 -20.55 -17.85 12.50
C LEU A 264 -19.45 -17.96 11.45
N SER A 265 -19.83 -17.81 10.19
CA SER A 265 -18.88 -17.96 9.10
C SER A 265 -18.07 -16.67 9.00
N GLY A 266 -16.83 -16.71 9.47
CA GLY A 266 -15.97 -15.55 9.33
C GLY A 266 -15.64 -15.25 7.88
N ILE A 267 -15.49 -16.29 7.07
CA ILE A 267 -15.15 -16.09 5.66
C ILE A 267 -16.29 -15.39 4.93
N MET A 268 -17.53 -15.82 5.18
CA MET A 268 -18.65 -15.17 4.52
C MET A 268 -18.83 -13.74 5.01
N ALA A 269 -18.52 -13.49 6.29
CA ALA A 269 -18.56 -12.13 6.81
C ALA A 269 -17.53 -11.25 6.14
N LEU A 270 -16.32 -11.77 5.95
CA LEU A 270 -15.29 -11.03 5.23
C LEU A 270 -15.74 -10.71 3.81
N ILE A 271 -16.27 -11.71 3.10
CA ILE A 271 -16.72 -11.52 1.73
C ILE A 271 -17.82 -10.48 1.66
N ALA A 272 -18.83 -10.61 2.53
CA ALA A 272 -19.95 -9.69 2.51
C ALA A 272 -19.52 -8.28 2.86
N SER A 273 -18.63 -8.14 3.85
CA SER A 273 -18.16 -6.81 4.24
C SER A 273 -17.42 -6.15 3.09
N GLY A 274 -16.52 -6.88 2.44
CA GLY A 274 -15.80 -6.31 1.30
C GLY A 274 -16.73 -5.92 0.17
N VAL A 275 -17.67 -6.81 -0.16
CA VAL A 275 -18.59 -6.56 -1.27
C VAL A 275 -19.49 -5.37 -0.98
N VAL A 276 -19.88 -5.19 0.29
CA VAL A 276 -20.72 -4.05 0.63
C VAL A 276 -19.92 -2.75 0.64
N MET A 277 -18.69 -2.77 1.18
CA MET A 277 -17.98 -1.50 1.30
C MET A 277 -17.42 -1.04 -0.04
N ARG A 278 -17.10 -1.97 -0.96
CA ARG A 278 -16.39 -1.57 -2.18
C ARG A 278 -17.10 -0.52 -2.99
N PRO A 279 -18.40 -0.63 -3.34
CA PRO A 279 -19.02 0.43 -4.13
C PRO A 279 -19.04 1.77 -3.42
N TYR A 280 -19.28 1.77 -2.12
CA TYR A 280 -19.37 3.01 -1.34
C TYR A 280 -18.01 3.52 -0.91
N VAL A 281 -16.94 2.80 -1.22
CA VAL A 281 -15.59 3.35 -1.17
C VAL A 281 -15.12 3.39 -2.61
N GLU A 282 -13.89 3.89 -2.83
CA GLU A 282 -13.35 4.13 -4.17
C GLU A 282 -14.06 5.31 -4.81
N ALA A 283 -15.13 5.77 -4.18
CA ALA A 283 -15.78 7.03 -4.49
C ALA A 283 -15.55 8.07 -3.42
N ASN A 284 -15.44 7.64 -2.16
CA ASN A 284 -15.06 8.49 -1.05
C ASN A 284 -13.58 8.40 -0.74
N ILE A 285 -12.82 7.61 -1.49
CA ILE A 285 -11.40 7.37 -1.26
C ILE A 285 -10.62 7.78 -2.49
N SER A 286 -9.48 8.44 -2.25
CA SER A 286 -8.64 8.93 -3.33
C SER A 286 -8.08 7.78 -4.15
N HIS A 287 -7.61 8.11 -5.35
CA HIS A 287 -7.09 7.08 -6.25
C HIS A 287 -5.83 6.44 -5.68
N LYS A 288 -4.98 7.23 -5.04
CA LYS A 288 -3.76 6.68 -4.43
C LYS A 288 -4.11 5.68 -3.34
N SER A 289 -5.08 6.01 -2.49
CA SER A 289 -5.43 5.10 -1.41
C SER A 289 -6.11 3.84 -1.94
N HIS A 290 -6.92 3.95 -2.98
CA HIS A 290 -7.52 2.76 -3.58
C HIS A 290 -6.45 1.87 -4.20
N THR A 291 -5.48 2.46 -4.89
CA THR A 291 -4.38 1.68 -5.44
C THR A 291 -3.60 1.00 -4.33
N THR A 292 -3.39 1.69 -3.21
CA THR A 292 -2.76 1.04 -2.08
C THR A 292 -3.56 -0.16 -1.62
N ILE A 293 -4.82 0.06 -1.25
CA ILE A 293 -5.72 -1.02 -0.81
C ILE A 293 -5.56 -2.23 -1.71
N LYS A 294 -5.56 -2.00 -3.03
CA LYS A 294 -5.34 -3.08 -3.98
C LYS A 294 -4.00 -3.76 -3.76
N TYR A 295 -2.93 -2.97 -3.65
CA TYR A 295 -1.60 -3.54 -3.47
C TYR A 295 -1.49 -4.30 -2.15
N PHE A 296 -2.00 -3.70 -1.07
CA PHE A 296 -2.01 -4.33 0.25
C PHE A 296 -2.67 -5.70 0.17
N LEU A 297 -3.88 -5.75 -0.39
CA LEU A 297 -4.59 -7.01 -0.46
C LEU A 297 -3.80 -8.03 -1.27
N LYS A 298 -3.27 -7.61 -2.43
CA LYS A 298 -2.55 -8.55 -3.27
C LYS A 298 -1.33 -9.12 -2.56
N MET A 299 -0.47 -8.26 -2.01
CA MET A 299 0.77 -8.75 -1.44
C MET A 299 0.56 -9.43 -0.09
N TRP A 300 -0.46 -9.03 0.66
CA TRP A 300 -0.71 -9.66 1.95
C TRP A 300 -1.33 -11.04 1.76
N SER A 301 -2.22 -11.18 0.77
CA SER A 301 -2.69 -12.49 0.37
C SER A 301 -1.55 -13.34 -0.17
N SER A 302 -0.65 -12.75 -0.94
CA SER A 302 0.49 -13.50 -1.47
C SER A 302 1.38 -14.01 -0.35
N VAL A 303 1.61 -13.18 0.67
CA VAL A 303 2.41 -13.62 1.82
C VAL A 303 1.70 -14.75 2.55
N SER A 304 0.39 -14.63 2.75
CA SER A 304 -0.34 -15.69 3.45
C SER A 304 -0.32 -17.00 2.68
N GLU A 305 -0.57 -16.95 1.37
CA GLU A 305 -0.54 -18.15 0.55
C GLU A 305 0.86 -18.75 0.51
N THR A 306 1.88 -17.90 0.40
CA THR A 306 3.26 -18.36 0.47
C THR A 306 3.50 -19.13 1.76
N LEU A 307 3.08 -18.56 2.90
CA LEU A 307 3.32 -19.22 4.17
C LEU A 307 2.58 -20.54 4.26
N ILE A 308 1.33 -20.59 3.79
CA ILE A 308 0.60 -21.84 3.82
C ILE A 308 1.31 -22.91 3.00
N PHE A 309 1.79 -22.54 1.81
CA PHE A 309 2.45 -23.53 0.97
C PHE A 309 3.84 -23.90 1.51
N ILE A 310 4.49 -22.98 2.23
CA ILE A 310 5.71 -23.34 2.94
C ILE A 310 5.42 -24.40 3.99
N PHE A 311 4.34 -24.22 4.72
CA PHE A 311 3.95 -25.24 5.71
C PHE A 311 3.62 -26.56 5.03
N LEU A 312 3.00 -26.49 3.86
CA LEU A 312 2.72 -27.71 3.09
C LEU A 312 4.02 -28.41 2.71
N GLY A 313 5.01 -27.65 2.25
CA GLY A 313 6.29 -28.25 1.92
C GLY A 313 6.99 -28.88 3.11
N VAL A 314 6.98 -28.16 4.25
CA VAL A 314 7.69 -28.69 5.41
C VAL A 314 6.97 -29.90 5.99
N SER A 315 5.66 -29.98 5.81
CA SER A 315 4.92 -31.14 6.30
C SER A 315 4.85 -32.27 5.29
N THR A 316 5.26 -32.04 4.04
CA THR A 316 5.32 -33.11 3.07
C THR A 316 6.71 -33.68 2.89
N VAL A 317 7.77 -32.93 3.21
CA VAL A 317 9.12 -33.49 3.10
C VAL A 317 9.67 -33.81 4.48
N ALA A 318 9.14 -33.16 5.52
CA ALA A 318 9.63 -33.32 6.87
C ALA A 318 8.49 -33.56 7.84
N GLY A 319 7.52 -34.37 7.45
CA GLY A 319 6.37 -34.60 8.29
C GLY A 319 6.09 -36.08 8.52
N SER A 320 4.95 -36.38 9.12
CA SER A 320 4.52 -37.74 9.36
C SER A 320 3.57 -38.17 8.25
N HIS A 321 3.83 -39.32 7.65
CA HIS A 321 3.07 -39.81 6.51
C HIS A 321 2.56 -41.21 6.80
N HIS A 322 1.32 -41.46 6.38
CA HIS A 322 0.65 -42.74 6.57
C HIS A 322 0.07 -43.22 5.25
N TRP A 323 0.91 -43.25 4.22
CA TRP A 323 0.46 -43.59 2.88
C TRP A 323 -0.28 -44.91 2.87
N ASN A 324 -1.49 -44.89 2.30
CA ASN A 324 -2.29 -46.08 2.06
C ASN A 324 -2.67 -46.07 0.60
N TRP A 325 -2.30 -47.14 -0.12
CA TRP A 325 -2.52 -47.15 -1.57
C TRP A 325 -3.99 -47.08 -1.91
N THR A 326 -4.82 -47.89 -1.23
CA THR A 326 -6.24 -47.89 -1.50
C THR A 326 -6.85 -46.53 -1.23
N PHE A 327 -6.59 -45.97 -0.06
CA PHE A 327 -7.19 -44.69 0.31
C PHE A 327 -6.73 -43.57 -0.61
N VAL A 328 -5.43 -43.49 -0.88
CA VAL A 328 -4.91 -42.37 -1.66
C VAL A 328 -5.36 -42.46 -3.12
N ILE A 329 -5.22 -43.64 -3.73
CA ILE A 329 -5.64 -43.77 -5.12
C ILE A 329 -7.14 -43.57 -5.25
N SER A 330 -7.91 -44.13 -4.32
CA SER A 330 -9.35 -43.96 -4.34
C SER A 330 -9.74 -42.50 -4.16
N THR A 331 -9.03 -41.76 -3.29
CA THR A 331 -9.41 -40.37 -3.08
C THR A 331 -9.04 -39.51 -4.28
N LEU A 332 -7.92 -39.80 -4.94
CA LEU A 332 -7.60 -39.08 -6.17
C LEU A 332 -8.69 -39.30 -7.22
N LEU A 333 -8.99 -40.57 -7.49
CA LEU A 333 -9.94 -40.91 -8.52
C LEU A 333 -11.33 -40.38 -8.18
N PHE A 334 -11.73 -40.46 -6.92
CA PHE A 334 -13.05 -40.02 -6.52
C PHE A 334 -13.17 -38.51 -6.44
N CYS A 335 -12.08 -37.79 -6.11
CA CYS A 335 -12.14 -36.34 -6.24
C CYS A 335 -12.37 -35.95 -7.69
N LEU A 336 -11.65 -36.58 -8.62
CA LEU A 336 -11.86 -36.25 -10.02
C LEU A 336 -13.28 -36.58 -10.46
N ILE A 337 -13.78 -37.76 -10.09
CA ILE A 337 -15.12 -38.16 -10.52
C ILE A 337 -16.19 -37.31 -9.86
N ALA A 338 -16.06 -37.02 -8.57
CA ALA A 338 -17.04 -36.19 -7.89
C ALA A 338 -17.08 -34.80 -8.49
N ARG A 339 -15.92 -34.22 -8.77
CA ARG A 339 -15.88 -32.89 -9.38
C ARG A 339 -16.53 -32.91 -10.75
N VAL A 340 -16.19 -33.90 -11.59
CA VAL A 340 -16.73 -33.96 -12.94
C VAL A 340 -18.24 -34.18 -12.90
N LEU A 341 -18.70 -35.13 -12.08
CA LEU A 341 -20.12 -35.41 -12.01
C LEU A 341 -20.90 -34.22 -11.49
N GLY A 342 -20.38 -33.55 -10.46
CA GLY A 342 -21.06 -32.38 -9.95
C GLY A 342 -21.15 -31.28 -11.00
N VAL A 343 -20.05 -31.01 -11.70
CA VAL A 343 -20.08 -29.95 -12.69
C VAL A 343 -21.05 -30.30 -13.81
N LEU A 344 -21.00 -31.52 -14.33
CA LEU A 344 -21.89 -31.92 -15.42
C LEU A 344 -23.34 -31.83 -14.99
N GLY A 345 -23.68 -32.43 -13.84
CA GLY A 345 -25.06 -32.43 -13.40
C GLY A 345 -25.60 -31.04 -13.12
N LEU A 346 -24.80 -30.20 -12.45
CA LEU A 346 -25.29 -28.88 -12.10
C LEU A 346 -25.37 -27.98 -13.32
N THR A 347 -24.43 -28.10 -14.26
CA THR A 347 -24.54 -27.36 -15.51
C THR A 347 -25.78 -27.77 -16.29
N TRP A 348 -26.05 -29.08 -16.34
CA TRP A 348 -27.26 -29.52 -17.02
C TRP A 348 -28.50 -28.97 -16.33
N PHE A 349 -28.50 -28.93 -15.00
CA PHE A 349 -29.67 -28.46 -14.27
C PHE A 349 -29.88 -26.96 -14.47
N ILE A 350 -28.81 -26.18 -14.61
CA ILE A 350 -28.97 -24.73 -14.63
C ILE A 350 -28.91 -24.12 -16.04
N ASN A 351 -28.47 -24.87 -17.05
CA ASN A 351 -28.59 -24.37 -18.41
C ASN A 351 -30.05 -24.17 -18.78
N LYS A 352 -30.91 -25.14 -18.42
CA LYS A 352 -32.32 -25.04 -18.74
C LYS A 352 -33.04 -23.95 -17.95
N PHE A 353 -32.41 -23.37 -16.94
CA PHE A 353 -32.99 -22.29 -16.16
C PHE A 353 -32.31 -20.95 -16.41
N ARG A 354 -31.70 -20.77 -17.58
CA ARG A 354 -31.03 -19.52 -17.88
C ARG A 354 -30.96 -19.32 -19.38
N ILE A 355 -30.53 -18.13 -19.79
CA ILE A 355 -30.52 -17.72 -21.19
C ILE A 355 -29.21 -18.09 -21.87
N VAL A 356 -28.08 -17.75 -21.26
CA VAL A 356 -26.77 -18.03 -21.82
C VAL A 356 -26.28 -19.35 -21.23
N LYS A 357 -26.19 -20.37 -22.07
CA LYS A 357 -25.82 -21.69 -21.60
C LYS A 357 -24.32 -21.75 -21.30
N LEU A 358 -23.92 -22.82 -20.63
CA LEU A 358 -22.52 -23.07 -20.29
C LEU A 358 -21.95 -24.08 -21.30
N THR A 359 -20.95 -23.65 -22.05
CA THR A 359 -20.40 -24.48 -23.10
C THR A 359 -19.57 -25.61 -22.52
N PRO A 360 -19.35 -26.69 -23.30
CA PRO A 360 -18.44 -27.74 -22.83
C PRO A 360 -17.05 -27.24 -22.53
N LYS A 361 -16.62 -26.14 -23.15
CA LYS A 361 -15.36 -25.49 -22.78
C LYS A 361 -15.33 -25.18 -21.30
N ASP A 362 -16.27 -24.37 -20.83
CA ASP A 362 -16.25 -23.95 -19.44
C ASP A 362 -16.66 -25.08 -18.50
N GLN A 363 -17.51 -26.00 -18.96
CA GLN A 363 -17.80 -27.17 -18.14
C GLN A 363 -16.53 -27.99 -17.89
N PHE A 364 -15.71 -28.16 -18.93
CA PHE A 364 -14.46 -28.88 -18.74
C PHE A 364 -13.50 -28.12 -17.85
N ILE A 365 -13.43 -26.79 -18.00
CA ILE A 365 -12.52 -26.00 -17.18
C ILE A 365 -12.92 -26.06 -15.71
N ILE A 366 -14.22 -25.96 -15.43
CA ILE A 366 -14.67 -26.04 -14.03
C ILE A 366 -14.48 -27.46 -13.49
N ALA A 367 -14.90 -28.47 -14.25
CA ALA A 367 -14.80 -29.84 -13.79
C ALA A 367 -13.35 -30.29 -13.70
N TYR A 368 -12.59 -30.09 -14.76
CA TYR A 368 -11.18 -30.45 -14.80
C TYR A 368 -10.41 -29.14 -14.73
N GLY A 369 -9.91 -28.80 -13.56
CA GLY A 369 -9.25 -27.53 -13.39
C GLY A 369 -9.52 -26.95 -12.02
N GLY A 370 -10.47 -27.53 -11.30
CA GLY A 370 -10.60 -27.18 -9.91
C GLY A 370 -9.44 -27.78 -9.15
N LEU A 371 -8.48 -26.94 -8.73
CA LEU A 371 -7.26 -27.41 -8.11
C LEU A 371 -7.19 -27.00 -6.65
N ARG A 372 -6.81 -27.96 -5.80
CA ARG A 372 -6.76 -27.77 -4.36
C ARG A 372 -5.52 -26.98 -3.98
N GLY A 373 -5.52 -26.50 -2.74
CA GLY A 373 -4.33 -25.84 -2.22
C GLY A 373 -4.58 -24.72 -1.24
N ALA A 374 -3.77 -24.68 -0.18
CA ALA A 374 -3.65 -23.56 0.74
C ALA A 374 -4.85 -23.40 1.65
N ILE A 375 -5.93 -24.12 1.39
CA ILE A 375 -7.04 -24.23 2.31
C ILE A 375 -7.39 -25.69 2.59
N ALA A 376 -7.36 -26.53 1.55
CA ALA A 376 -7.49 -27.96 1.77
C ALA A 376 -6.38 -28.47 2.68
N PHE A 377 -5.14 -28.12 2.38
CA PHE A 377 -4.02 -28.58 3.20
C PHE A 377 -4.15 -28.07 4.63
N SER A 378 -4.39 -26.77 4.79
CA SER A 378 -4.44 -26.19 6.13
C SER A 378 -5.62 -26.71 6.92
N LEU A 379 -6.78 -26.87 6.29
CA LEU A 379 -7.91 -27.46 6.98
C LEU A 379 -7.61 -28.89 7.41
N GLY A 380 -7.00 -29.67 6.54
CA GLY A 380 -6.68 -31.04 6.88
C GLY A 380 -5.45 -31.21 7.74
N TYR A 381 -4.73 -30.13 8.01
CA TYR A 381 -3.54 -30.17 8.83
C TYR A 381 -3.83 -29.83 10.28
N LEU A 382 -4.86 -29.04 10.53
CA LEU A 382 -5.22 -28.64 11.88
C LEU A 382 -6.15 -29.65 12.55
N LEU A 383 -6.39 -30.79 11.91
CA LEU A 383 -7.17 -31.84 12.55
C LEU A 383 -6.41 -32.36 13.77
N ASP A 384 -7.14 -32.61 14.85
CA ASP A 384 -6.53 -33.13 16.06
C ASP A 384 -6.01 -34.54 15.84
N LYS A 385 -5.16 -34.98 16.76
CA LYS A 385 -4.78 -36.38 16.83
C LYS A 385 -5.62 -37.15 17.83
N LYS A 386 -6.06 -36.50 18.92
CA LYS A 386 -6.98 -37.12 19.85
C LYS A 386 -8.28 -37.48 19.14
N HIS A 387 -8.99 -36.47 18.66
CA HIS A 387 -10.03 -36.68 17.67
C HIS A 387 -9.38 -37.05 16.35
N PHE A 388 -10.08 -37.83 15.54
CA PHE A 388 -9.56 -38.25 14.24
C PHE A 388 -8.18 -38.86 14.35
N PRO A 389 -8.05 -40.08 14.87
CA PRO A 389 -6.72 -40.69 14.98
C PRO A 389 -6.07 -40.95 13.63
N MET A 390 -6.84 -40.95 12.55
CA MET A 390 -6.33 -41.23 11.21
C MET A 390 -5.88 -39.99 10.47
N CYS A 391 -5.81 -38.84 11.15
CA CYS A 391 -5.56 -37.56 10.49
C CYS A 391 -4.23 -37.53 9.73
N ASP A 392 -3.27 -38.38 10.08
CA ASP A 392 -2.05 -38.45 9.28
C ASP A 392 -2.34 -39.03 7.90
N LEU A 393 -3.19 -40.05 7.82
CA LEU A 393 -3.62 -40.56 6.52
C LEU A 393 -4.41 -39.52 5.74
N PHE A 394 -5.26 -38.75 6.41
CA PHE A 394 -5.97 -37.67 5.74
C PHE A 394 -5.00 -36.64 5.19
N LEU A 395 -3.98 -36.29 5.98
CA LEU A 395 -2.98 -35.34 5.50
C LEU A 395 -2.24 -35.88 4.29
N THR A 396 -1.86 -37.17 4.31
CA THR A 396 -1.18 -37.73 3.16
C THR A 396 -2.07 -37.72 1.93
N ALA A 397 -3.35 -38.07 2.09
CA ALA A 397 -4.27 -38.04 0.95
C ALA A 397 -4.46 -36.63 0.44
N ILE A 398 -4.58 -35.65 1.34
CA ILE A 398 -4.78 -34.27 0.94
C ILE A 398 -3.57 -33.73 0.21
N ILE A 399 -2.37 -34.03 0.72
CA ILE A 399 -1.15 -33.58 0.06
C ILE A 399 -1.03 -34.20 -1.32
N THR A 400 -1.32 -35.50 -1.44
CA THR A 400 -1.25 -36.15 -2.74
C THR A 400 -2.28 -35.56 -3.70
N VAL A 401 -3.47 -35.27 -3.21
CA VAL A 401 -4.51 -34.68 -4.06
C VAL A 401 -4.09 -33.28 -4.49
N ILE A 402 -3.49 -32.50 -3.61
CA ILE A 402 -3.03 -31.17 -3.98
C ILE A 402 -1.96 -31.27 -5.07
N PHE A 403 -0.98 -32.16 -4.88
CA PHE A 403 0.09 -32.28 -5.86
C PHE A 403 -0.45 -32.77 -7.20
N PHE A 404 -1.35 -33.74 -7.18
CA PHE A 404 -1.89 -34.26 -8.43
C PHE A 404 -2.78 -33.25 -9.12
N THR A 405 -3.56 -32.48 -8.36
CA THR A 405 -4.51 -31.55 -8.93
C THR A 405 -3.87 -30.24 -9.33
N VAL A 406 -2.65 -29.97 -8.86
CA VAL A 406 -1.93 -28.76 -9.22
C VAL A 406 -0.89 -29.03 -10.31
N PHE A 407 -0.21 -30.17 -10.24
CA PHE A 407 0.87 -30.47 -11.18
C PHE A 407 0.41 -31.27 -12.39
N VAL A 408 -0.63 -32.07 -12.27
CA VAL A 408 -1.12 -32.86 -13.37
C VAL A 408 -2.42 -32.29 -13.93
N GLN A 409 -3.28 -31.78 -13.07
CA GLN A 409 -4.57 -31.22 -13.46
C GLN A 409 -4.48 -29.72 -13.76
N GLY A 410 -3.34 -29.10 -13.52
CA GLY A 410 -3.17 -27.69 -13.80
C GLY A 410 -2.13 -27.42 -14.86
N MET A 411 -1.15 -28.31 -14.97
CA MET A 411 -0.16 -28.23 -16.03
C MET A 411 -0.63 -28.89 -17.32
N THR A 412 -1.71 -29.66 -17.28
CA THR A 412 -2.25 -30.33 -18.45
C THR A 412 -3.73 -30.01 -18.60
N ILE A 413 -4.07 -28.73 -18.50
CA ILE A 413 -5.42 -28.26 -18.78
C ILE A 413 -5.45 -27.34 -19.98
N ARG A 414 -4.48 -26.45 -20.10
CA ARG A 414 -4.35 -25.68 -21.34
C ARG A 414 -4.04 -26.54 -22.53
N PRO A 415 -3.05 -27.45 -22.49
CA PRO A 415 -2.90 -28.39 -23.62
C PRO A 415 -3.79 -29.60 -23.46
N LEU A 416 -5.00 -29.37 -22.97
CA LEU A 416 -6.04 -30.38 -22.96
C LEU A 416 -7.42 -29.78 -23.23
N VAL A 417 -7.53 -28.46 -23.37
CA VAL A 417 -8.80 -27.82 -23.62
C VAL A 417 -8.84 -27.15 -24.97
N ASP A 418 -7.68 -26.81 -25.55
CA ASP A 418 -7.64 -26.26 -26.90
C ASP A 418 -7.81 -27.34 -27.96
N LEU A 419 -7.82 -28.62 -27.59
CA LEU A 419 -8.00 -29.69 -28.55
C LEU A 419 -9.31 -30.45 -28.38
N LEU A 420 -9.79 -30.63 -27.15
CA LEU A 420 -11.14 -31.15 -26.96
C LEU A 420 -12.18 -30.11 -27.40
N ARG A 430 -16.01 -5.74 -34.94
CA ARG A 430 -17.15 -5.09 -34.22
C ARG A 430 -17.59 -3.83 -34.96
N SER A 431 -18.24 -4.01 -36.11
CA SER A 431 -18.70 -2.89 -36.92
C SER A 431 -19.58 -1.92 -36.15
N ILE A 432 -19.75 -0.71 -36.71
CA ILE A 432 -20.57 0.31 -36.09
C ILE A 432 -21.98 -0.25 -35.89
N ASN A 433 -22.48 -0.90 -36.93
CA ASN A 433 -23.81 -1.49 -36.87
C ASN A 433 -23.93 -2.40 -35.65
N GLU A 434 -23.13 -3.45 -35.62
CA GLU A 434 -23.16 -4.39 -34.51
C GLU A 434 -23.29 -3.67 -33.18
N GLU A 435 -22.54 -2.60 -33.01
CA GLU A 435 -22.59 -1.83 -31.76
C GLU A 435 -23.94 -1.17 -31.53
N ILE A 436 -24.42 -0.45 -32.53
CA ILE A 436 -25.72 0.23 -32.43
C ILE A 436 -26.80 -0.79 -32.09
N HIS A 437 -26.89 -1.82 -32.93
CA HIS A 437 -27.88 -2.86 -32.78
C HIS A 437 -27.77 -3.59 -31.45
N THR A 438 -26.54 -3.79 -30.98
CA THR A 438 -26.34 -4.47 -29.71
C THR A 438 -27.08 -3.69 -28.64
N GLN A 439 -26.74 -2.42 -28.50
CA GLN A 439 -27.38 -1.57 -27.50
C GLN A 439 -28.88 -1.56 -27.73
N PHE A 440 -29.27 -1.56 -28.99
CA PHE A 440 -30.69 -1.53 -29.33
C PHE A 440 -31.41 -2.79 -28.83
N LEU A 441 -30.92 -3.96 -29.24
CA LEU A 441 -31.53 -5.21 -28.82
C LEU A 441 -31.54 -5.30 -27.31
N ASP A 442 -30.50 -4.75 -26.71
CA ASP A 442 -30.39 -4.75 -25.27
C ASP A 442 -31.51 -3.92 -24.63
N HIS A 443 -31.68 -2.68 -25.08
CA HIS A 443 -32.73 -1.81 -24.55
C HIS A 443 -34.08 -2.41 -24.88
N LEU A 444 -34.12 -3.16 -25.98
CA LEU A 444 -35.35 -3.80 -26.43
C LEU A 444 -35.77 -4.93 -25.48
N LEU A 445 -34.87 -5.88 -25.30
CA LEU A 445 -35.12 -7.02 -24.43
C LEU A 445 -35.55 -6.56 -23.04
N THR A 446 -34.79 -5.62 -22.48
CA THR A 446 -35.09 -5.08 -21.16
C THR A 446 -36.52 -4.59 -21.08
N GLY A 447 -36.90 -3.71 -22.01
CA GLY A 447 -38.24 -3.19 -22.03
C GLY A 447 -39.22 -4.33 -22.04
N ILE A 448 -39.00 -5.29 -22.94
CA ILE A 448 -39.87 -6.46 -23.04
C ILE A 448 -39.97 -7.20 -21.71
N GLU A 449 -38.83 -7.51 -21.11
CA GLU A 449 -38.82 -8.21 -19.83
C GLU A 449 -39.57 -7.43 -18.77
N ASP A 450 -39.54 -6.11 -18.90
CA ASP A 450 -40.24 -5.25 -17.95
C ASP A 450 -41.74 -5.28 -18.21
N ILE A 451 -42.12 -5.60 -19.46
CA ILE A 451 -43.56 -5.66 -19.84
C ILE A 451 -44.13 -6.99 -19.34
N CYS A 452 -43.49 -8.10 -19.75
CA CYS A 452 -43.92 -9.46 -19.33
C CYS A 452 -44.07 -9.48 -17.81
N GLY A 453 -43.00 -9.09 -17.09
CA GLY A 453 -43.00 -9.05 -15.62
C GLY A 453 -42.85 -10.42 -15.00
N HIS A 454 -41.61 -10.80 -14.69
CA HIS A 454 -41.31 -12.16 -14.13
C HIS A 454 -40.37 -12.04 -12.93
N TYR A 455 -40.02 -10.81 -12.54
CA TYR A 455 -39.12 -10.56 -11.37
C TYR A 455 -37.86 -11.40 -11.54
N GLY A 456 -37.10 -11.15 -12.62
CA GLY A 456 -35.85 -11.88 -12.89
C GLY A 456 -34.73 -11.41 -11.98
N HIS A 457 -33.92 -10.49 -12.51
CA HIS A 457 -32.75 -9.89 -11.85
C HIS A 457 -32.67 -8.40 -12.22
N HIS A 458 -33.05 -8.05 -13.45
CA HIS A 458 -33.04 -6.64 -13.89
C HIS A 458 -33.91 -5.82 -12.93
N HIS A 459 -35.12 -6.31 -12.66
CA HIS A 459 -36.08 -5.65 -11.73
C HIS A 459 -35.42 -5.43 -10.36
N TRP A 460 -34.82 -6.50 -9.81
CA TRP A 460 -34.16 -6.44 -8.48
C TRP A 460 -33.04 -5.40 -8.48
N LYS A 461 -32.24 -5.38 -9.55
CA LYS A 461 -31.10 -4.43 -9.68
C LYS A 461 -31.62 -3.00 -9.74
N ASP A 462 -32.72 -2.77 -10.48
CA ASP A 462 -33.30 -1.41 -10.57
C ASP A 462 -33.79 -0.99 -9.18
N LYS A 463 -34.40 -1.93 -8.44
CA LYS A 463 -34.89 -1.63 -7.07
C LYS A 463 -33.69 -1.26 -6.20
N LEU A 464 -32.60 -2.03 -6.34
CA LEU A 464 -31.34 -1.79 -5.57
C LEU A 464 -30.85 -0.37 -5.89
N ASN A 465 -30.85 0.01 -7.17
CA ASN A 465 -30.39 1.35 -7.62
C ASN A 465 -31.27 2.43 -6.99
N ARG A 466 -32.59 2.24 -6.98
CA ARG A 466 -33.51 3.22 -6.35
C ARG A 466 -33.10 3.37 -4.88
N PHE A 467 -32.91 2.24 -4.19
CA PHE A 467 -32.48 2.25 -2.76
C PHE A 467 -31.19 3.06 -2.62
N ASN A 468 -30.19 2.78 -3.45
CA ASN A 468 -28.89 3.50 -3.42
C ASN A 468 -29.13 5.00 -3.53
N LYS A 469 -29.90 5.42 -4.54
CA LYS A 469 -30.21 6.87 -4.73
C LYS A 469 -30.78 7.41 -3.42
N LYS A 470 -31.84 6.77 -2.92
CA LYS A 470 -32.51 7.16 -1.65
C LYS A 470 -31.47 7.40 -0.55
N TYR A 471 -30.56 6.44 -0.33
CA TYR A 471 -29.51 6.58 0.73
C TYR A 471 -28.69 7.85 0.51
N VAL A 472 -27.91 7.88 -0.58
CA VAL A 472 -27.03 8.98 -1.05
C VAL A 472 -27.72 10.33 -0.75
N LYS B 1 -26.40 -29.58 23.27
CA LYS B 1 -26.00 -28.31 22.66
C LYS B 1 -26.69 -28.10 21.32
N ALA B 2 -27.89 -27.54 21.36
CA ALA B 2 -28.63 -27.30 20.13
C ALA B 2 -27.90 -26.28 19.26
N PHE B 3 -28.14 -26.38 17.94
CA PHE B 3 -27.40 -25.60 16.96
C PHE B 3 -25.90 -25.78 17.18
N PRO B 4 -25.36 -26.92 16.76
CA PRO B 4 -24.00 -27.31 17.15
C PRO B 4 -22.94 -26.22 17.10
N VAL B 5 -22.73 -25.62 15.93
CA VAL B 5 -21.53 -24.79 15.74
C VAL B 5 -21.63 -23.51 16.58
N LEU B 6 -22.83 -22.95 16.70
CA LEU B 6 -22.99 -21.64 17.32
C LEU B 6 -22.46 -21.63 18.76
N GLY B 7 -21.77 -20.56 19.09
CA GLY B 7 -21.21 -20.38 20.42
C GLY B 7 -20.88 -18.92 20.61
N ILE B 8 -20.28 -18.62 21.75
CA ILE B 8 -19.92 -17.23 22.03
C ILE B 8 -18.46 -17.18 22.48
N ASP B 9 -17.65 -18.11 21.98
CA ASP B 9 -16.25 -18.20 22.40
C ASP B 9 -15.48 -16.93 22.07
N TYR B 10 -15.14 -16.16 23.09
CA TYR B 10 -14.46 -14.88 22.94
C TYR B 10 -12.98 -14.94 23.25
N THR B 11 -12.54 -15.92 24.03
CA THR B 11 -11.11 -16.08 24.29
C THR B 11 -10.35 -16.35 22.99
N HIS B 12 -11.00 -16.99 22.02
CA HIS B 12 -10.37 -17.26 20.74
C HIS B 12 -9.96 -15.95 20.06
N VAL B 13 -10.84 -14.95 20.07
CA VAL B 13 -10.56 -13.66 19.46
C VAL B 13 -10.63 -12.61 20.57
N ARG B 14 -9.52 -12.43 21.27
CA ARG B 14 -9.37 -11.31 22.19
C ARG B 14 -8.23 -10.40 21.77
N THR B 15 -7.03 -10.93 21.64
CA THR B 15 -5.91 -10.10 21.21
C THR B 15 -6.14 -9.50 19.83
N PRO B 16 -6.48 -10.26 18.79
CA PRO B 16 -6.69 -9.62 17.48
C PRO B 16 -7.88 -8.68 17.47
N PHE B 17 -8.99 -9.09 18.09
CA PHE B 17 -10.18 -8.26 18.08
C PHE B 17 -9.99 -6.99 18.87
N GLU B 18 -9.34 -7.07 20.05
CA GLU B 18 -9.16 -5.86 20.83
C GLU B 18 -8.09 -4.95 20.24
N ILE B 19 -7.05 -5.51 19.64
CA ILE B 19 -6.07 -4.67 18.97
C ILE B 19 -6.72 -3.96 17.78
N SER B 20 -7.59 -4.67 17.05
CA SER B 20 -8.34 -4.03 15.98
C SER B 20 -9.25 -2.94 16.51
N LEU B 21 -9.88 -3.18 17.66
CA LEU B 21 -10.71 -2.14 18.29
C LEU B 21 -9.88 -0.92 18.64
N TRP B 22 -8.69 -1.12 19.18
CA TRP B 22 -7.83 0.00 19.54
C TRP B 22 -7.40 0.79 18.32
N ILE B 23 -6.96 0.10 17.28
CA ILE B 23 -6.53 0.80 16.08
C ILE B 23 -7.71 1.52 15.44
N LEU B 24 -8.90 0.92 15.51
CA LEU B 24 -10.09 1.59 15.00
C LEU B 24 -10.41 2.84 15.80
N LEU B 25 -10.32 2.77 17.13
CA LEU B 25 -10.58 3.95 17.94
C LEU B 25 -9.57 5.05 17.66
N ALA B 26 -8.28 4.69 17.54
CA ALA B 26 -7.27 5.69 17.23
C ALA B 26 -7.50 6.32 15.87
N CYS B 27 -7.85 5.50 14.87
CA CYS B 27 -8.12 6.04 13.54
C CYS B 27 -9.36 6.93 13.55
N LEU B 28 -10.40 6.54 14.29
CA LEU B 28 -11.59 7.36 14.37
C LEU B 28 -11.32 8.69 15.05
N MET B 29 -10.44 8.70 16.05
CA MET B 29 -10.06 9.98 16.63
C MET B 29 -9.18 10.79 15.70
N LYS B 30 -8.35 10.13 14.88
CA LYS B 30 -7.60 10.89 13.88
C LYS B 30 -8.53 11.56 12.87
N ILE B 31 -9.56 10.85 12.41
CA ILE B 31 -10.55 11.48 11.53
C ILE B 31 -11.52 12.33 12.31
N GLY B 32 -11.44 12.34 13.63
CA GLY B 32 -12.07 13.35 14.45
C GLY B 32 -11.10 14.38 14.98
N PHE B 33 -9.85 14.37 14.53
CA PHE B 33 -8.81 15.30 14.97
C PHE B 33 -8.43 16.30 13.88
N HIS B 34 -8.67 15.96 12.62
CA HIS B 34 -8.42 16.85 11.50
C HIS B 34 -9.67 17.57 11.01
N VAL B 35 -10.84 17.23 11.55
CA VAL B 35 -12.06 17.91 11.14
C VAL B 35 -12.34 19.14 12.00
N ILE B 36 -11.84 19.17 13.23
CA ILE B 36 -11.91 20.41 14.01
C ILE B 36 -11.13 21.49 13.29
N PRO B 37 -11.69 22.70 13.08
CA PRO B 37 -11.13 23.62 12.07
C PRO B 37 -9.64 23.85 12.15
N THR B 38 -9.14 24.36 13.28
CA THR B 38 -7.72 24.61 13.48
C THR B 38 -7.32 24.00 14.81
N ILE B 39 -7.02 22.70 14.81
CA ILE B 39 -6.44 22.05 15.98
C ILE B 39 -5.23 21.21 15.64
N SER B 40 -5.06 20.77 14.40
CA SER B 40 -3.86 20.02 14.04
C SER B 40 -2.61 20.89 14.04
N SER B 41 -2.77 22.20 13.95
CA SER B 41 -1.65 23.14 13.95
C SER B 41 -1.49 23.84 15.29
N ILE B 42 -2.27 23.47 16.30
CA ILE B 42 -2.10 23.98 17.65
C ILE B 42 -1.58 22.90 18.60
N VAL B 43 -1.99 21.66 18.40
CA VAL B 43 -1.62 20.57 19.30
C VAL B 43 -0.98 19.47 18.47
N PRO B 44 0.10 18.86 18.93
CA PRO B 44 0.79 17.85 18.11
C PRO B 44 -0.03 16.56 17.99
N GLU B 45 0.39 15.73 17.05
CA GLU B 45 -0.23 14.42 16.88
C GLU B 45 0.02 13.54 18.10
N SER B 46 1.18 13.69 18.72
CA SER B 46 1.51 12.89 19.90
C SER B 46 0.51 13.11 21.02
N CYS B 47 -0.04 14.32 21.14
CA CYS B 47 -1.08 14.55 22.13
C CYS B 47 -2.33 13.73 21.82
N LEU B 48 -2.70 13.64 20.55
CA LEU B 48 -3.83 12.80 20.18
C LEU B 48 -3.55 11.34 20.52
N LEU B 49 -2.33 10.87 20.27
CA LEU B 49 -2.00 9.50 20.62
C LEU B 49 -2.08 9.29 22.12
N ILE B 50 -1.60 10.26 22.91
CA ILE B 50 -1.68 10.16 24.36
C ILE B 50 -3.13 10.06 24.81
N VAL B 51 -3.99 10.91 24.23
CA VAL B 51 -5.39 10.94 24.65
C VAL B 51 -6.10 9.66 24.24
N VAL B 52 -5.80 9.14 23.06
CA VAL B 52 -6.38 7.87 22.63
C VAL B 52 -5.95 6.75 23.57
N GLY B 53 -4.66 6.71 23.92
CA GLY B 53 -4.20 5.72 24.87
C GLY B 53 -4.88 5.87 26.22
N LEU B 54 -5.11 7.10 26.66
CA LEU B 54 -5.78 7.33 27.93
C LEU B 54 -7.22 6.82 27.90
N LEU B 55 -7.95 7.08 26.81
CA LEU B 55 -9.31 6.57 26.71
C LEU B 55 -9.34 5.05 26.67
N VAL B 56 -8.42 4.43 25.92
CA VAL B 56 -8.43 2.97 25.84
C VAL B 56 -8.06 2.37 27.19
N GLY B 57 -7.06 2.95 27.87
CA GLY B 57 -6.71 2.47 29.19
C GLY B 57 -7.82 2.68 30.20
N GLY B 58 -8.55 3.78 30.08
CA GLY B 58 -9.69 3.99 30.96
C GLY B 58 -10.79 2.99 30.73
N LEU B 59 -11.04 2.66 29.46
CA LEU B 59 -12.02 1.61 29.16
C LEU B 59 -11.58 0.27 29.72
N ILE B 60 -10.30 -0.05 29.59
CA ILE B 60 -9.79 -1.31 30.14
C ILE B 60 -9.93 -1.33 31.65
N LYS B 61 -9.60 -0.23 32.31
CA LYS B 61 -9.72 -0.14 33.77
C LYS B 61 -11.17 -0.27 34.20
N GLY B 62 -12.08 0.42 33.52
CA GLY B 62 -13.48 0.39 33.91
C GLY B 62 -14.12 -0.97 33.69
N VAL B 63 -13.85 -1.61 32.55
CA VAL B 63 -14.40 -2.94 32.31
C VAL B 63 -13.86 -3.93 33.34
N GLY B 64 -12.57 -3.85 33.64
CA GLY B 64 -11.95 -4.76 34.57
C GLY B 64 -11.03 -5.78 33.94
N GLU B 65 -10.79 -5.70 32.63
CA GLU B 65 -9.88 -6.61 31.97
C GLU B 65 -8.46 -6.44 32.51
N THR B 66 -7.72 -7.53 32.57
CA THR B 66 -6.31 -7.46 32.86
C THR B 66 -5.63 -6.67 31.74
N PRO B 67 -4.93 -5.59 32.06
CA PRO B 67 -4.37 -4.73 31.01
C PRO B 67 -3.28 -5.44 30.25
N PRO B 68 -3.28 -5.34 28.92
CA PRO B 68 -2.22 -5.96 28.12
C PRO B 68 -0.90 -5.23 28.33
N PHE B 69 0.16 -5.84 27.79
CA PHE B 69 1.49 -5.32 28.05
C PHE B 69 2.40 -5.62 26.87
N LEU B 70 3.46 -4.81 26.75
CA LEU B 70 4.51 -5.09 25.77
C LEU B 70 5.35 -6.26 26.25
N GLN B 71 5.60 -7.21 25.36
CA GLN B 71 6.33 -8.42 25.74
C GLN B 71 7.84 -8.27 25.58
N SER B 72 8.33 -7.10 25.17
CA SER B 72 9.76 -6.83 25.03
C SER B 72 10.38 -7.60 23.89
N ASP B 73 9.59 -8.49 23.28
CA ASP B 73 9.89 -9.09 22.01
C ASP B 73 9.00 -8.55 20.91
N VAL B 74 7.74 -8.22 21.24
CA VAL B 74 6.88 -7.58 20.26
C VAL B 74 7.35 -6.17 19.97
N PHE B 75 7.83 -5.45 20.99
CA PHE B 75 8.29 -4.09 20.75
C PHE B 75 9.55 -4.06 19.89
N PHE B 76 10.57 -4.82 20.30
CA PHE B 76 11.86 -4.73 19.63
C PHE B 76 11.89 -5.47 18.30
N LEU B 77 10.83 -6.19 17.92
CA LEU B 77 10.81 -6.92 16.67
C LEU B 77 9.66 -6.57 15.74
N PHE B 78 8.56 -6.03 16.25
CA PHE B 78 7.37 -5.84 15.44
C PHE B 78 6.84 -4.42 15.53
N LEU B 79 7.15 -3.71 16.61
CA LEU B 79 6.63 -2.37 16.83
C LEU B 79 7.66 -1.28 16.65
N LEU B 80 8.93 -1.57 16.88
CA LEU B 80 9.98 -0.59 16.67
C LEU B 80 10.39 -0.45 15.22
N PRO B 81 10.65 -1.54 14.48
CA PRO B 81 11.13 -1.38 13.11
C PRO B 81 10.13 -0.68 12.19
N PRO B 82 8.81 -0.80 12.37
CA PRO B 82 7.92 0.08 11.59
C PRO B 82 8.23 1.56 11.76
N ILE B 83 8.28 2.03 13.01
CA ILE B 83 8.53 3.44 13.28
C ILE B 83 9.87 3.86 12.72
N ILE B 84 10.89 3.05 12.99
CA ILE B 84 12.24 3.41 12.56
C ILE B 84 12.34 3.45 11.04
N LEU B 85 11.74 2.47 10.36
CA LEU B 85 11.86 2.43 8.90
C LEU B 85 11.05 3.55 8.26
N ASP B 86 9.88 3.87 8.80
CA ASP B 86 9.13 5.01 8.28
C ASP B 86 9.93 6.28 8.44
N ALA B 87 10.53 6.49 9.60
CA ALA B 87 11.31 7.70 9.82
C ALA B 87 12.52 7.75 8.90
N GLY B 88 13.30 6.68 8.85
CA GLY B 88 14.55 6.66 8.14
C GLY B 88 14.50 6.31 6.68
N TYR B 89 13.31 6.06 6.13
CA TYR B 89 13.20 5.82 4.70
C TYR B 89 13.04 7.13 3.93
N PHE B 90 12.07 7.96 4.32
CA PHE B 90 11.88 9.26 3.70
C PHE B 90 12.83 10.31 4.21
N LEU B 91 13.96 9.89 4.76
CA LEU B 91 15.02 10.82 5.11
C LEU B 91 15.50 11.52 3.84
N PRO B 92 15.49 12.85 3.80
CA PRO B 92 15.93 13.57 2.59
C PRO B 92 17.43 13.49 2.43
N LEU B 93 17.91 12.44 1.75
CA LEU B 93 19.33 12.12 1.72
C LEU B 93 20.19 13.30 1.30
N ARG B 94 19.70 14.13 0.36
CA ARG B 94 20.43 15.34 0.00
C ARG B 94 20.72 16.19 1.23
N GLN B 95 19.66 16.71 1.86
CA GLN B 95 19.84 17.60 3.00
C GLN B 95 20.55 16.89 4.14
N PHE B 96 20.26 15.60 4.32
CA PHE B 96 20.87 14.85 5.41
C PHE B 96 22.38 14.77 5.24
N THR B 97 22.87 14.51 4.03
CA THR B 97 24.30 14.36 3.84
C THR B 97 25.01 15.68 3.58
N GLU B 98 24.27 16.74 3.24
CA GLU B 98 24.90 18.05 3.12
C GLU B 98 25.47 18.46 4.46
N ASN B 99 24.60 18.70 5.43
CA ASN B 99 25.03 18.99 6.80
C ASN B 99 24.90 17.73 7.65
N LEU B 100 25.68 16.73 7.28
CA LEU B 100 25.75 15.52 8.09
C LEU B 100 26.50 15.75 9.40
N GLY B 101 27.47 16.66 9.38
CA GLY B 101 28.26 16.90 10.58
C GLY B 101 27.41 17.39 11.73
N THR B 102 26.56 18.39 11.48
CA THR B 102 25.75 18.93 12.57
C THR B 102 24.69 17.94 13.02
N ILE B 103 24.13 17.16 12.11
CA ILE B 103 23.14 16.15 12.50
C ILE B 103 23.77 15.09 13.38
N LEU B 104 24.96 14.61 12.99
CA LEU B 104 25.65 13.63 13.82
C LEU B 104 26.02 14.23 15.16
N ILE B 105 26.52 15.47 15.17
CA ILE B 105 26.82 16.14 16.43
C ILE B 105 25.61 16.15 17.34
N PHE B 106 24.52 16.81 16.91
CA PHE B 106 23.32 16.83 17.74
C PHE B 106 22.90 15.44 18.16
N ALA B 107 22.57 14.58 17.22
CA ALA B 107 22.05 13.26 17.58
C ALA B 107 22.98 12.52 18.53
N VAL B 108 24.17 12.14 18.08
CA VAL B 108 25.03 11.30 18.89
C VAL B 108 25.51 12.03 20.14
N VAL B 109 26.19 13.16 19.96
CA VAL B 109 26.84 13.81 21.09
C VAL B 109 25.80 14.41 22.04
N GLY B 110 24.78 15.08 21.51
CA GLY B 110 23.74 15.61 22.36
C GLY B 110 22.94 14.54 23.08
N THR B 111 22.73 13.39 22.45
CA THR B 111 22.08 12.29 23.14
C THR B 111 22.95 11.75 24.27
N LEU B 112 24.25 11.60 24.01
CA LEU B 112 25.16 11.17 25.05
C LEU B 112 25.21 12.19 26.18
N TRP B 113 25.21 13.47 25.84
CA TRP B 113 25.22 14.52 26.87
C TRP B 113 23.94 14.47 27.70
N ASN B 114 22.79 14.36 27.03
CA ASN B 114 21.53 14.25 27.77
C ASN B 114 21.56 13.05 28.69
N ALA B 115 21.96 11.89 28.17
CA ALA B 115 21.96 10.66 28.94
C ALA B 115 22.86 10.77 30.16
N PHE B 116 24.12 11.18 29.95
CA PHE B 116 25.06 11.20 31.07
C PHE B 116 24.82 12.36 32.01
N PHE B 117 24.36 13.51 31.51
CA PHE B 117 24.02 14.62 32.39
C PHE B 117 22.82 14.27 33.27
N LEU B 118 21.77 13.69 32.68
CA LEU B 118 20.63 13.26 33.48
C LEU B 118 21.03 12.15 34.44
N GLY B 119 21.86 11.21 34.01
CA GLY B 119 22.32 10.17 34.93
C GLY B 119 23.08 10.75 36.11
N GLY B 120 24.02 11.66 35.84
CA GLY B 120 24.80 12.25 36.91
C GLY B 120 23.96 13.09 37.86
N LEU B 121 23.09 13.94 37.32
CA LEU B 121 22.29 14.79 38.19
C LEU B 121 21.24 14.01 38.95
N MET B 122 20.64 12.99 38.34
CA MET B 122 19.70 12.15 39.07
C MET B 122 20.42 11.34 40.13
N TYR B 123 21.65 10.89 39.85
CA TYR B 123 22.44 10.23 40.88
C TYR B 123 22.75 11.18 42.03
N ALA B 124 23.07 12.43 41.71
CA ALA B 124 23.32 13.42 42.76
C ALA B 124 22.08 13.65 43.60
N VAL B 125 20.91 13.72 42.95
CA VAL B 125 19.66 13.88 43.69
C VAL B 125 19.39 12.66 44.57
N CYS B 126 19.59 11.46 44.03
CA CYS B 126 19.33 10.25 44.81
C CYS B 126 20.27 10.14 46.00
N LEU B 127 21.53 10.53 45.82
CA LEU B 127 22.48 10.46 46.93
C LEU B 127 22.03 11.33 48.09
N VAL B 128 21.45 12.49 47.81
CA VAL B 128 21.00 13.42 48.83
C VAL B 128 19.49 13.41 48.98
N GLY B 129 18.81 12.41 48.40
CA GLY B 129 17.37 12.32 48.50
C GLY B 129 16.93 11.46 49.67
N GLY B 130 15.62 11.23 49.73
CA GLY B 130 15.06 10.43 50.79
C GLY B 130 15.50 8.98 50.70
N GLU B 131 15.17 8.23 51.76
CA GLU B 131 15.62 6.85 51.85
C GLU B 131 15.02 5.95 50.78
N GLN B 132 13.98 6.40 50.08
CA GLN B 132 13.36 5.60 49.03
C GLN B 132 13.87 5.91 47.63
N ILE B 133 14.81 6.84 47.48
CA ILE B 133 15.52 7.02 46.22
C ILE B 133 17.01 6.76 46.35
N ASN B 134 17.52 6.56 47.56
CA ASN B 134 18.88 6.04 47.67
C ASN B 134 18.91 4.60 47.16
N ASN B 135 20.12 4.05 47.11
CA ASN B 135 20.38 2.69 46.67
C ASN B 135 20.03 2.46 45.20
N ILE B 136 19.67 3.51 44.46
CA ILE B 136 19.49 3.36 43.01
C ILE B 136 20.83 3.16 42.34
N GLY B 137 21.84 3.91 42.75
CA GLY B 137 23.16 3.74 42.18
C GLY B 137 23.35 4.56 40.94
N LEU B 138 24.51 4.37 40.31
CA LEU B 138 24.85 5.15 39.12
C LEU B 138 24.36 4.48 37.85
N LEU B 139 24.73 3.22 37.63
CA LEU B 139 24.37 2.56 36.39
C LEU B 139 22.86 2.41 36.24
N ASP B 140 22.17 2.04 37.33
CA ASP B 140 20.71 1.98 37.27
C ASP B 140 20.09 3.34 37.00
N ASN B 141 20.76 4.41 37.38
CA ASN B 141 20.22 5.75 37.20
C ASN B 141 20.72 6.38 35.89
N LEU B 142 21.94 6.05 35.49
CA LEU B 142 22.45 6.48 34.20
C LEU B 142 21.67 5.81 33.07
N LEU B 143 21.24 4.57 33.28
CA LEU B 143 20.33 3.91 32.34
C LEU B 143 19.00 4.63 32.24
N PHE B 144 18.45 5.09 33.36
CA PHE B 144 17.23 5.87 33.30
C PHE B 144 17.44 7.16 32.53
N GLY B 145 18.56 7.83 32.77
CA GLY B 145 18.87 9.03 32.02
C GLY B 145 18.96 8.77 30.52
N SER B 146 19.54 7.63 30.14
CA SER B 146 19.62 7.29 28.72
C SER B 146 18.25 6.98 28.14
N ILE B 147 17.40 6.31 28.91
CA ILE B 147 16.05 6.00 28.44
C ILE B 147 15.24 7.26 28.21
N ILE B 148 15.32 8.19 29.17
CA ILE B 148 14.47 9.38 29.13
C ILE B 148 14.97 10.42 28.14
N SER B 149 16.17 10.24 27.59
CA SER B 149 16.69 11.11 26.55
C SER B 149 16.34 10.63 25.16
N ALA B 150 15.49 9.61 25.04
CA ALA B 150 14.98 9.15 23.76
C ALA B 150 13.86 10.11 23.36
N VAL B 151 14.22 11.10 22.54
CA VAL B 151 13.37 12.26 22.33
C VAL B 151 13.00 12.35 20.86
N ASP B 152 11.83 12.95 20.60
CA ASP B 152 11.25 13.00 19.26
C ASP B 152 10.85 14.44 18.92
N PRO B 153 11.82 15.30 18.64
CA PRO B 153 11.48 16.70 18.34
C PRO B 153 10.67 16.89 17.07
N VAL B 154 10.73 15.95 16.12
CA VAL B 154 10.08 16.12 14.83
C VAL B 154 8.58 16.23 14.97
N ALA B 155 8.00 15.71 16.06
CA ALA B 155 6.56 15.87 16.27
C ALA B 155 6.16 17.33 16.33
N VAL B 156 7.03 18.17 16.90
CA VAL B 156 6.76 19.60 16.97
C VAL B 156 6.62 20.20 15.58
N LEU B 157 7.28 19.61 14.58
CA LEU B 157 7.15 20.12 13.23
C LEU B 157 5.71 20.11 12.74
N ALA B 158 4.85 19.28 13.34
CA ALA B 158 3.44 19.28 12.95
C ALA B 158 2.75 20.56 13.37
N VAL B 159 3.25 21.22 14.42
CA VAL B 159 2.60 22.43 14.92
C VAL B 159 2.99 23.66 14.10
N PHE B 160 4.12 23.62 13.40
CA PHE B 160 4.57 24.74 12.59
C PHE B 160 4.14 24.54 11.14
N GLU B 161 4.66 25.37 10.24
CA GLU B 161 4.38 25.27 8.83
C GLU B 161 5.65 25.43 8.01
N GLU B 162 5.51 25.65 6.70
CA GLU B 162 6.68 25.89 5.85
C GLU B 162 7.49 27.06 6.38
N ILE B 163 6.82 28.14 6.79
CA ILE B 163 7.50 29.23 7.48
C ILE B 163 7.89 28.76 8.87
N HIS B 164 8.98 29.31 9.39
CA HIS B 164 9.61 29.04 10.68
C HIS B 164 10.36 27.72 10.69
N ILE B 165 10.27 26.90 9.64
CA ILE B 165 11.00 25.63 9.57
C ILE B 165 11.71 25.61 8.22
N ASN B 166 12.95 26.08 8.20
CA ASN B 166 13.74 26.07 6.98
C ASN B 166 14.28 24.66 6.72
N GLU B 167 14.91 24.49 5.55
CA GLU B 167 15.44 23.19 5.19
C GLU B 167 16.58 22.75 6.11
N LEU B 168 17.14 23.67 6.89
CA LEU B 168 18.20 23.30 7.83
C LEU B 168 17.62 22.74 9.12
N LEU B 169 16.71 23.47 9.76
CA LEU B 169 16.13 23.00 11.01
C LEU B 169 15.32 21.73 10.80
N HIS B 170 14.62 21.62 9.67
CA HIS B 170 13.80 20.44 9.43
C HIS B 170 14.67 19.18 9.39
N ILE B 171 15.73 19.20 8.58
CA ILE B 171 16.61 18.04 8.52
C ILE B 171 17.32 17.84 9.84
N LEU B 172 17.64 18.92 10.56
CA LEU B 172 18.33 18.78 11.82
C LEU B 172 17.47 18.01 12.83
N VAL B 173 16.20 18.42 12.99
CA VAL B 173 15.34 17.71 13.92
C VAL B 173 15.01 16.32 13.41
N PHE B 174 14.87 16.13 12.10
CA PHE B 174 14.56 14.81 11.57
C PHE B 174 15.68 13.82 11.87
N GLY B 175 16.92 14.17 11.48
CA GLY B 175 18.05 13.32 11.77
C GLY B 175 18.32 13.17 13.25
N GLU B 176 18.08 14.22 14.03
CA GLU B 176 18.23 14.12 15.47
C GLU B 176 17.27 13.10 16.05
N SER B 177 16.00 13.14 15.62
CA SER B 177 15.04 12.17 16.14
C SER B 177 15.43 10.75 15.75
N LEU B 178 15.79 10.54 14.48
CA LEU B 178 16.24 9.21 14.06
C LEU B 178 17.43 8.69 14.86
N LEU B 179 18.56 9.36 14.74
CA LEU B 179 19.77 8.84 15.36
C LEU B 179 19.71 8.95 16.88
N ASN B 180 18.79 9.73 17.43
CA ASN B 180 18.59 9.74 18.86
C ASN B 180 17.85 8.49 19.31
N ASP B 181 16.81 8.09 18.56
CA ASP B 181 16.18 6.81 18.85
C ASP B 181 17.12 5.64 18.62
N ALA B 182 18.13 5.81 17.78
CA ALA B 182 19.14 4.75 17.63
C ALA B 182 20.12 4.72 18.79
N VAL B 183 20.69 5.87 19.13
CA VAL B 183 21.72 5.94 20.16
C VAL B 183 21.14 5.63 21.53
N THR B 184 19.90 6.04 21.79
CA THR B 184 19.31 5.72 23.09
C THR B 184 19.08 4.23 23.26
N VAL B 185 18.71 3.51 22.19
CA VAL B 185 18.56 2.07 22.32
C VAL B 185 19.91 1.40 22.48
N VAL B 186 20.94 1.89 21.76
CA VAL B 186 22.28 1.36 21.95
C VAL B 186 22.72 1.52 23.40
N LEU B 187 22.56 2.73 23.94
CA LEU B 187 22.92 2.98 25.34
C LEU B 187 22.03 2.19 26.29
N TYR B 188 20.77 1.97 25.93
CA TYR B 188 19.88 1.20 26.78
C TYR B 188 20.38 -0.20 26.95
N HIS B 189 20.73 -0.87 25.86
CA HIS B 189 21.28 -2.22 25.97
C HIS B 189 22.63 -2.22 26.69
N LEU B 190 23.47 -1.24 26.39
CA LEU B 190 24.79 -1.16 27.02
C LEU B 190 24.66 -1.03 28.54
N PHE B 191 23.83 -0.11 29.01
CA PHE B 191 23.68 0.09 30.44
C PHE B 191 22.91 -1.05 31.09
N GLU B 192 21.93 -1.63 30.39
CA GLU B 192 21.21 -2.75 30.95
C GLU B 192 22.11 -3.97 31.13
N GLU B 193 23.17 -4.07 30.34
CA GLU B 193 24.14 -5.12 30.60
C GLU B 193 25.14 -4.70 31.69
N PHE B 194 25.62 -3.47 31.64
CA PHE B 194 26.55 -3.00 32.67
C PHE B 194 25.94 -3.03 34.06
N ALA B 195 24.62 -3.03 34.17
CA ALA B 195 23.97 -3.06 35.48
C ALA B 195 23.93 -4.45 36.08
N ASN B 196 24.70 -5.40 35.56
CA ASN B 196 24.85 -6.70 36.22
C ASN B 196 26.30 -7.15 36.24
N TYR B 197 27.24 -6.20 36.18
CA TYR B 197 28.66 -6.52 36.24
C TYR B 197 29.22 -6.53 37.66
N GLU B 198 28.57 -5.81 38.58
CA GLU B 198 28.90 -5.69 40.01
C GLU B 198 30.31 -5.16 40.23
N HIS B 199 31.04 -4.89 39.14
CA HIS B 199 32.34 -4.24 39.24
C HIS B 199 32.65 -3.65 37.86
N VAL B 200 32.46 -2.34 37.72
CA VAL B 200 32.70 -1.65 36.47
C VAL B 200 34.02 -0.90 36.60
N GLY B 201 35.09 -1.48 36.05
CA GLY B 201 36.39 -0.85 36.08
C GLY B 201 36.62 0.07 34.90
N ILE B 202 37.82 0.65 34.86
CA ILE B 202 38.18 1.50 33.73
C ILE B 202 38.28 0.69 32.45
N VAL B 203 38.74 -0.55 32.53
CA VAL B 203 38.83 -1.38 31.33
C VAL B 203 37.43 -1.71 30.81
N ASP B 204 36.48 -1.92 31.73
CA ASP B 204 35.11 -2.15 31.30
C ASP B 204 34.49 -0.88 30.72
N ILE B 205 34.84 0.28 31.26
CA ILE B 205 34.36 1.54 30.69
C ILE B 205 34.90 1.71 29.27
N PHE B 206 36.18 1.43 29.06
CA PHE B 206 36.75 1.54 27.73
C PHE B 206 36.14 0.53 26.78
N LEU B 207 35.89 -0.69 27.27
CA LEU B 207 35.25 -1.70 26.43
C LEU B 207 33.84 -1.29 26.04
N GLY B 208 33.09 -0.70 26.97
CA GLY B 208 31.77 -0.18 26.63
C GLY B 208 31.85 0.97 25.65
N PHE B 209 32.86 1.82 25.79
CA PHE B 209 33.06 2.91 24.84
C PHE B 209 33.34 2.37 23.44
N LEU B 210 34.15 1.31 23.33
CA LEU B 210 34.39 0.70 22.03
C LEU B 210 33.14 0.00 21.52
N SER B 211 32.41 -0.70 22.39
CA SER B 211 31.25 -1.44 21.95
C SER B 211 30.11 -0.54 21.53
N PHE B 212 30.02 0.68 22.06
CA PHE B 212 29.05 1.63 21.53
C PHE B 212 29.25 1.83 20.03
N PHE B 213 30.47 2.17 19.64
CA PHE B 213 30.76 2.39 18.23
C PHE B 213 30.69 1.10 17.44
N VAL B 214 31.11 -0.01 18.02
CA VAL B 214 31.06 -1.29 17.30
C VAL B 214 29.61 -1.65 17.00
N VAL B 215 28.72 -1.53 17.98
CA VAL B 215 27.32 -1.81 17.76
C VAL B 215 26.74 -0.86 16.71
N ALA B 216 26.97 0.44 16.86
CA ALA B 216 26.37 1.40 15.94
C ALA B 216 26.87 1.18 14.51
N LEU B 217 28.20 1.09 14.33
CA LEU B 217 28.76 0.98 13.00
C LEU B 217 28.57 -0.41 12.39
N GLY B 218 28.50 -1.46 13.21
CA GLY B 218 28.13 -2.76 12.68
C GLY B 218 26.69 -2.78 12.20
N GLY B 219 25.80 -2.11 12.94
CA GLY B 219 24.46 -1.91 12.43
C GLY B 219 24.46 -1.18 11.10
N VAL B 220 25.26 -0.11 10.99
CA VAL B 220 25.34 0.63 9.74
C VAL B 220 25.84 -0.27 8.61
N LEU B 221 26.84 -1.11 8.89
CA LEU B 221 27.42 -1.96 7.87
C LEU B 221 26.42 -3.02 7.40
N VAL B 222 25.72 -3.67 8.34
CA VAL B 222 24.68 -4.62 7.96
C VAL B 222 23.59 -3.92 7.16
N GLY B 223 23.25 -2.70 7.56
CA GLY B 223 22.23 -1.96 6.84
C GLY B 223 22.64 -1.65 5.41
N VAL B 224 23.89 -1.23 5.21
CA VAL B 224 24.30 -0.93 3.83
C VAL B 224 24.42 -2.20 3.02
N VAL B 225 24.78 -3.32 3.64
CA VAL B 225 24.82 -4.58 2.89
C VAL B 225 23.44 -4.95 2.39
N TYR B 226 22.44 -4.91 3.29
CA TYR B 226 21.08 -5.25 2.87
C TYR B 226 20.50 -4.21 1.94
N GLY B 227 20.89 -2.94 2.09
CA GLY B 227 20.43 -1.93 1.17
C GLY B 227 21.00 -2.12 -0.23
N VAL B 228 22.26 -2.52 -0.32
CA VAL B 228 22.85 -2.84 -1.61
C VAL B 228 22.14 -4.04 -2.23
N ILE B 229 21.85 -5.06 -1.43
CA ILE B 229 21.15 -6.23 -1.95
C ILE B 229 19.76 -5.86 -2.44
N ALA B 230 19.05 -5.01 -1.70
CA ALA B 230 17.72 -4.58 -2.12
C ALA B 230 17.79 -3.71 -3.38
N ALA B 231 18.80 -2.85 -3.47
CA ALA B 231 18.99 -2.04 -4.67
C ALA B 231 19.23 -2.92 -5.89
N PHE B 232 20.01 -3.99 -5.72
CA PHE B 232 20.26 -4.90 -6.82
C PHE B 232 19.00 -5.65 -7.21
N THR B 233 18.30 -6.23 -6.24
CA THR B 233 17.12 -7.02 -6.58
C THR B 233 15.93 -6.18 -6.97
N SER B 234 15.99 -4.85 -6.82
CA SER B 234 14.92 -4.00 -7.32
C SER B 234 14.98 -3.81 -8.82
N ARG B 235 16.12 -4.11 -9.44
CA ARG B 235 16.22 -3.97 -10.90
C ARG B 235 15.41 -5.03 -11.63
N PHE B 236 15.12 -6.15 -10.97
CA PHE B 236 14.52 -7.31 -11.61
C PHE B 236 13.05 -7.49 -11.27
N THR B 237 12.49 -6.66 -10.39
CA THR B 237 11.10 -6.78 -10.00
C THR B 237 10.18 -5.97 -10.89
N SER B 238 10.62 -5.61 -12.10
CA SER B 238 9.74 -4.89 -13.02
C SER B 238 8.66 -5.81 -13.59
N HIS B 239 8.92 -7.11 -13.64
CA HIS B 239 7.96 -8.03 -14.23
C HIS B 239 6.75 -8.23 -13.32
N ILE B 240 6.98 -8.42 -12.02
CA ILE B 240 5.91 -8.55 -11.05
C ILE B 240 6.02 -7.37 -10.10
N ARG B 241 5.00 -6.51 -10.09
CA ARG B 241 5.12 -5.22 -9.42
C ARG B 241 4.45 -5.17 -8.05
N VAL B 242 3.50 -6.05 -7.76
CA VAL B 242 2.93 -6.09 -6.42
C VAL B 242 3.90 -6.65 -5.40
N ILE B 243 5.05 -7.17 -5.86
CA ILE B 243 6.11 -7.64 -4.97
C ILE B 243 7.15 -6.56 -4.74
N GLU B 244 7.08 -5.45 -5.46
CA GLU B 244 8.07 -4.38 -5.28
C GLU B 244 8.07 -3.79 -3.88
N PRO B 245 6.94 -3.41 -3.28
CA PRO B 245 6.99 -2.96 -1.88
C PRO B 245 7.47 -4.03 -0.92
N LEU B 246 7.11 -5.28 -1.20
CA LEU B 246 7.44 -6.37 -0.29
C LEU B 246 8.93 -6.56 -0.19
N PHE B 247 9.66 -6.34 -1.27
CA PHE B 247 11.11 -6.51 -1.22
C PHE B 247 11.75 -5.43 -0.35
N VAL B 248 11.25 -4.19 -0.44
CA VAL B 248 11.75 -3.13 0.42
C VAL B 248 11.52 -3.47 1.89
N PHE B 249 10.29 -3.85 2.23
CA PHE B 249 9.99 -4.15 3.63
C PHE B 249 10.77 -5.37 4.10
N LEU B 250 10.85 -6.40 3.26
CA LEU B 250 11.56 -7.61 3.64
C LEU B 250 13.04 -7.34 3.86
N TYR B 251 13.66 -6.59 2.96
CA TYR B 251 15.10 -6.39 3.08
C TYR B 251 15.43 -5.47 4.24
N SER B 252 14.63 -4.42 4.47
CA SER B 252 14.86 -3.60 5.65
C SER B 252 14.65 -4.42 6.93
N TYR B 253 13.59 -5.22 6.99
CA TYR B 253 13.34 -6.01 8.19
C TYR B 253 14.42 -7.05 8.41
N MET B 254 14.92 -7.67 7.34
CA MET B 254 16.02 -8.62 7.50
C MET B 254 17.30 -7.92 7.91
N ALA B 255 17.53 -6.67 7.46
CA ALA B 255 18.66 -5.92 7.96
C ALA B 255 18.52 -5.67 9.46
N TYR B 256 17.32 -5.30 9.88
CA TYR B 256 17.07 -5.09 11.31
C TYR B 256 17.32 -6.35 12.10
N LEU B 257 16.82 -7.49 11.62
CA LEU B 257 16.96 -8.74 12.35
C LEU B 257 18.38 -9.30 12.27
N SER B 258 19.11 -9.00 11.21
CA SER B 258 20.51 -9.41 11.14
C SER B 258 21.37 -8.58 12.07
N ALA B 259 21.04 -7.30 12.24
CA ALA B 259 21.76 -6.50 13.22
C ALA B 259 21.40 -6.90 14.64
N GLU B 260 20.12 -7.14 14.91
CA GLU B 260 19.72 -7.57 16.25
C GLU B 260 20.15 -8.99 16.57
N LEU B 261 20.43 -9.80 15.55
CA LEU B 261 20.94 -11.15 15.77
C LEU B 261 22.30 -11.09 16.46
N PHE B 262 23.19 -10.26 15.95
CA PHE B 262 24.52 -10.08 16.53
C PHE B 262 24.54 -9.03 17.62
N HIS B 263 23.37 -8.62 18.09
CA HIS B 263 23.20 -7.56 19.09
C HIS B 263 23.75 -6.22 18.62
N LEU B 264 24.01 -6.07 17.34
CA LEU B 264 24.35 -4.77 16.78
C LEU B 264 23.12 -3.87 16.81
N SER B 265 23.28 -2.65 16.31
CA SER B 265 22.18 -1.68 16.35
C SER B 265 21.22 -2.02 15.22
N GLY B 266 20.07 -2.60 15.57
CA GLY B 266 19.07 -2.88 14.57
C GLY B 266 18.48 -1.61 13.98
N ILE B 267 18.33 -0.58 14.81
CA ILE B 267 17.76 0.68 14.34
C ILE B 267 18.67 1.34 13.31
N MET B 268 19.97 1.37 13.58
CA MET B 268 20.89 1.97 12.63
C MET B 268 20.96 1.14 11.36
N ALA B 269 20.83 -0.18 11.47
CA ALA B 269 20.78 -1.02 10.27
C ALA B 269 19.55 -0.74 9.43
N LEU B 270 18.41 -0.57 10.08
CA LEU B 270 17.19 -0.19 9.37
C LEU B 270 17.36 1.14 8.65
N ILE B 271 17.91 2.13 9.36
CA ILE B 271 18.09 3.46 8.77
C ILE B 271 19.05 3.39 7.59
N ALA B 272 20.18 2.72 7.76
CA ALA B 272 21.16 2.63 6.68
C ALA B 272 20.61 1.88 5.50
N SER B 273 19.89 0.79 5.74
CA SER B 273 19.32 0.02 4.62
C SER B 273 18.32 0.86 3.85
N GLY B 274 17.43 1.57 4.54
CA GLY B 274 16.49 2.41 3.83
C GLY B 274 17.17 3.52 3.04
N VAL B 275 18.15 4.18 3.67
CA VAL B 275 18.84 5.28 3.01
C VAL B 275 19.61 4.80 1.80
N VAL B 276 20.18 3.59 1.86
CA VAL B 276 20.91 3.07 0.71
C VAL B 276 19.96 2.63 -0.40
N MET B 277 18.86 1.98 -0.06
CA MET B 277 18.02 1.46 -1.13
C MET B 277 17.20 2.55 -1.79
N ARG B 278 16.86 3.63 -1.08
CA ARG B 278 15.92 4.60 -1.63
C ARG B 278 16.35 5.20 -2.95
N PRO B 279 17.58 5.71 -3.12
CA PRO B 279 17.93 6.27 -4.43
C PRO B 279 17.90 5.26 -5.55
N TYR B 280 18.34 4.03 -5.29
CA TYR B 280 18.39 2.98 -6.29
C TYR B 280 17.06 2.27 -6.47
N VAL B 281 16.06 2.62 -5.69
CA VAL B 281 14.67 2.27 -5.97
C VAL B 281 13.98 3.59 -6.28
N GLU B 282 12.69 3.52 -6.61
CA GLU B 282 11.91 4.68 -7.07
C GLU B 282 12.36 5.07 -8.47
N ALA B 283 13.45 4.47 -8.94
CA ALA B 283 13.88 4.53 -10.32
C ALA B 283 13.69 3.20 -11.02
N ASN B 284 13.84 2.10 -10.29
CA ASN B 284 13.53 0.77 -10.79
C ASN B 284 12.13 0.31 -10.39
N ILE B 285 11.38 1.15 -9.69
CA ILE B 285 10.06 0.81 -9.18
C ILE B 285 9.04 1.79 -9.73
N SER B 286 7.89 1.26 -10.13
CA SER B 286 6.83 2.06 -10.72
C SER B 286 6.29 3.07 -9.72
N HIS B 287 5.60 4.09 -10.25
CA HIS B 287 5.08 5.14 -9.40
C HIS B 287 4.02 4.61 -8.44
N LYS B 288 3.18 3.69 -8.92
CA LYS B 288 2.16 3.11 -8.04
C LYS B 288 2.80 2.36 -6.88
N SER B 289 3.84 1.57 -7.15
CA SER B 289 4.46 0.82 -6.07
C SER B 289 5.21 1.73 -5.10
N HIS B 290 5.84 2.80 -5.59
CA HIS B 290 6.46 3.75 -4.69
C HIS B 290 5.43 4.44 -3.80
N THR B 291 4.30 4.84 -4.39
CA THR B 291 3.23 5.44 -3.60
C THR B 291 2.73 4.45 -2.55
N THR B 292 2.62 3.17 -2.91
CA THR B 292 2.24 2.17 -1.92
C THR B 292 3.26 2.15 -0.80
N ILE B 293 4.53 1.89 -1.11
CA ILE B 293 5.61 1.86 -0.12
C ILE B 293 5.46 3.01 0.86
N LYS B 294 5.23 4.21 0.32
CA LYS B 294 5.00 5.38 1.16
C LYS B 294 3.80 5.17 2.09
N TYR B 295 2.68 4.74 1.52
CA TYR B 295 1.46 4.54 2.33
C TYR B 295 1.67 3.46 3.38
N PHE B 296 2.26 2.34 2.98
CA PHE B 296 2.56 1.25 3.90
C PHE B 296 3.37 1.75 5.08
N LEU B 297 4.47 2.44 4.81
CA LEU B 297 5.31 2.93 5.89
C LEU B 297 4.54 3.87 6.79
N LYS B 298 3.78 4.80 6.21
CA LYS B 298 3.06 5.76 7.02
C LYS B 298 2.04 5.09 7.93
N MET B 299 1.19 4.23 7.38
CA MET B 299 0.12 3.66 8.19
C MET B 299 0.63 2.57 9.12
N TRP B 300 1.69 1.86 8.76
CA TRP B 300 2.22 0.82 9.62
C TRP B 300 2.97 1.44 10.79
N SER B 301 3.70 2.53 10.55
CA SER B 301 4.26 3.31 11.64
C SER B 301 3.18 3.91 12.51
N SER B 302 2.09 4.38 11.89
CA SER B 302 0.99 4.95 12.68
C SER B 302 0.36 3.90 13.58
N VAL B 303 0.18 2.68 13.07
CA VAL B 303 -0.36 1.59 13.89
C VAL B 303 0.59 1.27 15.03
N SER B 304 1.90 1.21 14.75
CA SER B 304 2.85 0.89 15.80
C SER B 304 2.87 1.97 16.88
N GLU B 305 2.90 3.24 16.47
CA GLU B 305 2.90 4.34 17.45
C GLU B 305 1.60 4.36 18.23
N THR B 306 0.47 4.12 17.56
CA THR B 306 -0.81 3.99 18.24
C THR B 306 -0.75 2.93 19.32
N LEU B 307 -0.23 1.76 18.98
CA LEU B 307 -0.18 0.66 19.95
C LEU B 307 0.73 1.01 21.12
N ILE B 308 1.87 1.63 20.86
CA ILE B 308 2.76 2.02 21.94
C ILE B 308 2.07 3.00 22.88
N PHE B 309 1.36 3.98 22.32
CA PHE B 309 0.70 4.96 23.18
C PHE B 309 -0.52 4.37 23.88
N ILE B 310 -1.16 3.36 23.29
CA ILE B 310 -2.21 2.62 23.99
C ILE B 310 -1.63 1.93 25.21
N PHE B 311 -0.46 1.31 25.04
CA PHE B 311 0.20 0.67 26.18
C PHE B 311 0.58 1.71 27.23
N LEU B 312 1.00 2.89 26.79
CA LEU B 312 1.30 3.97 27.73
C LEU B 312 0.06 4.36 28.52
N GLY B 313 -1.08 4.48 27.84
CA GLY B 313 -2.32 4.80 28.54
C GLY B 313 -2.72 3.73 29.53
N VAL B 314 -2.64 2.46 29.14
CA VAL B 314 -3.08 1.40 30.02
C VAL B 314 -2.13 1.24 31.20
N SER B 315 -0.86 1.59 31.03
CA SER B 315 0.07 1.51 32.14
C SER B 315 0.13 2.78 32.97
N THR B 316 -0.49 3.87 32.51
CA THR B 316 -0.57 5.07 33.33
C THR B 316 -1.90 5.21 34.05
N VAL B 317 -2.98 4.58 33.57
CA VAL B 317 -4.24 4.67 34.30
C VAL B 317 -4.52 3.36 35.03
N ALA B 318 -3.93 2.27 34.56
CA ALA B 318 -4.17 0.95 35.12
C ALA B 318 -2.87 0.22 35.39
N GLY B 319 -1.88 0.93 35.92
CA GLY B 319 -0.59 0.31 36.16
C GLY B 319 -0.10 0.52 37.58
N SER B 320 1.15 0.15 37.83
CA SER B 320 1.79 0.34 39.12
C SER B 320 2.59 1.62 39.10
N HIS B 321 2.38 2.45 40.12
CA HIS B 321 3.01 3.77 40.19
C HIS B 321 3.74 3.91 41.52
N HIS B 322 4.90 4.53 41.47
CA HIS B 322 5.75 4.76 42.63
C HIS B 322 6.18 6.22 42.68
N TRP B 323 5.20 7.11 42.59
CA TRP B 323 5.46 8.54 42.53
C TRP B 323 6.35 8.99 43.67
N ASN B 324 7.45 9.66 43.33
CA ASN B 324 8.34 10.30 44.28
C ASN B 324 8.48 11.76 43.87
N TRP B 325 8.14 12.67 44.77
CA TRP B 325 8.13 14.09 44.41
C TRP B 325 9.51 14.57 44.03
N THR B 326 10.52 14.23 44.83
CA THR B 326 11.87 14.66 44.54
C THR B 326 12.34 14.13 43.19
N PHE B 327 12.20 12.82 42.98
CA PHE B 327 12.70 12.21 41.76
C PHE B 327 11.96 12.75 40.53
N VAL B 328 10.63 12.83 40.61
CA VAL B 328 9.86 13.23 39.42
C VAL B 328 10.08 14.70 39.10
N ILE B 329 10.00 15.58 40.09
CA ILE B 329 10.20 16.99 39.83
C ILE B 329 11.63 17.25 39.36
N SER B 330 12.59 16.59 40.00
CA SER B 330 13.98 16.75 39.59
C SER B 330 14.21 16.24 38.18
N THR B 331 13.56 15.14 37.79
CA THR B 331 13.79 14.62 36.45
C THR B 331 13.13 15.51 35.40
N LEU B 332 11.96 16.08 35.70
CA LEU B 332 11.37 17.03 34.77
C LEU B 332 12.29 18.22 34.56
N LEU B 333 12.70 18.84 35.67
CA LEU B 333 13.52 20.04 35.59
C LEU B 333 14.87 19.76 34.94
N PHE B 334 15.46 18.60 35.25
CA PHE B 334 16.77 18.27 34.71
C PHE B 334 16.71 17.81 33.27
N CYS B 335 15.61 17.18 32.83
CA CYS B 335 15.45 16.94 31.40
C CYS B 335 15.41 18.26 30.64
N LEU B 336 14.64 19.22 31.15
CA LEU B 336 14.58 20.51 30.46
C LEU B 336 15.95 21.19 30.44
N ILE B 337 16.64 21.20 31.58
CA ILE B 337 17.93 21.88 31.65
C ILE B 337 18.99 21.15 30.82
N ALA B 338 19.02 19.82 30.87
CA ALA B 338 19.98 19.08 30.07
C ALA B 338 19.76 19.30 28.59
N ARG B 339 18.50 19.29 28.16
CA ARG B 339 18.19 19.51 26.76
C ARG B 339 18.62 20.92 26.33
N VAL B 340 18.27 21.93 27.15
CA VAL B 340 18.60 23.30 26.79
C VAL B 340 20.11 23.51 26.77
N LEU B 341 20.82 23.03 27.79
CA LEU B 341 22.26 23.20 27.86
C LEU B 341 22.95 22.50 26.71
N GLY B 342 22.52 21.27 26.40
CA GLY B 342 23.12 20.57 25.28
C GLY B 342 22.91 21.30 23.98
N VAL B 343 21.69 21.76 23.73
CA VAL B 343 21.42 22.45 22.47
C VAL B 343 22.24 23.72 22.37
N LEU B 344 22.25 24.53 23.45
CA LEU B 344 23.00 25.78 23.42
C LEU B 344 24.49 25.53 23.21
N GLY B 345 25.07 24.62 23.99
CA GLY B 345 26.50 24.37 23.88
C GLY B 345 26.89 23.81 22.53
N LEU B 346 26.11 22.85 22.02
CA LEU B 346 26.48 22.23 20.75
C LEU B 346 26.26 23.18 19.58
N THR B 347 25.20 24.00 19.63
CA THR B 347 25.02 25.02 18.60
C THR B 347 26.15 26.03 18.62
N TRP B 348 26.58 26.45 19.81
CA TRP B 348 27.71 27.35 19.88
C TRP B 348 28.97 26.70 19.31
N PHE B 349 29.17 25.42 19.60
CA PHE B 349 30.37 24.74 19.13
C PHE B 349 30.37 24.57 17.62
N ILE B 350 29.20 24.37 17.01
CA ILE B 350 29.16 24.04 15.58
C ILE B 350 28.82 25.23 14.68
N ASN B 351 28.31 26.34 15.22
CA ASN B 351 28.16 27.53 14.40
C ASN B 351 29.51 28.00 13.89
N LYS B 352 30.51 28.01 14.76
CA LYS B 352 31.84 28.47 14.37
C LYS B 352 32.53 27.52 13.40
N PHE B 353 31.99 26.32 13.18
CA PHE B 353 32.56 25.36 12.23
C PHE B 353 31.68 25.18 11.00
N ARG B 354 30.87 26.17 10.65
CA ARG B 354 30.02 26.05 9.49
C ARG B 354 29.70 27.44 8.95
N ILE B 355 29.06 27.47 7.78
CA ILE B 355 28.77 28.71 7.06
C ILE B 355 27.43 29.30 7.47
N VAL B 356 26.38 28.49 7.47
CA VAL B 356 25.03 28.92 7.81
C VAL B 356 24.81 28.65 9.29
N LYS B 357 24.73 29.71 10.09
CA LYS B 357 24.60 29.56 11.52
C LYS B 357 23.19 29.10 11.89
N LEU B 358 23.04 28.68 13.15
CA LEU B 358 21.75 28.26 13.69
C LEU B 358 21.17 29.41 14.50
N THR B 359 20.01 29.90 14.08
CA THR B 359 19.40 31.06 14.70
C THR B 359 18.82 30.69 16.07
N PRO B 360 18.63 31.68 16.95
CA PRO B 360 17.93 31.39 18.22
C PRO B 360 16.55 30.81 18.03
N LYS B 361 15.91 31.07 16.90
CA LYS B 361 14.65 30.40 16.55
C LYS B 361 14.80 28.89 16.62
N ASP B 362 15.70 28.34 15.80
CA ASP B 362 15.85 26.90 15.73
C ASP B 362 16.54 26.34 16.96
N GLN B 363 17.42 27.12 17.62
CA GLN B 363 17.97 26.67 18.89
C GLN B 363 16.88 26.50 19.93
N PHE B 364 15.93 27.43 19.98
CA PHE B 364 14.82 27.29 20.91
C PHE B 364 13.93 26.12 20.54
N ILE B 365 13.68 25.92 19.25
CA ILE B 365 12.81 24.81 18.84
C ILE B 365 13.44 23.47 19.17
N ILE B 366 14.75 23.32 18.95
CA ILE B 366 15.41 22.07 19.28
C ILE B 366 15.50 21.89 20.80
N ALA B 367 15.92 22.93 21.51
CA ALA B 367 16.05 22.83 22.96
C ALA B 367 14.70 22.68 23.64
N TYR B 368 13.77 23.56 23.32
CA TYR B 368 12.43 23.51 23.88
C TYR B 368 11.52 23.02 22.76
N GLY B 369 11.18 21.74 22.80
CA GLY B 369 10.40 21.17 21.73
C GLY B 369 10.81 19.74 21.45
N GLY B 370 11.92 19.32 22.02
CA GLY B 370 12.23 17.91 21.99
C GLY B 370 11.28 17.20 22.94
N LEU B 371 10.31 16.46 22.39
CA LEU B 371 9.27 15.84 23.19
C LEU B 371 9.38 14.33 23.15
N ARG B 372 9.27 13.71 24.33
CA ARG B 372 9.42 12.28 24.49
C ARG B 372 8.16 11.55 24.03
N GLY B 373 8.30 10.24 23.86
CA GLY B 373 7.14 9.43 23.56
C GLY B 373 7.39 8.24 22.67
N ALA B 374 6.76 7.12 23.01
CA ALA B 374 6.65 5.93 22.18
C ALA B 374 7.94 5.15 22.04
N ILE B 375 9.05 5.73 22.50
CA ILE B 375 10.30 5.00 22.65
C ILE B 375 10.86 5.16 24.05
N ALA B 376 10.78 6.37 24.61
CA ALA B 376 11.12 6.54 26.01
C ALA B 376 10.25 5.67 26.90
N PHE B 377 8.93 5.71 26.69
CA PHE B 377 8.02 4.91 27.50
C PHE B 377 8.32 3.42 27.33
N SER B 378 8.41 2.96 26.10
CA SER B 378 8.60 1.54 25.85
C SER B 378 9.95 1.05 26.35
N LEU B 379 11.00 1.84 26.15
CA LEU B 379 12.30 1.47 26.71
C LEU B 379 12.25 1.38 28.23
N GLY B 380 11.61 2.35 28.87
CA GLY B 380 11.52 2.33 30.32
C GLY B 380 10.48 1.41 30.88
N TYR B 381 9.68 0.79 30.02
CA TYR B 381 8.64 -0.13 30.45
C TYR B 381 9.11 -1.58 30.42
N LEU B 382 10.06 -1.90 29.56
CA LEU B 382 10.59 -3.25 29.43
C LEU B 382 11.73 -3.52 30.41
N LEU B 383 12.01 -2.59 31.31
CA LEU B 383 12.99 -2.84 32.35
C LEU B 383 12.51 -3.95 33.27
N ASP B 384 13.44 -4.83 33.63
CA ASP B 384 13.09 -5.94 34.51
C ASP B 384 12.72 -5.44 35.89
N LYS B 385 12.09 -6.31 36.67
CA LYS B 385 11.91 -6.06 38.10
C LYS B 385 12.98 -6.71 38.94
N LYS B 386 13.49 -7.87 38.50
CA LYS B 386 14.63 -8.48 39.17
C LYS B 386 15.83 -7.55 39.14
N HIS B 387 16.33 -7.28 37.94
CA HIS B 387 17.22 -6.15 37.74
C HIS B 387 16.41 -4.87 37.88
N PHE B 388 17.07 -3.80 38.34
CA PHE B 388 16.41 -2.51 38.50
C PHE B 388 15.15 -2.63 39.33
N PRO B 389 15.25 -2.83 40.64
CA PRO B 389 14.04 -2.93 41.47
C PRO B 389 13.24 -1.65 41.51
N MET B 390 13.81 -0.51 41.12
CA MET B 390 13.14 0.77 41.16
C MET B 390 12.42 1.10 39.86
N CYS B 391 12.31 0.15 38.94
CA CYS B 391 11.81 0.42 37.60
C CYS B 391 10.39 0.98 37.60
N ASP B 392 9.60 0.74 38.65
CA ASP B 392 8.29 1.39 38.73
C ASP B 392 8.43 2.90 38.91
N LEU B 393 9.38 3.34 39.72
CA LEU B 393 9.66 4.76 39.84
C LEU B 393 10.17 5.34 38.53
N PHE B 394 11.02 4.60 37.82
CA PHE B 394 11.47 5.05 36.51
C PHE B 394 10.31 5.18 35.55
N LEU B 395 9.38 4.22 35.56
CA LEU B 395 8.22 4.32 34.70
C LEU B 395 7.36 5.53 35.05
N THR B 396 7.17 5.79 36.34
CA THR B 396 6.38 6.96 36.73
C THR B 396 7.06 8.24 36.27
N ALA B 397 8.37 8.34 36.45
CA ALA B 397 9.09 9.53 36.00
C ALA B 397 9.03 9.69 34.49
N ILE B 398 9.17 8.58 33.75
CA ILE B 398 9.14 8.64 32.30
C ILE B 398 7.76 9.04 31.81
N ILE B 399 6.70 8.49 32.41
CA ILE B 399 5.35 8.86 32.00
C ILE B 399 5.09 10.33 32.30
N THR B 400 5.51 10.81 33.48
CA THR B 400 5.33 12.22 33.80
C THR B 400 6.10 13.10 32.84
N VAL B 401 7.32 12.71 32.49
CA VAL B 401 8.11 13.50 31.55
C VAL B 401 7.47 13.51 30.18
N ILE B 402 6.92 12.38 29.73
CA ILE B 402 6.24 12.34 28.44
C ILE B 402 5.05 13.27 28.45
N PHE B 403 4.23 13.20 29.50
CA PHE B 403 3.04 14.04 29.57
C PHE B 403 3.41 15.52 29.63
N PHE B 404 4.42 15.86 30.41
CA PHE B 404 4.82 17.26 30.54
C PHE B 404 5.46 17.77 29.26
N THR B 405 6.24 16.93 28.58
CA THR B 405 6.97 17.36 27.39
C THR B 405 6.10 17.33 26.14
N VAL B 406 4.95 16.66 26.20
CA VAL B 406 4.03 16.61 25.07
C VAL B 406 2.88 17.59 25.24
N PHE B 407 2.37 17.74 26.46
CA PHE B 407 1.20 18.58 26.69
C PHE B 407 1.55 20.00 27.09
N VAL B 408 2.70 20.21 27.73
CA VAL B 408 3.12 21.55 28.14
C VAL B 408 4.22 22.09 27.26
N GLN B 409 5.13 21.23 26.83
CA GLN B 409 6.26 21.63 26.00
C GLN B 409 5.95 21.51 24.51
N GLY B 410 4.78 20.99 24.14
CA GLY B 410 4.41 20.87 22.75
C GLY B 410 3.18 21.69 22.42
N MET B 411 2.31 21.90 23.40
CA MET B 411 1.16 22.78 23.23
C MET B 411 1.50 24.24 23.48
N THR B 412 2.67 24.53 24.06
CA THR B 412 3.09 25.90 24.33
C THR B 412 4.47 26.13 23.75
N ILE B 413 4.67 25.75 22.49
CA ILE B 413 5.89 26.06 21.78
C ILE B 413 5.62 26.98 20.59
N ARG B 414 4.53 26.75 19.87
CA ARG B 414 4.11 27.72 18.85
C ARG B 414 3.73 29.05 19.45
N PRO B 415 2.88 29.13 20.49
CA PRO B 415 2.67 30.43 21.14
C PRO B 415 3.72 30.70 22.20
N LEU B 416 4.95 30.31 21.89
CA LEU B 416 6.10 30.68 22.70
C LEU B 416 7.33 30.96 21.84
N VAL B 417 7.25 30.77 20.54
CA VAL B 417 8.38 31.00 19.66
C VAL B 417 8.12 32.13 18.67
N ASP B 418 6.85 32.46 18.40
CA ASP B 418 6.53 33.61 17.57
C ASP B 418 6.67 34.92 18.31
N LEU B 419 6.90 34.89 19.63
CA LEU B 419 7.05 36.11 20.40
C LEU B 419 8.46 36.30 20.96
N LEU B 420 9.15 35.23 21.34
CA LEU B 420 10.57 35.34 21.67
C LEU B 420 11.38 35.63 20.41
N ARG B 430 10.83 36.96 -5.41
CA ARG B 430 11.98 36.26 -6.04
C ARG B 430 12.13 36.68 -7.51
N SER B 431 12.60 37.91 -7.71
CA SER B 431 12.78 38.45 -9.05
C SER B 431 13.64 37.57 -9.95
N ILE B 432 13.55 37.81 -11.25
CA ILE B 432 14.34 37.05 -12.23
C ILE B 432 15.81 37.18 -11.88
N ASN B 433 16.23 38.41 -11.59
CA ASN B 433 17.62 38.66 -11.21
C ASN B 433 18.04 37.74 -10.08
N GLU B 434 17.39 37.90 -8.93
CA GLU B 434 17.72 37.08 -7.77
C GLU B 434 17.98 35.63 -8.17
N GLU B 435 17.12 35.09 -9.03
CA GLU B 435 17.28 33.71 -9.48
C GLU B 435 18.55 33.48 -10.26
N ILE B 436 18.77 34.31 -11.28
CA ILE B 436 19.97 34.19 -12.11
C ILE B 436 21.20 34.26 -11.23
N HIS B 437 21.29 35.35 -10.47
CA HIS B 437 22.42 35.59 -9.58
C HIS B 437 22.61 34.50 -8.55
N THR B 438 21.52 33.95 -8.05
CA THR B 438 21.61 32.89 -7.06
C THR B 438 22.40 31.75 -7.68
N GLN B 439 21.92 31.24 -8.81
CA GLN B 439 22.60 30.15 -9.49
C GLN B 439 24.03 30.53 -9.79
N PHE B 440 24.23 31.80 -10.16
CA PHE B 440 25.55 32.29 -10.49
C PHE B 440 26.49 32.23 -9.29
N LEU B 441 26.11 32.86 -8.20
CA LEU B 441 26.93 32.86 -6.99
C LEU B 441 27.19 31.43 -6.56
N ASP B 442 26.20 30.59 -6.76
CA ASP B 442 26.31 29.19 -6.40
C ASP B 442 27.41 28.51 -7.22
N HIS B 443 27.33 28.64 -8.55
CA HIS B 443 28.35 28.03 -9.43
C HIS B 443 29.69 28.67 -9.15
N LEU B 444 29.65 29.92 -8.70
CA LEU B 444 30.86 30.66 -8.40
C LEU B 444 31.57 30.10 -7.16
N LEU B 445 30.84 30.06 -6.06
CA LEU B 445 31.37 29.56 -4.80
C LEU B 445 31.95 28.16 -4.98
N THR B 446 31.18 27.30 -5.63
CA THR B 446 31.61 25.92 -5.86
C THR B 446 32.96 25.89 -6.56
N GLY B 447 33.07 26.59 -7.68
CA GLY B 447 34.32 26.64 -8.41
C GLY B 447 35.42 27.07 -7.48
N ILE B 448 35.18 28.15 -6.73
CA ILE B 448 36.17 28.66 -5.80
C ILE B 448 36.57 27.59 -4.77
N GLU B 449 35.59 26.95 -4.14
CA GLU B 449 35.87 25.91 -3.17
C GLU B 449 36.67 24.79 -3.79
N ASP B 450 36.46 24.56 -5.07
CA ASP B 450 37.18 23.51 -5.78
C ASP B 450 38.61 23.96 -6.06
N ILE B 451 38.82 25.27 -6.12
CA ILE B 451 40.18 25.83 -6.39
C ILE B 451 40.98 25.77 -5.08
N CYS B 452 40.45 26.37 -4.02
CA CYS B 452 41.11 26.38 -2.69
C CYS B 452 41.49 24.94 -2.32
N GLY B 453 40.51 24.02 -2.36
CA GLY B 453 40.74 22.60 -2.05
C GLY B 453 40.86 22.34 -0.56
N HIS B 454 39.75 21.99 0.09
CA HIS B 454 39.72 21.78 1.56
C HIS B 454 38.97 20.48 1.90
N TYR B 455 38.54 19.74 0.87
CA TYR B 455 37.81 18.46 1.05
C TYR B 455 36.65 18.68 2.03
N GLY B 456 35.72 19.56 1.65
CA GLY B 456 34.54 19.85 2.49
C GLY B 456 33.52 18.73 2.44
N HIS B 457 32.53 18.90 1.56
CA HIS B 457 31.41 17.95 1.34
C HIS B 457 31.08 17.92 -0.15
N HIS B 458 31.21 19.05 -0.85
CA HIS B 458 30.95 19.11 -2.31
C HIS B 458 31.85 18.08 -3.01
N HIS B 459 33.15 18.09 -2.67
CA HIS B 459 34.15 17.15 -3.24
C HIS B 459 33.68 15.71 -3.01
N TRP B 460 33.32 15.39 -1.76
CA TRP B 460 32.89 14.02 -1.38
C TRP B 460 31.66 13.60 -2.20
N LYS B 461 30.70 14.53 -2.36
CA LYS B 461 29.44 14.26 -3.10
C LYS B 461 29.76 14.02 -4.57
N ASP B 462 30.68 14.79 -5.14
CA ASP B 462 31.08 14.60 -6.56
C ASP B 462 31.72 13.22 -6.71
N LYS B 463 32.55 12.83 -5.73
CA LYS B 463 33.21 11.50 -5.78
C LYS B 463 32.12 10.42 -5.73
N LEU B 464 31.13 10.62 -4.85
CA LEU B 464 29.99 9.68 -4.69
C LEU B 464 29.28 9.55 -6.03
N ASN B 465 29.04 10.67 -6.71
CA ASN B 465 28.33 10.71 -8.03
C ASN B 465 29.16 9.92 -9.05
N ARG B 466 30.48 10.13 -9.08
CA ARG B 466 31.35 9.38 -10.02
C ARG B 466 31.17 7.88 -9.75
N PHE B 467 31.23 7.49 -8.47
CA PHE B 467 31.04 6.07 -8.05
C PHE B 467 29.69 5.56 -8.60
N ASN B 468 28.62 6.32 -8.36
CA ASN B 468 27.25 5.94 -8.83
C ASN B 468 27.28 5.69 -10.34
N LYS B 469 27.83 6.64 -11.10
CA LYS B 469 27.91 6.48 -12.58
C LYS B 469 28.61 5.15 -12.88
N LYS B 470 29.81 4.97 -12.33
CA LYS B 470 30.62 3.73 -12.50
C LYS B 470 29.74 2.48 -12.30
N TYR B 471 29.00 2.41 -11.19
CA TYR B 471 28.14 1.24 -10.89
C TYR B 471 27.13 1.03 -12.03
N VAL B 472 26.19 1.97 -12.17
CA VAL B 472 25.12 2.01 -13.21
C VAL B 472 25.66 1.47 -14.53
N ASP C 1 59.57 29.30 9.08
CA ASP C 1 58.34 29.95 8.64
C ASP C 1 58.64 31.00 7.58
N GLU C 2 57.88 30.95 6.48
CA GLU C 2 58.12 31.83 5.35
C GLU C 2 57.45 33.18 5.61
N GLU C 3 57.43 34.03 4.58
CA GLU C 3 56.76 35.32 4.65
C GLU C 3 55.26 35.10 4.51
N LEU C 4 54.51 35.37 5.58
CA LEU C 4 53.07 35.08 5.56
C LEU C 4 52.28 36.24 6.14
N GLU C 5 52.92 37.07 6.95
CA GLU C 5 52.19 38.08 7.71
C GLU C 5 51.58 39.14 6.80
N GLU C 6 52.35 39.54 5.79
CA GLU C 6 51.92 40.63 4.88
C GLU C 6 50.69 40.18 4.11
N ILE C 7 50.61 38.90 3.74
CA ILE C 7 49.38 38.39 3.09
C ILE C 7 48.34 38.25 4.20
N LYS C 8 48.76 37.86 5.40
CA LYS C 8 47.83 37.79 6.56
C LYS C 8 47.35 39.20 6.89
N LYS C 9 47.93 40.23 6.28
CA LYS C 9 47.37 41.58 6.53
C LYS C 9 46.57 41.99 5.30
N GLU C 10 47.13 41.71 4.12
CA GLU C 10 46.49 42.03 2.83
C GLU C 10 45.21 41.22 2.74
N THR C 11 45.34 39.90 2.86
CA THR C 11 44.09 39.17 2.72
C THR C 11 43.24 39.26 3.97
N GLY C 12 43.81 38.90 5.12
CA GLY C 12 43.05 38.83 6.35
C GLY C 12 42.74 37.42 6.81
N PHE C 13 43.44 36.42 6.29
CA PHE C 13 43.24 35.05 6.72
C PHE C 13 43.95 34.88 8.06
N SER C 14 43.85 33.68 8.61
CA SER C 14 44.73 33.28 9.70
C SER C 14 45.97 32.59 9.13
N HIS C 15 46.83 32.13 10.03
CA HIS C 15 48.05 31.45 9.58
C HIS C 15 47.75 30.05 9.06
N SER C 16 46.89 29.30 9.74
CA SER C 16 46.65 27.93 9.32
C SER C 16 45.91 27.89 7.98
N GLN C 17 44.96 28.81 7.78
CA GLN C 17 44.28 28.85 6.48
C GLN C 17 45.28 29.07 5.36
N ILE C 18 46.20 30.02 5.54
CA ILE C 18 47.21 30.28 4.52
C ILE C 18 48.08 29.06 4.32
N THR C 19 48.46 28.38 5.40
CA THR C 19 49.31 27.21 5.27
C THR C 19 48.62 26.11 4.47
N ARG C 20 47.34 25.85 4.76
CA ARG C 20 46.61 24.82 4.03
C ARG C 20 46.43 25.21 2.56
N LEU C 21 46.13 26.49 2.29
CA LEU C 21 46.00 26.92 0.91
C LEU C 21 47.32 26.77 0.17
N TYR C 22 48.43 27.12 0.81
CA TYR C 22 49.73 26.95 0.17
C TYR C 22 50.03 25.48 -0.06
N SER C 23 49.56 24.60 0.83
CA SER C 23 49.71 23.17 0.60
C SER C 23 48.98 22.75 -0.67
N ARG C 24 47.72 23.16 -0.82
CA ARG C 24 46.98 22.86 -2.03
C ARG C 24 47.66 23.49 -3.24
N PHE C 25 48.26 24.66 -3.06
CA PHE C 25 49.00 25.35 -4.11
C PHE C 25 50.15 24.50 -4.61
N THR C 26 50.96 24.00 -3.68
CA THR C 26 52.09 23.15 -4.06
C THR C 26 51.61 21.88 -4.73
N SER C 27 50.49 21.31 -4.25
CA SER C 27 49.96 20.11 -4.89
C SER C 27 49.53 20.39 -6.32
N LEU C 28 48.89 21.55 -6.55
CA LEU C 28 48.43 21.92 -7.88
C LEU C 28 49.50 22.61 -8.70
N ASP C 29 50.68 22.85 -8.13
CA ASP C 29 51.77 23.46 -8.88
C ASP C 29 52.19 22.58 -10.04
N LYS C 30 52.22 21.27 -9.79
CA LYS C 30 52.65 20.33 -10.85
C LYS C 30 53.85 20.98 -11.54
N GLY C 31 54.75 21.56 -10.75
CA GLY C 31 55.94 22.24 -11.29
C GLY C 31 56.05 23.65 -10.73
N GLU C 32 57.21 23.99 -10.20
CA GLU C 32 57.40 25.33 -9.60
C GLU C 32 57.29 26.41 -10.66
N ASN C 33 57.85 26.17 -11.85
CA ASN C 33 57.88 27.25 -12.87
C ASN C 33 56.48 27.69 -13.27
N GLY C 34 55.55 26.77 -13.48
CA GLY C 34 54.17 27.21 -13.75
C GLY C 34 53.49 27.45 -12.42
N THR C 35 54.00 28.39 -11.61
CA THR C 35 53.47 28.64 -10.25
C THR C 35 51.96 28.48 -10.34
N LEU C 36 51.33 29.15 -11.30
CA LEU C 36 49.88 28.99 -11.54
C LEU C 36 49.60 29.65 -12.88
N SER C 37 49.01 28.93 -13.82
CA SER C 37 48.68 29.45 -15.14
C SER C 37 47.28 29.02 -15.52
N ARG C 38 46.90 29.31 -16.76
CA ARG C 38 45.57 28.95 -17.22
C ARG C 38 45.40 27.44 -17.35
N GLU C 39 46.35 26.76 -17.99
CA GLU C 39 46.24 25.30 -18.14
C GLU C 39 46.29 24.62 -16.78
N ASP C 40 47.09 25.17 -15.87
CA ASP C 40 47.22 24.60 -14.53
C ASP C 40 45.85 24.54 -13.85
N PHE C 41 45.03 25.58 -14.05
CA PHE C 41 43.67 25.59 -13.55
C PHE C 41 42.76 24.69 -14.38
N GLN C 42 42.96 24.66 -15.70
CA GLN C 42 42.06 23.89 -16.56
C GLN C 42 42.12 22.41 -16.22
N ARG C 43 43.30 21.89 -15.87
CA ARG C 43 43.38 20.46 -15.58
C ARG C 43 42.93 20.08 -14.17
N ILE C 44 42.31 21.00 -13.43
CA ILE C 44 41.59 20.60 -12.22
C ILE C 44 40.38 19.79 -12.67
N PRO C 45 40.13 18.62 -12.07
CA PRO C 45 39.15 17.69 -12.66
C PRO C 45 37.75 18.24 -12.84
N GLU C 46 37.25 19.06 -11.92
CA GLU C 46 35.82 19.30 -11.84
C GLU C 46 35.35 20.67 -12.31
N LEU C 47 36.15 21.73 -12.11
CA LEU C 47 35.64 23.06 -12.44
C LEU C 47 35.42 23.19 -13.95
N ALA C 48 36.22 22.52 -14.75
CA ALA C 48 36.04 22.59 -16.20
C ALA C 48 34.67 22.11 -16.60
N ILE C 49 34.11 21.17 -15.84
CA ILE C 49 32.73 20.75 -16.06
C ILE C 49 31.78 21.89 -15.76
N ASN C 50 32.10 22.69 -14.74
CA ASN C 50 31.20 23.77 -14.36
C ASN C 50 31.02 24.73 -15.53
N PRO C 51 29.80 25.20 -15.76
CA PRO C 51 29.58 26.12 -16.89
C PRO C 51 30.43 27.37 -16.82
N LEU C 52 30.64 27.91 -15.63
CA LEU C 52 31.41 29.13 -15.45
C LEU C 52 32.90 28.84 -15.37
N GLY C 53 33.30 27.57 -15.49
CA GLY C 53 34.67 27.19 -15.22
C GLY C 53 35.76 28.04 -15.85
N ASP C 54 35.58 28.39 -17.13
CA ASP C 54 36.65 29.10 -17.83
C ASP C 54 36.69 30.52 -17.29
N ARG C 55 35.52 31.12 -17.09
CA ARG C 55 35.48 32.48 -16.53
C ARG C 55 36.23 32.49 -15.20
N ILE C 56 36.07 31.48 -14.35
CA ILE C 56 36.70 31.48 -12.99
C ILE C 56 38.22 31.45 -13.15
N ILE C 57 38.72 30.68 -14.11
CA ILE C 57 40.19 30.58 -14.33
C ILE C 57 40.73 31.97 -14.71
N ASN C 58 40.00 32.73 -15.52
CA ASN C 58 40.50 34.06 -15.97
C ASN C 58 40.07 35.17 -15.00
N ALA C 59 39.28 34.84 -13.98
CA ALA C 59 38.75 35.85 -13.04
C ALA C 59 39.78 36.11 -11.96
N PHE C 60 40.56 35.09 -11.65
CA PHE C 60 41.62 35.40 -10.70
C PHE C 60 42.63 36.35 -11.30
N PHE C 61 43.01 36.10 -12.55
CA PHE C 61 44.14 36.78 -13.16
C PHE C 61 43.93 38.29 -13.15
N PRO C 62 44.86 39.06 -12.61
CA PRO C 62 44.69 40.52 -12.61
C PRO C 62 44.57 41.07 -14.01
N GLU C 63 45.63 40.89 -14.80
CA GLU C 63 45.69 41.38 -16.17
C GLU C 63 46.03 40.24 -17.11
N GLY C 64 46.34 40.56 -18.36
CA GLY C 64 46.53 39.57 -19.41
C GLY C 64 47.64 38.56 -19.14
N GLU C 65 48.41 38.73 -18.07
CA GLU C 65 49.47 37.78 -17.76
C GLU C 65 48.90 36.38 -17.56
N ASP C 66 49.67 35.38 -17.98
CA ASP C 66 49.24 33.99 -17.87
C ASP C 66 49.85 33.27 -16.68
N GLN C 67 50.43 33.98 -15.72
CA GLN C 67 50.97 33.37 -14.52
C GLN C 67 50.31 33.98 -13.28
N VAL C 68 50.02 33.14 -12.29
CA VAL C 68 49.54 33.57 -11.00
C VAL C 68 50.58 33.16 -9.97
N ASN C 69 51.02 34.09 -9.14
CA ASN C 69 51.82 33.75 -7.98
C ASN C 69 50.94 33.43 -6.79
N PHE C 70 51.55 32.86 -5.76
CA PHE C 70 50.77 32.45 -4.59
C PHE C 70 50.06 33.65 -3.97
N ARG C 71 50.76 34.77 -3.84
CA ARG C 71 50.16 35.93 -3.19
C ARG C 71 48.96 36.45 -3.98
N GLY C 72 49.05 36.45 -5.31
CA GLY C 72 47.91 36.88 -6.11
C GLY C 72 46.73 35.94 -5.98
N PHE C 73 47.01 34.64 -5.93
CA PHE C 73 45.96 33.68 -5.63
C PHE C 73 45.30 34.02 -4.32
N MET C 74 46.08 34.38 -3.30
CA MET C 74 45.50 34.76 -2.03
C MET C 74 44.65 36.02 -2.16
N ARG C 75 45.14 37.03 -2.89
CA ARG C 75 44.38 38.27 -3.02
C ARG C 75 43.04 38.03 -3.69
N THR C 76 43.03 37.23 -4.75
CA THR C 76 41.79 36.99 -5.47
C THR C 76 40.87 36.08 -4.69
N LEU C 77 41.44 35.14 -3.94
CA LEU C 77 40.63 34.16 -3.21
C LEU C 77 40.04 34.76 -1.95
N ALA C 78 40.70 35.76 -1.37
CA ALA C 78 40.20 36.35 -0.14
C ALA C 78 38.80 36.89 -0.30
N HIS C 79 38.41 37.29 -1.52
CA HIS C 79 37.11 37.89 -1.75
C HIS C 79 36.05 37.04 -1.07
N PHE C 80 36.18 35.74 -1.03
CA PHE C 80 35.22 34.88 -0.37
C PHE C 80 35.30 34.72 1.13
N ARG C 81 36.34 35.24 1.77
CA ARG C 81 36.52 35.02 3.20
C ARG C 81 35.29 35.53 3.95
N PRO C 82 34.70 34.72 4.82
CA PRO C 82 33.41 35.10 5.41
C PRO C 82 33.52 36.41 6.18
N ILE C 83 32.49 37.24 6.07
CA ILE C 83 32.48 38.51 6.76
C ILE C 83 32.36 38.28 8.26
N GLU C 84 33.28 38.82 9.03
CA GLU C 84 33.18 38.52 10.47
C GLU C 84 32.72 39.80 11.16
N ASP C 85 31.54 39.74 11.79
CA ASP C 85 30.81 40.91 12.38
C ASP C 85 31.65 41.80 13.30
N ASN C 86 32.07 41.28 14.44
CA ASN C 86 32.86 42.10 15.39
C ASN C 86 34.13 42.54 14.67
N GLU C 87 34.72 41.67 13.85
CA GLU C 87 36.01 41.99 13.18
C GLU C 87 35.86 42.91 11.97
N LYS C 88 34.63 43.20 11.54
CA LYS C 88 34.37 44.17 10.43
C LYS C 88 33.86 45.49 11.02
N SER C 89 33.49 45.29 12.29
CA SER C 89 32.79 46.13 13.28
C SER C 89 33.76 46.76 14.26
N LYS C 90 34.88 46.14 14.61
CA LYS C 90 35.88 46.62 15.62
C LYS C 90 36.42 48.01 15.26
N ASP C 91 37.20 48.12 14.19
CA ASP C 91 37.77 49.43 13.79
C ASP C 91 37.21 49.82 12.42
N VAL C 92 36.63 51.02 12.31
CA VAL C 92 36.07 51.49 11.00
C VAL C 92 36.79 52.78 10.58
N ASN C 93 37.49 52.72 9.44
CA ASN C 93 38.21 53.89 8.88
C ASN C 93 38.09 53.91 7.34
N GLY C 94 38.57 52.84 6.71
CA GLY C 94 38.54 52.65 5.25
C GLY C 94 38.26 51.18 4.95
N PRO C 95 37.73 50.81 3.77
CA PRO C 95 37.45 49.40 3.47
C PRO C 95 38.71 48.68 2.99
N GLU C 96 39.67 48.46 3.89
CA GLU C 96 40.94 47.75 3.57
C GLU C 96 40.63 46.29 3.18
N PRO C 97 39.74 45.58 3.90
CA PRO C 97 39.40 44.20 3.55
C PRO C 97 38.71 44.16 2.18
N LEU C 98 39.04 43.14 1.37
CA LEU C 98 38.44 42.99 0.02
C LEU C 98 37.23 42.05 0.10
N ASN C 99 36.98 41.48 1.29
CA ASN C 99 35.83 40.54 1.44
C ASN C 99 34.53 41.27 1.76
N SER C 100 34.55 42.61 1.71
CA SER C 100 33.35 43.43 2.01
C SER C 100 32.10 43.13 1.18
N ARG C 101 30.94 43.63 1.63
CA ARG C 101 29.65 43.40 0.91
C ARG C 101 29.75 43.98 -0.51
N SER C 102 30.62 44.97 -0.70
CA SER C 102 30.79 45.60 -2.00
C SER C 102 31.71 44.77 -2.88
N ASN C 103 32.88 44.40 -2.36
CA ASN C 103 33.84 43.65 -3.15
C ASN C 103 33.34 42.26 -3.50
N LYS C 104 32.51 41.66 -2.65
CA LYS C 104 31.94 40.36 -3.00
C LYS C 104 31.02 40.47 -4.20
N LEU C 105 30.23 41.52 -4.31
CA LEU C 105 29.38 41.55 -5.51
C LEU C 105 30.17 42.13 -6.68
N HIS C 106 31.27 42.83 -6.41
CA HIS C 106 32.12 43.31 -7.54
C HIS C 106 32.80 42.13 -8.21
N PHE C 107 33.18 41.13 -7.46
CA PHE C 107 33.76 39.97 -8.16
C PHE C 107 32.63 39.47 -9.06
N ALA C 108 31.39 39.45 -8.63
CA ALA C 108 30.34 38.92 -9.52
C ALA C 108 30.27 39.78 -10.76
N PHE C 109 30.28 41.08 -10.58
CA PHE C 109 30.13 41.87 -11.82
C PHE C 109 31.33 41.63 -12.72
N ARG C 110 32.55 41.48 -12.20
CA ARG C 110 33.74 41.33 -13.05
C ARG C 110 33.63 39.99 -13.76
N LEU C 111 33.08 39.00 -13.10
CA LEU C 111 32.84 37.72 -13.81
C LEU C 111 31.77 37.87 -14.92
N TYR C 112 30.67 38.64 -14.71
CA TYR C 112 29.68 38.86 -15.80
C TYR C 112 30.30 39.71 -16.90
N ASP C 113 30.82 40.89 -16.57
CA ASP C 113 31.30 41.83 -17.58
C ASP C 113 32.27 41.14 -18.53
N LEU C 114 32.06 41.37 -19.83
CA LEU C 114 32.95 40.78 -20.83
C LEU C 114 34.37 41.28 -20.63
N ASP C 115 34.55 42.59 -20.66
CA ASP C 115 35.80 43.21 -20.25
C ASP C 115 35.51 44.05 -19.03
N LYS C 116 36.55 44.67 -18.49
CA LYS C 116 36.39 45.48 -17.28
C LYS C 116 35.88 46.88 -17.64
N ASP C 117 34.80 46.90 -18.42
CA ASP C 117 34.13 48.13 -18.81
C ASP C 117 32.81 48.32 -18.07
N GLU C 118 32.51 47.46 -17.11
CA GLU C 118 31.35 47.62 -16.24
C GLU C 118 30.05 47.50 -17.01
N LYS C 119 30.10 46.81 -18.15
CA LYS C 119 28.96 46.72 -19.05
C LYS C 119 28.36 45.32 -19.01
N ILE C 120 27.45 45.09 -18.07
CA ILE C 120 26.46 44.04 -18.25
C ILE C 120 25.50 44.49 -19.34
N SER C 121 25.27 43.62 -20.30
CA SER C 121 24.41 43.94 -21.43
C SER C 121 23.71 42.68 -21.90
N ARG C 122 22.71 42.85 -22.77
CA ARG C 122 21.95 41.69 -23.24
C ARG C 122 22.86 40.64 -23.84
N ASP C 123 23.99 41.05 -24.42
CA ASP C 123 24.97 40.08 -24.87
C ASP C 123 25.59 39.35 -23.68
N GLU C 124 25.94 40.10 -22.64
CA GLU C 124 26.56 39.50 -21.47
C GLU C 124 25.62 38.52 -20.78
N LEU C 125 24.41 38.99 -20.48
CA LEU C 125 23.44 38.13 -19.81
C LEU C 125 23.12 36.91 -20.66
N LEU C 126 22.95 37.11 -21.97
CA LEU C 126 22.61 35.98 -22.83
C LEU C 126 23.74 34.96 -22.88
N GLN C 127 24.99 35.44 -22.95
CA GLN C 127 26.12 34.52 -22.97
C GLN C 127 26.20 33.71 -21.68
N VAL C 128 26.10 34.38 -20.53
CA VAL C 128 26.24 33.64 -19.27
C VAL C 128 25.05 32.71 -19.07
N LEU C 129 23.85 33.14 -19.46
CA LEU C 129 22.70 32.27 -19.34
C LEU C 129 22.84 31.04 -20.23
N ARG C 130 23.35 31.22 -21.45
CA ARG C 130 23.55 30.07 -22.32
C ARG C 130 24.65 29.17 -21.79
N MET C 131 25.57 29.72 -21.00
CA MET C 131 26.54 28.86 -20.34
C MET C 131 25.89 28.06 -19.22
N MET C 132 25.13 28.71 -18.35
CA MET C 132 24.57 28.03 -17.19
C MET C 132 23.53 27.00 -17.61
N VAL C 133 22.63 27.39 -18.50
CA VAL C 133 21.66 26.49 -19.10
C VAL C 133 22.39 25.65 -20.15
N GLY C 134 21.79 24.54 -20.58
CA GLY C 134 22.36 23.77 -21.66
C GLY C 134 22.20 24.45 -22.99
N VAL C 135 22.73 23.80 -24.03
CA VAL C 135 22.64 24.38 -25.37
C VAL C 135 21.28 24.08 -26.00
N ASN C 136 20.50 23.18 -25.40
CA ASN C 136 19.27 22.72 -26.04
C ASN C 136 18.18 23.79 -25.98
N ILE C 137 18.09 24.53 -24.88
CA ILE C 137 16.96 25.42 -24.67
C ILE C 137 16.94 26.54 -25.71
N SER C 138 15.74 26.99 -26.05
CA SER C 138 15.54 27.93 -27.15
C SER C 138 16.23 29.27 -26.89
N ASP C 139 16.78 29.85 -27.94
CA ASP C 139 17.36 31.18 -27.83
C ASP C 139 16.27 32.22 -27.59
N GLU C 140 15.07 31.98 -28.11
CA GLU C 140 13.95 32.86 -27.80
C GLU C 140 13.58 32.78 -26.33
N GLN C 141 13.63 31.59 -25.74
CA GLN C 141 13.40 31.46 -24.31
C GLN C 141 14.45 32.24 -23.52
N LEU C 142 15.72 32.02 -23.83
CA LEU C 142 16.79 32.78 -23.20
C LEU C 142 16.64 34.26 -23.49
N GLY C 143 16.21 34.61 -24.69
CA GLY C 143 15.97 36.01 -24.99
C GLY C 143 14.93 36.61 -24.06
N SER C 144 13.82 35.89 -23.86
CA SER C 144 12.78 36.39 -22.97
C SER C 144 13.31 36.57 -21.55
N ILE C 145 13.99 35.55 -21.03
CA ILE C 145 14.49 35.64 -19.65
C ILE C 145 15.46 36.80 -19.52
N ALA C 146 16.46 36.84 -20.40
CA ALA C 146 17.52 37.83 -20.28
C ALA C 146 16.98 39.24 -20.43
N ASP C 147 16.09 39.46 -21.39
CA ASP C 147 15.60 40.81 -21.60
C ASP C 147 14.61 41.21 -20.51
N ARG C 148 13.88 40.26 -19.95
CA ARG C 148 13.02 40.59 -18.80
C ARG C 148 13.86 40.99 -17.60
N THR C 149 14.95 40.27 -17.35
CA THR C 149 15.85 40.64 -16.26
C THR C 149 16.48 41.99 -16.51
N ILE C 150 16.89 42.26 -17.76
CA ILE C 150 17.41 43.58 -18.09
C ILE C 150 16.38 44.65 -17.79
N GLN C 151 15.13 44.43 -18.22
CA GLN C 151 14.10 45.45 -18.05
C GLN C 151 13.87 45.75 -16.58
N GLU C 152 13.66 44.72 -15.76
CA GLU C 152 13.41 44.98 -14.35
C GLU C 152 14.64 45.56 -13.65
N ALA C 153 15.83 45.10 -14.03
CA ALA C 153 17.04 45.57 -13.38
C ALA C 153 17.36 47.01 -13.77
N ASP C 154 17.11 47.36 -15.02
CA ASP C 154 17.53 48.65 -15.55
C ASP C 154 16.58 49.74 -15.05
N GLN C 155 17.08 50.56 -14.13
CA GLN C 155 16.46 51.84 -13.84
C GLN C 155 17.26 52.99 -14.47
N ASP C 156 18.42 52.67 -15.07
CA ASP C 156 19.19 53.67 -15.81
C ASP C 156 18.44 54.15 -17.05
N GLY C 157 17.75 53.25 -17.73
CA GLY C 157 17.10 53.55 -18.98
C GLY C 157 17.91 53.21 -20.21
N ASP C 158 19.20 52.92 -20.06
CA ASP C 158 20.05 52.46 -21.15
C ASP C 158 20.14 50.94 -21.19
N SER C 159 19.24 50.26 -20.50
CA SER C 159 19.23 48.81 -20.32
C SER C 159 20.39 48.31 -19.48
N ALA C 160 21.29 49.20 -19.02
CA ALA C 160 22.45 48.75 -18.27
C ALA C 160 22.14 48.83 -16.80
N ALA C 161 21.98 50.02 -16.22
CA ALA C 161 21.90 50.22 -14.77
C ALA C 161 22.84 49.24 -14.05
N SER C 162 24.10 49.28 -14.46
CA SER C 162 24.92 48.09 -14.33
C SER C 162 25.28 47.75 -12.90
N PHE C 163 26.10 48.57 -12.23
CA PHE C 163 26.57 48.16 -10.91
C PHE C 163 25.69 48.71 -9.80
N THR C 164 25.41 50.01 -9.84
CA THR C 164 24.68 50.64 -8.74
C THR C 164 23.34 49.97 -8.52
N GLU C 165 22.68 49.55 -9.60
CA GLU C 165 21.42 48.82 -9.48
C GLU C 165 21.62 47.34 -9.23
N PHE C 166 22.73 46.77 -9.69
CA PHE C 166 23.07 45.39 -9.34
C PHE C 166 23.00 45.20 -7.82
N VAL C 167 23.61 46.12 -7.09
CA VAL C 167 23.60 46.06 -5.63
C VAL C 167 22.17 46.14 -5.10
N LYS C 168 21.34 46.98 -5.72
CA LYS C 168 20.00 47.18 -5.17
C LYS C 168 19.13 45.94 -5.35
N VAL C 169 19.21 45.28 -6.52
CA VAL C 169 18.38 44.09 -6.70
C VAL C 169 18.99 42.87 -6.01
N LEU C 170 20.28 42.90 -5.72
CA LEU C 170 20.86 41.81 -4.94
C LEU C 170 20.81 42.06 -3.44
N GLU C 171 20.45 43.26 -2.99
CA GLU C 171 20.38 43.52 -1.56
C GLU C 171 19.36 42.62 -0.89
N LYS C 172 18.26 42.36 -1.60
CA LYS C 172 17.27 41.40 -1.15
C LYS C 172 17.86 39.99 -1.00
N VAL C 173 19.01 39.74 -1.64
CA VAL C 173 19.66 38.45 -1.58
C VAL C 173 20.89 38.59 -0.68
N ASP C 174 20.83 37.97 0.50
CA ASP C 174 21.98 38.02 1.40
C ASP C 174 23.18 37.35 0.74
N VAL C 175 24.24 38.14 0.51
CA VAL C 175 25.46 37.62 -0.08
C VAL C 175 26.47 37.22 0.98
N GLU C 176 26.30 37.67 2.22
CA GLU C 176 27.20 37.29 3.29
C GLU C 176 27.18 35.78 3.51
N GLN C 177 26.01 35.16 3.40
CA GLN C 177 25.90 33.71 3.45
C GLN C 177 26.18 33.07 2.11
N LYS C 178 25.73 33.71 1.02
CA LYS C 178 25.61 33.02 -0.25
C LYS C 178 26.95 32.81 -0.93
N MET C 179 27.90 33.73 -0.76
CA MET C 179 29.03 33.79 -1.66
C MET C 179 30.37 33.56 -0.97
N SER C 180 30.37 33.05 0.25
CA SER C 180 31.57 33.02 1.08
C SER C 180 31.93 31.60 1.48
N ILE C 181 33.21 31.36 1.73
CA ILE C 181 33.76 30.02 1.94
C ILE C 181 34.58 30.01 3.22
N ARG C 182 34.29 29.05 4.09
CA ARG C 182 35.13 28.85 5.28
C ARG C 182 36.25 27.87 4.96
N PHE C 183 37.50 28.32 5.09
CA PHE C 183 38.65 27.54 4.67
C PHE C 183 39.22 26.84 5.88
N LEU C 184 39.08 25.51 5.93
CA LEU C 184 39.43 24.77 7.14
C LEU C 184 40.92 24.83 7.41
N HIS C 185 41.27 24.98 8.68
CA HIS C 185 42.65 25.19 9.10
C HIS C 185 43.52 23.97 8.82
N ASP D 1 -60.46 -23.98 -16.32
CA ASP D 1 -59.42 -23.57 -17.24
C ASP D 1 -60.01 -22.86 -18.46
N GLU D 2 -59.44 -21.71 -18.80
CA GLU D 2 -59.96 -20.88 -19.87
C GLU D 2 -59.44 -21.39 -21.21
N GLU D 3 -59.70 -20.63 -22.27
CA GLU D 3 -59.19 -20.95 -23.60
C GLU D 3 -57.72 -20.56 -23.66
N LEU D 4 -56.83 -21.54 -23.78
CA LEU D 4 -55.40 -21.27 -23.74
C LEU D 4 -54.66 -22.02 -24.84
N GLU D 5 -55.26 -23.10 -25.35
CA GLU D 5 -54.54 -23.99 -26.25
C GLU D 5 -54.22 -23.32 -27.57
N GLU D 6 -55.20 -22.56 -28.08
CA GLU D 6 -55.06 -21.93 -29.41
C GLU D 6 -53.93 -20.91 -29.36
N ILE D 7 -53.76 -20.21 -28.24
CA ILE D 7 -52.59 -19.29 -28.10
C ILE D 7 -51.38 -20.19 -27.86
N LYS D 8 -51.55 -21.29 -27.13
CA LYS D 8 -50.43 -22.25 -26.94
C LYS D 8 -50.07 -22.87 -28.29
N LYS D 9 -50.87 -22.64 -29.32
CA LYS D 9 -50.45 -23.16 -30.65
C LYS D 9 -49.92 -21.98 -31.46
N GLU D 10 -50.63 -20.85 -31.39
CA GLU D 10 -50.26 -19.62 -32.11
C GLU D 10 -48.92 -19.15 -31.57
N THR D 11 -48.87 -18.95 -30.25
CA THR D 11 -47.59 -18.45 -29.77
C THR D 11 -46.55 -19.57 -29.71
N GLY D 12 -46.87 -20.63 -28.99
CA GLY D 12 -45.92 -21.70 -28.75
C GLY D 12 -45.36 -21.73 -27.34
N PHE D 13 -46.02 -21.06 -26.39
CA PHE D 13 -45.58 -21.09 -25.01
C PHE D 13 -46.03 -22.42 -24.42
N SER D 14 -45.69 -22.62 -23.16
CA SER D 14 -46.32 -23.67 -22.37
C SER D 14 -47.54 -23.11 -21.66
N HIS D 15 -48.18 -23.96 -20.84
CA HIS D 15 -49.36 -23.51 -20.12
C HIS D 15 -48.99 -22.61 -18.95
N SER D 16 -47.94 -22.95 -18.21
CA SER D 16 -47.61 -22.17 -17.03
C SER D 16 -47.11 -20.78 -17.42
N GLN D 17 -46.33 -20.69 -18.50
CA GLN D 17 -45.89 -19.38 -18.97
C GLN D 17 -47.07 -18.49 -19.29
N ILE D 18 -48.06 -19.03 -20.00
CA ILE D 18 -49.24 -18.25 -20.34
C ILE D 18 -49.99 -17.86 -19.08
N THR D 19 -50.09 -18.77 -18.10
CA THR D 19 -50.81 -18.44 -16.88
C THR D 19 -50.13 -17.30 -16.13
N ARG D 20 -48.80 -17.35 -16.03
CA ARG D 20 -48.07 -16.28 -15.33
C ARG D 20 -48.19 -14.96 -16.08
N LEU D 21 -48.10 -15.00 -17.41
CA LEU D 21 -48.26 -13.77 -18.18
C LEU D 21 -49.65 -13.20 -18.00
N TYR D 22 -50.68 -14.04 -18.00
CA TYR D 22 -52.03 -13.55 -17.78
C TYR D 22 -52.19 -13.00 -16.38
N SER D 23 -51.47 -13.55 -15.41
CA SER D 23 -51.48 -12.98 -14.07
C SER D 23 -50.93 -11.56 -14.08
N ARG D 24 -49.78 -11.36 -14.72
CA ARG D 24 -49.22 -10.02 -14.84
C ARG D 24 -50.16 -9.11 -15.62
N PHE D 25 -50.86 -9.68 -16.61
CA PHE D 25 -51.83 -8.95 -17.40
C PHE D 25 -52.94 -8.40 -16.52
N THR D 26 -53.53 -9.26 -15.69
CA THR D 26 -54.59 -8.83 -14.78
C THR D 26 -54.07 -7.79 -13.80
N SER D 27 -52.83 -7.96 -13.32
CA SER D 27 -52.27 -6.96 -12.41
C SER D 27 -52.12 -5.62 -13.10
N LEU D 28 -51.67 -5.61 -14.36
CA LEU D 28 -51.49 -4.38 -15.10
C LEU D 28 -52.77 -3.91 -15.79
N ASP D 29 -53.85 -4.67 -15.68
CA ASP D 29 -55.12 -4.26 -16.28
C ASP D 29 -55.62 -2.96 -15.66
N LYS D 30 -55.44 -2.87 -14.34
CA LYS D 30 -55.92 -1.67 -13.62
C LYS D 30 -57.30 -1.34 -14.20
N GLY D 31 -58.10 -2.36 -14.43
CA GLY D 31 -59.44 -2.17 -15.03
C GLY D 31 -59.63 -3.09 -16.22
N GLU D 32 -60.73 -3.84 -16.24
CA GLU D 32 -60.97 -4.80 -17.34
C GLU D 32 -61.17 -4.04 -18.65
N ASN D 33 -61.88 -2.92 -18.61
CA ASN D 33 -62.23 -2.23 -19.89
C ASN D 33 -60.97 -1.78 -20.63
N GLY D 34 -59.98 -1.21 -19.95
CA GLY D 34 -58.73 -0.90 -20.66
C GLY D 34 -57.88 -2.15 -20.67
N THR D 35 -58.37 -3.23 -21.31
CA THR D 35 -57.63 -4.53 -21.30
C THR D 35 -56.15 -4.19 -21.40
N LEU D 36 -55.78 -3.38 -22.38
CA LEU D 36 -54.39 -2.91 -22.52
C LEU D 36 -54.42 -1.76 -23.52
N SER D 37 -53.90 -0.60 -23.15
CA SER D 37 -53.87 0.57 -24.01
C SER D 37 -52.51 1.22 -23.91
N ARG D 38 -52.38 2.38 -24.55
CA ARG D 38 -51.11 3.10 -24.53
C ARG D 38 -50.78 3.64 -23.15
N GLU D 39 -51.74 4.31 -22.49
CA GLU D 39 -51.49 4.84 -21.16
C GLU D 39 -51.22 3.72 -20.16
N ASP D 40 -51.92 2.59 -20.34
CA ASP D 40 -51.74 1.45 -19.47
C ASP D 40 -50.28 0.99 -19.47
N PHE D 41 -49.65 1.01 -20.63
CA PHE D 41 -48.23 0.72 -20.74
C PHE D 41 -47.37 1.86 -20.23
N GLN D 42 -47.78 3.10 -20.49
CA GLN D 42 -46.96 4.24 -20.09
C GLN D 42 -46.77 4.30 -18.58
N ARG D 43 -47.79 3.95 -17.82
CA ARG D 43 -47.66 4.04 -16.36
C ARG D 43 -46.93 2.83 -15.74
N ILE D 44 -46.32 1.97 -16.53
CA ILE D 44 -45.36 1.02 -15.98
C ILE D 44 -44.15 1.82 -15.49
N PRO D 45 -43.66 1.58 -14.28
CA PRO D 45 -42.70 2.52 -13.69
C PRO D 45 -41.42 2.73 -14.49
N GLU D 46 -40.88 1.70 -15.12
CA GLU D 46 -39.49 1.75 -15.56
C GLU D 46 -39.29 1.89 -17.06
N LEU D 47 -40.15 1.32 -17.91
CA LEU D 47 -39.88 1.37 -19.34
C LEU D 47 -39.92 2.79 -19.87
N ALA D 48 -40.78 3.64 -19.28
CA ALA D 48 -40.84 5.02 -19.73
C ALA D 48 -39.51 5.72 -19.59
N ILE D 49 -38.71 5.30 -18.59
CA ILE D 49 -37.36 5.80 -18.47
C ILE D 49 -36.51 5.34 -19.63
N ASN D 50 -36.75 4.13 -20.11
CA ASN D 50 -35.94 3.59 -21.20
C ASN D 50 -36.08 4.48 -22.42
N PRO D 51 -34.98 4.75 -23.13
CA PRO D 51 -35.07 5.62 -24.31
C PRO D 51 -36.05 5.11 -25.36
N LEU D 52 -36.11 3.79 -25.56
CA LEU D 52 -36.99 3.21 -26.55
C LEU D 52 -38.40 3.01 -26.02
N GLY D 53 -38.64 3.41 -24.77
CA GLY D 53 -39.90 3.07 -24.12
C GLY D 53 -41.17 3.31 -24.91
N ASP D 54 -41.27 4.46 -25.57
CA ASP D 54 -42.51 4.81 -26.25
C ASP D 54 -42.63 3.91 -27.47
N ARG D 55 -41.52 3.72 -28.19
CA ARG D 55 -41.55 2.83 -29.37
C ARG D 55 -42.06 1.46 -28.93
N ILE D 56 -41.64 0.94 -27.79
CA ILE D 56 -42.04 -0.44 -27.37
C ILE D 56 -43.54 -0.49 -27.13
N ILE D 57 -44.11 0.57 -26.55
CA ILE D 57 -45.57 0.61 -26.27
C ILE D 57 -46.32 0.53 -27.59
N ASN D 58 -45.85 1.21 -28.63
CA ASN D 58 -46.56 1.23 -29.94
C ASN D 58 -46.12 0.07 -30.83
N ALA D 59 -45.13 -0.72 -30.41
CA ALA D 59 -44.59 -1.81 -31.23
C ALA D 59 -45.45 -3.04 -31.05
N PHE D 60 -46.03 -3.18 -29.89
CA PHE D 60 -46.94 -4.31 -29.77
C PHE D 60 -48.16 -4.12 -30.67
N PHE D 61 -48.70 -2.91 -30.66
CA PHE D 61 -49.99 -2.64 -31.28
C PHE D 61 -49.97 -3.02 -32.76
N PRO D 62 -50.89 -3.85 -33.22
CA PRO D 62 -50.90 -4.22 -34.64
C PRO D 62 -51.09 -3.01 -35.53
N GLU D 63 -52.23 -2.34 -35.36
CA GLU D 63 -52.57 -1.17 -36.17
C GLU D 63 -52.93 -0.01 -35.23
N GLY D 64 -53.48 1.06 -35.81
CA GLY D 64 -53.73 2.29 -35.07
C GLY D 64 -54.63 2.16 -33.86
N GLU D 65 -55.23 0.98 -33.64
CA GLU D 65 -56.10 0.80 -32.49
C GLU D 65 -55.33 1.05 -31.21
N ASP D 66 -56.03 1.61 -30.21
CA ASP D 66 -55.42 1.92 -28.93
C ASP D 66 -55.74 0.90 -27.85
N GLN D 67 -56.23 -0.29 -28.21
CA GLN D 67 -56.48 -1.35 -27.25
C GLN D 67 -55.70 -2.60 -27.65
N VAL D 68 -55.15 -3.28 -26.65
CA VAL D 68 -54.53 -4.59 -26.83
C VAL D 68 -55.32 -5.60 -26.01
N ASN D 69 -55.72 -6.69 -26.65
CA ASN D 69 -56.28 -7.81 -25.92
C ASN D 69 -55.17 -8.75 -25.46
N PHE D 70 -55.53 -9.67 -24.57
CA PHE D 70 -54.52 -10.57 -24.03
C PHE D 70 -53.87 -11.39 -25.13
N ARG D 71 -54.66 -11.90 -26.07
CA ARG D 71 -54.11 -12.74 -27.12
C ARG D 71 -53.14 -11.97 -27.99
N GLY D 72 -53.44 -10.71 -28.30
CA GLY D 72 -52.53 -9.90 -29.09
C GLY D 72 -51.22 -9.63 -28.35
N PHE D 73 -51.33 -9.37 -27.05
CA PHE D 73 -50.14 -9.27 -26.22
C PHE D 73 -49.31 -10.54 -26.35
N MET D 74 -49.95 -11.70 -26.32
CA MET D 74 -49.22 -12.95 -26.47
C MET D 74 -48.55 -13.03 -27.85
N ARG D 75 -49.28 -12.66 -28.90
CA ARG D 75 -48.72 -12.76 -30.25
C ARG D 75 -47.49 -11.88 -30.39
N THR D 76 -47.56 -10.66 -29.88
CA THR D 76 -46.44 -9.74 -30.03
C THR D 76 -45.29 -10.14 -29.11
N LEU D 77 -45.61 -10.68 -27.94
CA LEU D 77 -44.58 -11.02 -26.97
C LEU D 77 -43.86 -12.31 -27.33
N ALA D 78 -44.54 -13.20 -28.04
CA ALA D 78 -43.92 -14.46 -28.38
C ALA D 78 -42.63 -14.27 -29.17
N HIS D 79 -42.51 -13.16 -29.91
CA HIS D 79 -41.34 -12.93 -30.74
C HIS D 79 -40.08 -13.21 -29.95
N PHE D 80 -40.05 -12.94 -28.66
CA PHE D 80 -38.90 -13.21 -27.84
C PHE D 80 -38.70 -14.62 -27.31
N ARG D 81 -39.68 -15.51 -27.49
CA ARG D 81 -39.59 -16.84 -26.91
C ARG D 81 -38.32 -17.53 -27.42
N PRO D 82 -37.49 -18.07 -26.53
CA PRO D 82 -36.19 -18.57 -26.95
C PRO D 82 -36.33 -19.66 -28.00
N ILE D 83 -35.44 -19.63 -28.99
CA ILE D 83 -35.47 -20.62 -30.05
C ILE D 83 -35.08 -21.98 -29.49
N GLU D 84 -35.92 -22.98 -29.67
CA GLU D 84 -35.53 -24.27 -29.06
C GLU D 84 -35.12 -25.20 -30.19
N ASP D 85 -33.86 -25.63 -30.17
CA ASP D 85 -33.19 -26.39 -31.27
C ASP D 85 -33.97 -27.62 -31.77
N ASN D 86 -34.13 -28.64 -30.93
CA ASN D 86 -34.83 -29.86 -31.35
C ASN D 86 -36.25 -29.46 -31.75
N GLU D 87 -36.86 -28.52 -31.01
CA GLU D 87 -38.27 -28.14 -31.27
C GLU D 87 -38.44 -27.19 -32.47
N LYS D 88 -37.34 -26.71 -33.05
CA LYS D 88 -37.40 -25.86 -34.28
C LYS D 88 -36.95 -26.70 -35.49
N SER D 89 -36.36 -27.81 -35.05
CA SER D 89 -35.61 -28.88 -35.73
C SER D 89 -36.48 -30.12 -35.94
N LYS D 90 -37.44 -30.44 -35.08
CA LYS D 90 -38.30 -31.66 -35.15
C LYS D 90 -39.07 -31.76 -36.48
N ASP D 91 -40.03 -30.86 -36.71
CA ASP D 91 -40.80 -30.89 -37.97
C ASP D 91 -40.54 -29.61 -38.76
N VAL D 92 -40.12 -29.74 -40.03
CA VAL D 92 -39.86 -28.54 -40.88
C VAL D 92 -40.80 -28.57 -42.10
N ASN D 93 -41.66 -27.55 -42.20
CA ASN D 93 -42.61 -27.41 -43.34
C ASN D 93 -42.73 -25.94 -43.75
N GLY D 94 -43.19 -25.12 -42.80
CA GLY D 94 -43.37 -23.66 -42.98
C GLY D 94 -42.98 -22.96 -41.69
N PRO D 95 -42.61 -21.66 -41.70
CA PRO D 95 -42.21 -20.97 -40.46
C PRO D 95 -43.44 -20.49 -39.68
N GLU D 96 -44.20 -21.41 -39.11
CA GLU D 96 -45.40 -21.09 -38.30
C GLU D 96 -44.99 -20.30 -37.06
N PRO D 97 -43.91 -20.68 -36.34
CA PRO D 97 -43.46 -19.94 -35.16
C PRO D 97 -43.02 -18.53 -35.55
N LEU D 98 -43.35 -17.54 -34.71
CA LEU D 98 -42.97 -16.12 -35.00
C LEU D 98 -41.66 -15.80 -34.27
N ASN D 99 -41.15 -16.75 -33.48
CA ASN D 99 -39.89 -16.51 -32.72
C ASN D 99 -38.64 -16.83 -33.56
N SER D 100 -38.84 -17.14 -34.85
CA SER D 100 -37.72 -17.48 -35.76
C SER D 100 -36.59 -16.44 -35.86
N ARG D 101 -35.44 -16.84 -36.42
CA ARG D 101 -34.28 -15.93 -36.58
C ARG D 101 -34.68 -14.75 -37.47
N SER D 102 -35.69 -14.93 -38.32
CA SER D 102 -36.14 -13.87 -39.20
C SER D 102 -37.09 -12.94 -38.47
N ASN D 103 -38.10 -13.49 -37.80
CA ASN D 103 -39.08 -12.67 -37.12
C ASN D 103 -38.49 -11.90 -35.96
N LYS D 104 -37.46 -12.45 -35.31
CA LYS D 104 -36.80 -11.70 -34.24
C LYS D 104 -36.11 -10.46 -34.77
N LEU D 105 -35.49 -10.53 -35.93
CA LEU D 105 -34.86 -9.28 -36.38
C LEU D 105 -35.90 -8.42 -37.09
N HIS D 106 -37.02 -8.99 -37.53
CA HIS D 106 -38.09 -8.15 -38.12
C HIS D 106 -38.73 -7.29 -37.05
N PHE D 107 -38.86 -7.80 -35.85
CA PHE D 107 -39.38 -6.90 -34.81
C PHE D 107 -38.39 -5.76 -34.73
N ALA D 108 -37.09 -6.01 -34.81
CA ALA D 108 -36.14 -4.87 -34.68
C ALA D 108 -36.40 -3.91 -35.81
N PHE D 109 -36.52 -4.42 -37.01
CA PHE D 109 -36.69 -3.43 -38.09
C PHE D 109 -37.98 -2.65 -37.88
N ARG D 110 -39.06 -3.27 -37.42
CA ARG D 110 -40.36 -2.57 -37.29
C ARG D 110 -40.21 -1.54 -36.19
N LEU D 111 -39.43 -1.84 -35.18
CA LEU D 111 -39.15 -0.78 -34.17
C LEU D 111 -38.31 0.37 -34.75
N TYR D 112 -37.29 0.11 -35.60
CA TYR D 112 -36.54 1.22 -36.24
C TYR D 112 -37.43 1.98 -37.21
N ASP D 113 -38.03 1.28 -38.18
CA ASP D 113 -38.79 1.94 -39.24
C ASP D 113 -39.81 2.91 -38.66
N LEU D 114 -39.85 4.12 -39.21
CA LEU D 114 -40.82 5.11 -38.75
C LEU D 114 -42.23 4.61 -38.95
N ASP D 115 -42.59 4.27 -40.18
CA ASP D 115 -43.81 3.55 -40.48
C ASP D 115 -43.41 2.20 -41.04
N LYS D 116 -44.42 1.38 -41.33
CA LYS D 116 -44.16 0.04 -41.85
C LYS D 116 -43.90 0.09 -43.36
N ASP D 117 -42.96 0.97 -43.74
CA ASP D 117 -42.52 1.11 -45.11
C ASP D 117 -41.15 0.53 -45.34
N GLU D 118 -40.58 -0.13 -44.33
CA GLU D 118 -39.32 -0.86 -44.45
C GLU D 118 -38.16 0.09 -44.74
N LYS D 119 -38.32 1.34 -44.35
CA LYS D 119 -37.33 2.37 -44.66
C LYS D 119 -36.58 2.78 -43.39
N ILE D 120 -35.50 2.07 -43.11
CA ILE D 120 -34.43 2.63 -42.30
C ILE D 120 -33.74 3.69 -43.15
N SER D 121 -33.56 4.87 -42.58
CA SER D 121 -32.96 5.98 -43.29
C SER D 121 -32.19 6.84 -42.30
N ARG D 122 -31.37 7.76 -42.84
CA ARG D 122 -30.56 8.60 -41.96
C ARG D 122 -31.44 9.34 -40.96
N ASP D 123 -32.68 9.64 -41.31
CA ASP D 123 -33.60 10.20 -40.33
C ASP D 123 -33.92 9.18 -39.25
N GLU D 124 -34.18 7.94 -39.66
CA GLU D 124 -34.52 6.88 -38.70
C GLU D 124 -33.36 6.60 -37.76
N LEU D 125 -32.18 6.35 -38.32
CA LEU D 125 -31.02 6.07 -37.49
C LEU D 125 -30.70 7.25 -36.58
N LEU D 126 -30.77 8.47 -37.11
CA LEU D 126 -30.45 9.63 -36.30
C LEU D 126 -31.44 9.78 -35.16
N GLN D 127 -32.73 9.58 -35.42
CA GLN D 127 -33.73 9.68 -34.37
C GLN D 127 -33.49 8.65 -33.26
N VAL D 128 -33.28 7.39 -33.65
CA VAL D 128 -33.12 6.36 -32.63
C VAL D 128 -31.81 6.56 -31.87
N LEU D 129 -30.75 6.99 -32.57
CA LEU D 129 -29.50 7.25 -31.89
C LEU D 129 -29.63 8.40 -30.91
N ARG D 130 -30.35 9.46 -31.29
CA ARG D 130 -30.56 10.57 -30.37
C ARG D 130 -31.42 10.14 -29.20
N MET D 131 -32.27 9.13 -29.39
CA MET D 131 -33.01 8.60 -28.25
C MET D 131 -32.09 7.82 -27.31
N MET D 132 -31.27 6.91 -27.85
CA MET D 132 -30.44 6.05 -27.01
C MET D 132 -29.37 6.86 -26.29
N VAL D 133 -28.69 7.74 -27.03
CA VAL D 133 -27.73 8.67 -26.45
C VAL D 133 -28.52 9.79 -25.80
N GLY D 134 -27.87 10.57 -24.94
CA GLY D 134 -28.51 11.73 -24.36
C GLY D 134 -28.67 12.84 -25.36
N VAL D 135 -29.28 13.94 -24.90
CA VAL D 135 -29.48 15.08 -25.78
C VAL D 135 -28.22 15.93 -25.87
N ASN D 136 -27.25 15.70 -24.99
CA ASN D 136 -26.10 16.59 -24.90
C ASN D 136 -25.15 16.41 -26.08
N ILE D 137 -24.97 15.17 -26.54
CA ILE D 137 -23.93 14.89 -27.53
C ILE D 137 -24.23 15.59 -28.85
N SER D 138 -23.17 15.96 -29.56
CA SER D 138 -23.27 16.78 -30.75
C SER D 138 -24.05 16.10 -31.86
N ASP D 139 -24.85 16.88 -32.58
CA ASP D 139 -25.56 16.35 -33.73
C ASP D 139 -24.58 15.99 -34.85
N GLU D 140 -23.46 16.70 -34.93
CA GLU D 140 -22.42 16.33 -35.88
C GLU D 140 -21.81 14.99 -35.52
N GLN D 141 -21.61 14.73 -34.23
CA GLN D 141 -21.14 13.42 -33.80
C GLN D 141 -22.11 12.33 -34.18
N LEU D 142 -23.39 12.52 -33.84
CA LEU D 142 -24.43 11.58 -34.24
C LEU D 142 -24.51 11.48 -35.77
N GLY D 143 -24.33 12.60 -36.46
CA GLY D 143 -24.31 12.54 -37.91
C GLY D 143 -23.22 11.64 -38.43
N SER D 144 -22.01 11.78 -37.87
CA SER D 144 -20.90 10.94 -38.29
C SER D 144 -21.21 9.47 -38.05
N ILE D 145 -21.66 9.14 -36.83
CA ILE D 145 -21.93 7.74 -36.51
C ILE D 145 -23.01 7.18 -37.42
N ALA D 146 -24.13 7.88 -37.53
CA ALA D 146 -25.28 7.38 -38.28
C ALA D 146 -24.94 7.21 -39.74
N ASP D 147 -24.25 8.19 -40.33
CA ASP D 147 -23.97 8.10 -41.75
C ASP D 147 -22.88 7.09 -42.04
N ARG D 148 -21.94 6.89 -41.10
CA ARG D 148 -20.96 5.84 -41.28
C ARG D 148 -21.62 4.46 -41.24
N THR D 149 -22.56 4.26 -40.31
CA THR D 149 -23.31 3.01 -40.27
C THR D 149 -24.13 2.81 -41.52
N ILE D 150 -24.77 3.88 -42.01
CA ILE D 150 -25.50 3.80 -43.27
C ILE D 150 -24.57 3.35 -44.39
N GLN D 151 -23.40 3.99 -44.49
CA GLN D 151 -22.48 3.69 -45.58
C GLN D 151 -22.04 2.24 -45.56
N GLU D 152 -21.59 1.75 -44.40
CA GLU D 152 -21.12 0.37 -44.36
C GLU D 152 -22.28 -0.61 -44.55
N ALA D 153 -23.46 -0.28 -44.00
CA ALA D 153 -24.59 -1.19 -44.11
C ALA D 153 -25.15 -1.23 -45.52
N ASP D 154 -25.15 -0.09 -46.20
CA ASP D 154 -25.81 0.02 -47.50
C ASP D 154 -24.93 -0.62 -48.57
N GLN D 155 -25.36 -1.78 -49.06
CA GLN D 155 -24.88 -2.31 -50.32
C GLN D 155 -25.90 -2.10 -51.44
N ASP D 156 -27.09 -1.60 -51.09
CA ASP D 156 -28.09 -1.25 -52.10
C ASP D 156 -27.63 -0.10 -52.97
N GLY D 157 -26.94 0.87 -52.38
CA GLY D 157 -26.56 2.07 -53.09
C GLY D 157 -27.52 3.24 -52.92
N ASP D 158 -28.72 2.99 -52.40
CA ASP D 158 -29.67 4.05 -52.08
C ASP D 158 -29.59 4.48 -50.62
N SER D 159 -28.50 4.11 -49.95
CA SER D 159 -28.29 4.32 -48.52
C SER D 159 -29.23 3.50 -47.65
N ALA D 160 -30.13 2.70 -48.24
CA ALA D 160 -31.08 1.95 -47.45
C ALA D 160 -30.56 0.56 -47.22
N ALA D 161 -30.45 -0.29 -48.25
CA ALA D 161 -30.14 -1.71 -48.11
C ALA D 161 -30.82 -2.27 -46.85
N SER D 162 -32.13 -2.05 -46.79
CA SER D 162 -32.77 -1.96 -45.48
C SER D 162 -32.84 -3.30 -44.76
N PHE D 163 -33.63 -4.25 -45.25
CA PHE D 163 -33.82 -5.47 -44.47
C PHE D 163 -32.84 -6.56 -44.87
N THR D 164 -32.73 -6.83 -46.17
CA THR D 164 -31.92 -7.94 -46.63
C THR D 164 -30.48 -7.80 -46.15
N GLU D 165 -29.96 -6.58 -46.11
CA GLU D 165 -28.62 -6.35 -45.58
C GLU D 165 -28.59 -6.23 -44.07
N PHE D 166 -29.69 -5.78 -43.45
CA PHE D 166 -29.79 -5.80 -42.00
C PHE D 166 -29.45 -7.18 -41.47
N VAL D 167 -30.03 -8.21 -42.07
CA VAL D 167 -29.77 -9.59 -41.66
C VAL D 167 -28.30 -9.92 -41.85
N LYS D 168 -27.69 -9.44 -42.93
CA LYS D 168 -26.31 -9.84 -43.20
C LYS D 168 -25.34 -9.23 -42.22
N VAL D 169 -25.54 -7.96 -41.83
CA VAL D 169 -24.60 -7.37 -40.88
C VAL D 169 -24.93 -7.79 -39.45
N LEU D 170 -26.16 -8.24 -39.19
CA LEU D 170 -26.46 -8.78 -37.87
C LEU D 170 -26.19 -10.28 -37.75
N GLU D 171 -25.91 -10.97 -38.86
CA GLU D 171 -25.64 -12.40 -38.78
C GLU D 171 -24.41 -12.66 -37.92
N LYS D 172 -23.42 -11.78 -38.02
CA LYS D 172 -22.25 -11.83 -37.14
C LYS D 172 -22.65 -11.68 -35.68
N VAL D 173 -23.84 -11.15 -35.40
CA VAL D 173 -24.32 -10.95 -34.03
C VAL D 173 -25.38 -12.02 -33.76
N ASP D 174 -25.05 -12.97 -32.90
CA ASP D 174 -26.04 -13.99 -32.55
C ASP D 174 -27.24 -13.35 -31.87
N VAL D 175 -28.40 -13.47 -32.51
CA VAL D 175 -29.64 -12.93 -31.96
C VAL D 175 -30.41 -13.97 -31.16
N GLU D 176 -30.07 -15.25 -31.32
CA GLU D 176 -30.73 -16.30 -30.55
C GLU D 176 -30.50 -16.11 -29.05
N GLN D 177 -29.29 -15.69 -28.68
CA GLN D 177 -28.99 -15.34 -27.29
C GLN D 177 -29.41 -13.93 -26.96
N LYS D 178 -29.24 -13.00 -27.91
CA LYS D 178 -29.25 -11.58 -27.57
C LYS D 178 -30.65 -11.06 -27.32
N MET D 179 -31.66 -11.59 -28.01
CA MET D 179 -32.92 -10.88 -28.09
C MET D 179 -34.09 -11.66 -27.51
N SER D 180 -33.82 -12.70 -26.71
CA SER D 180 -34.85 -13.64 -26.29
C SER D 180 -34.96 -13.69 -24.78
N ILE D 181 -36.15 -14.04 -24.29
CA ILE D 181 -36.48 -13.96 -22.87
C ILE D 181 -37.07 -15.29 -22.41
N ARG D 182 -36.53 -15.85 -21.33
CA ARG D 182 -37.12 -17.03 -20.73
C ARG D 182 -38.16 -16.61 -19.69
N PHE D 183 -39.40 -17.02 -19.88
CA PHE D 183 -40.51 -16.57 -19.05
C PHE D 183 -40.79 -17.62 -17.99
N LEU D 184 -40.48 -17.30 -16.74
CA LEU D 184 -40.53 -18.31 -15.69
C LEU D 184 -41.95 -18.77 -15.43
N HIS D 185 -42.10 -20.07 -15.22
CA HIS D 185 -43.39 -20.72 -15.10
C HIS D 185 -44.15 -20.24 -13.86
#